data_5MJ6
#
_entry.id   5MJ6
#
_cell.length_a   112.240
_cell.length_b   143.170
_cell.length_c   148.990
_cell.angle_alpha   90.00
_cell.angle_beta   90.00
_cell.angle_gamma   90.00
#
_symmetry.space_group_name_H-M   'P 21 21 21'
#
loop_
_entity.id
_entity.type
_entity.pdbx_description
1 polymer 'Leucyl-cystinyl aminopeptidase'
2 branched alpha-D-mannopyranose-(1-3)-beta-D-mannopyranose-(1-4)-2-acetamido-2-deoxy-beta-D-glucopyranose-(1-4)-2-acetamido-2-deoxy-beta-D-glucopyranose
3 branched beta-D-mannopyranose-(1-4)-2-acetamido-2-deoxy-beta-D-glucopyranose-(1-4)-2-acetamido-2-deoxy-beta-D-glucopyranose
4 branched 2-acetamido-2-deoxy-beta-D-glucopyranose-(1-4)-2-acetamido-2-deoxy-beta-D-glucopyranose
5 branched alpha-D-mannopyranose-(1-3)-[alpha-D-mannopyranose-(1-6)]beta-D-mannopyranose-(1-4)-2-acetamido-2-deoxy-beta-D-glucopyranose-(1-4)-2-acetamido-2-deoxy-beta-D-glucopyranose
6 non-polymer 2-acetamido-2-deoxy-beta-D-glucopyranose
7 non-polymer 'ZINC ION'
8 non-polymer '[(2~{S})-2-[[(2~{S})-1-azanyl-1-oxidanylidene-3-phenyl-propan-2-yl]carbamoyl]-4,4-diphenyl-butyl]-[(1~{R})-1-azanyl-3-phenyl-propyl]phosphinic acid'
9 non-polymer 'BROMIDE ION'
10 water water
#
_entity_poly.entity_id   1
_entity_poly.type   'polypeptide(L)'
_entity_poly.pdbx_seq_one_letter_code
;ATNGKLFPWAQIRLPTAVVPLRYELSLHPNLTSMTFRGSVTISVQALQVTWNIILHSTGHNISRVTFMSAVSSQEKQAEI
LEYAYHGQIAIVAPEALLAGHNYTLKIEYSANISSSYYGFYGFSYTDESNEKKYFAATQFEPLAARSAFPCFDEPAFKAT
FIIKIIRDEQYTALSNMPKKSSVVLDDGLVQDEFSESVKMSTYLVAFIVGEMKNLSQDVNGTLVSIYAVPEKIGQVHYAL
ETTVKLLEFFQNYFEIQYPLKKLDLVAIPDFEAGAMENWGLLTFREETLLYDSNTSSMADRKLVTKIIAHELAHQWFGNL
VTMKWWNDLWLNEGFATFMEYFSLEKIFKELSSYEDFLDARFKTMKKDSLNSSHPISSSVQSSEQIEEMFDSLSYFKGSS
LLLMLKTYLSEDVFQHAVVLYLHNHSYASIQSDDLWDSFNEVTNQTLDVKRMMKTWTLQKGFPLVTVQKKGKELFIQQER
FFLNMKPEIQPSDTSYLWHIPLSYVTEGRNYSKYQSVSLLDKKSGVINLTEEVLWVKVNINMNGYYIVHYADDDWEALIH
QLKINPYVLSDKDRANLINNIFELAGLGKVPLKRAFDLINYLGNENHTAPITEALFQTDLIYNLLEKLGYMDLASRLVTR
VFKLLQNQIQQQTWTDEGTPSMRELRSALLEFACTHNLGNCSTTAMKLFDDWMASNGTQSLPTDVMTTVFKVGAKTDKGW
SFLLGKYISIGSEAEKNKILEALASSEDVRKLYWLMKSSLNGDNFRTQKLSFIIRTVGRHFPGHLLAWDFVKENWNKLVQ
KFPLGSYTIQNIVAGSTYLFSTKTHLSEVQAFFENQSEATFRLRCVQEALEVIQLNIQWMEKNLKSLTWWLRTETSQVAP
A
;
_entity_poly.pdbx_strand_id   A,B
#
# COMPACT_ATOMS: atom_id res chain seq x y z
N ASN A 3 27.23 22.82 13.43
CA ASN A 3 28.35 21.98 13.02
C ASN A 3 29.70 22.61 13.37
N GLY A 4 30.41 23.10 12.36
CA GLY A 4 31.76 23.60 12.56
C GLY A 4 31.93 25.10 12.54
N LYS A 5 31.68 25.76 13.67
CA LYS A 5 31.98 27.17 13.82
C LYS A 5 33.50 27.31 14.04
N LEU A 6 34.17 26.17 14.18
CA LEU A 6 35.62 26.18 14.27
C LEU A 6 36.28 25.80 12.92
N PHE A 7 35.49 25.87 11.85
CA PHE A 7 36.05 25.69 10.51
C PHE A 7 36.11 27.06 9.84
N PRO A 8 37.29 27.40 9.29
CA PRO A 8 37.57 28.80 8.86
C PRO A 8 36.84 29.30 7.62
N TRP A 9 35.71 28.71 7.31
CA TRP A 9 34.93 29.12 6.16
C TRP A 9 33.51 28.67 6.39
N ALA A 10 32.55 29.47 5.96
CA ALA A 10 31.16 29.15 6.26
C ALA A 10 30.30 28.93 5.01
N GLN A 11 30.54 29.71 3.97
CA GLN A 11 29.74 29.60 2.76
C GLN A 11 29.99 28.28 2.02
N ILE A 12 29.14 28.02 1.04
CA ILE A 12 29.22 26.85 0.20
C ILE A 12 30.08 27.12 -1.04
N ARG A 13 30.15 28.37 -1.47
CA ARG A 13 31.10 28.69 -2.53
C ARG A 13 32.46 28.88 -1.88
N LEU A 14 33.51 28.38 -2.54
CA LEU A 14 34.85 28.47 -2.02
C LEU A 14 35.29 29.93 -2.03
N PRO A 15 36.28 30.26 -1.20
CA PRO A 15 36.86 31.60 -1.30
C PRO A 15 37.45 31.84 -2.69
N THR A 16 37.66 33.09 -3.04
CA THR A 16 38.30 33.44 -4.30
C THR A 16 39.80 33.67 -4.12
N ALA A 17 40.25 33.63 -2.87
CA ALA A 17 41.58 34.07 -2.48
C ALA A 17 42.72 33.24 -3.07
N VAL A 18 42.45 31.98 -3.40
CA VAL A 18 43.46 31.06 -3.92
C VAL A 18 42.87 30.29 -5.08
N VAL A 19 43.58 30.25 -6.21
CA VAL A 19 43.08 29.47 -7.34
C VAL A 19 44.11 28.47 -7.82
N PRO A 20 43.65 27.29 -8.23
CA PRO A 20 44.50 26.23 -8.79
C PRO A 20 44.95 26.53 -10.22
N LEU A 21 46.19 26.22 -10.57
CA LEU A 21 46.66 26.35 -11.94
C LEU A 21 46.82 24.99 -12.58
N ARG A 22 47.43 24.06 -11.84
CA ARG A 22 47.74 22.73 -12.37
C ARG A 22 47.49 21.65 -11.33
N TYR A 23 46.90 20.52 -11.73
CA TYR A 23 46.91 19.32 -10.90
C TYR A 23 47.69 18.16 -11.53
N GLU A 24 48.53 17.51 -10.74
CA GLU A 24 49.14 16.25 -11.11
CA GLU A 24 49.11 16.23 -11.13
C GLU A 24 48.56 15.18 -10.19
N LEU A 25 47.73 14.30 -10.74
CA LEU A 25 47.01 13.31 -9.93
C LEU A 25 47.48 11.92 -10.27
N SER A 26 48.10 11.22 -9.33
CA SER A 26 48.45 9.81 -9.60
C SER A 26 47.69 8.85 -8.68
N LEU A 27 47.12 7.81 -9.28
CA LEU A 27 46.21 6.93 -8.58
C LEU A 27 46.62 5.47 -8.73
N HIS A 28 46.40 4.70 -7.66
CA HIS A 28 46.58 3.28 -7.73
C HIS A 28 45.30 2.57 -7.27
N PRO A 29 44.38 2.37 -8.23
CA PRO A 29 43.13 1.66 -7.99
C PRO A 29 43.36 0.15 -7.86
N ASN A 30 42.74 -0.46 -6.87
CA ASN A 30 42.65 -1.90 -6.91
C ASN A 30 41.22 -2.38 -7.04
N LEU A 31 40.87 -2.82 -8.23
CA LEU A 31 39.48 -3.10 -8.52
C LEU A 31 38.99 -4.28 -7.68
N THR A 32 39.89 -5.22 -7.44
CA THR A 32 39.58 -6.42 -6.65
C THR A 32 39.19 -6.07 -5.21
N SER A 33 40.09 -5.43 -4.50
CA SER A 33 39.82 -5.00 -3.13
C SER A 33 38.91 -3.77 -3.05
N MET A 34 38.62 -3.13 -4.19
CA MET A 34 37.76 -1.94 -4.25
C MET A 34 38.25 -0.73 -3.43
N THR A 35 39.57 -0.58 -3.37
CA THR A 35 40.21 0.54 -2.67
C THR A 35 41.17 1.27 -3.62
N PHE A 36 41.59 2.47 -3.26
CA PHE A 36 42.65 3.08 -4.03
C PHE A 36 43.44 4.04 -3.19
N ARG A 37 44.71 4.13 -3.55
CA ARG A 37 45.65 5.04 -2.91
CA ARG A 37 45.70 5.01 -2.92
C ARG A 37 45.99 6.14 -3.90
N GLY A 38 46.25 7.34 -3.39
CA GLY A 38 46.42 8.44 -4.29
C GLY A 38 47.36 9.52 -3.83
N SER A 39 47.83 10.30 -4.79
CA SER A 39 48.64 11.46 -4.52
C SER A 39 48.19 12.61 -5.43
N VAL A 40 47.83 13.75 -4.85
CA VAL A 40 47.48 14.86 -5.69
C VAL A 40 48.38 16.04 -5.41
N THR A 41 48.99 16.56 -6.47
CA THR A 41 49.83 17.74 -6.39
C THR A 41 49.13 18.91 -7.07
N ILE A 42 48.89 19.98 -6.31
CA ILE A 42 48.12 21.11 -6.81
C ILE A 42 48.93 22.40 -6.85
N SER A 43 49.16 22.91 -8.05
CA SER A 43 49.82 24.22 -8.20
C SER A 43 48.82 25.33 -8.04
N VAL A 44 49.01 26.16 -7.01
CA VAL A 44 48.08 27.24 -6.78
C VAL A 44 48.73 28.61 -6.79
N GLN A 45 47.88 29.62 -6.86
CA GLN A 45 48.29 31.01 -6.75
C GLN A 45 47.38 31.73 -5.79
N ALA A 46 47.98 32.50 -4.87
CA ALA A 46 47.22 33.37 -3.97
C ALA A 46 46.91 34.70 -4.66
N LEU A 47 45.70 35.18 -4.48
CA LEU A 47 45.29 36.47 -5.04
C LEU A 47 45.12 37.50 -3.94
N GLN A 48 44.90 37.03 -2.72
CA GLN A 48 44.79 37.92 -1.57
C GLN A 48 45.70 37.34 -0.51
N VAL A 49 45.98 38.12 0.52
CA VAL A 49 46.73 37.61 1.64
C VAL A 49 45.83 36.65 2.42
N THR A 50 46.31 35.43 2.68
CA THR A 50 45.50 34.52 3.48
C THR A 50 46.32 33.42 4.18
N TRP A 51 45.75 32.92 5.28
CA TRP A 51 46.32 31.84 6.09
C TRP A 51 45.71 30.48 5.82
N ASN A 52 44.59 30.45 5.11
CA ASN A 52 43.86 29.23 4.85
C ASN A 52 43.70 28.94 3.37
N ILE A 53 43.99 27.70 2.98
CA ILE A 53 43.53 27.19 1.70
C ILE A 53 42.29 26.33 1.98
N ILE A 54 41.14 26.76 1.47
CA ILE A 54 39.90 26.00 1.58
C ILE A 54 39.65 25.25 0.29
N LEU A 55 39.21 24.01 0.39
CA LEU A 55 39.30 23.05 -0.69
C LEU A 55 38.19 22.01 -0.49
N HIS A 56 37.99 21.11 -1.44
CA HIS A 56 37.00 20.04 -1.23
C HIS A 56 37.65 18.67 -1.08
N SER A 57 37.12 17.87 -0.16
CA SER A 57 37.54 16.46 0.02
C SER A 57 36.53 15.67 0.86
N THR A 58 36.15 14.48 0.38
CA THR A 58 35.25 13.63 1.18
C THR A 58 35.68 12.18 1.04
N GLY A 59 35.59 11.44 2.15
CA GLY A 59 35.90 10.02 2.16
C GLY A 59 37.39 9.71 2.01
N HIS A 60 38.22 10.62 2.45
CA HIS A 60 39.65 10.43 2.22
C HIS A 60 40.37 10.24 3.52
N ASN A 61 41.09 9.14 3.60
CA ASN A 61 42.01 8.92 4.67
C ASN A 61 43.32 9.56 4.29
N ILE A 62 43.59 10.75 4.83
CA ILE A 62 44.73 11.57 4.42
C ILE A 62 45.94 11.29 5.27
N SER A 63 47.01 10.79 4.66
CA SER A 63 48.19 10.33 5.40
C SER A 63 49.29 11.38 5.49
N ARG A 64 49.50 12.17 4.44
CA ARG A 64 50.49 13.26 4.50
C ARG A 64 50.04 14.49 3.69
N VAL A 65 50.31 15.68 4.23
CA VAL A 65 50.02 16.94 3.56
C VAL A 65 51.23 17.86 3.59
N THR A 66 51.88 18.06 2.45
CA THR A 66 53.02 18.95 2.45
C THR A 66 52.73 20.27 1.74
N PHE A 67 53.44 21.30 2.15
CA PHE A 67 53.20 22.63 1.65
C PHE A 67 54.52 23.27 1.25
N MET A 68 54.61 23.70 0.00
CA MET A 68 55.84 24.29 -0.49
C MET A 68 55.62 25.68 -1.06
N SER A 69 56.18 26.69 -0.37
CA SER A 69 56.41 28.00 -0.99
C SER A 69 57.25 27.74 -2.24
N ALA A 70 56.78 28.20 -3.40
CA ALA A 70 57.51 27.98 -4.65
C ALA A 70 58.95 28.53 -4.63
N VAL A 71 59.12 29.72 -4.08
CA VAL A 71 60.46 30.32 -3.96
C VAL A 71 61.36 29.47 -3.07
N SER A 72 60.77 28.96 -1.99
CA SER A 72 61.49 28.46 -0.79
C SER A 72 61.94 27.01 -1.07
N SER A 73 61.20 26.28 -1.91
CA SER A 73 61.47 24.86 -2.23
C SER A 73 61.99 23.97 -1.11
N GLN A 74 61.33 24.05 0.05
CA GLN A 74 61.59 23.14 1.13
C GLN A 74 60.19 22.54 1.59
N GLU A 75 60.17 21.25 1.89
CA GLU A 75 58.91 20.51 1.98
C GLU A 75 58.33 20.50 3.42
N LYS A 76 57.54 21.53 3.76
CA LYS A 76 56.84 21.68 5.09
C LYS A 76 55.69 20.73 5.32
N GLN A 77 55.36 20.61 6.60
CA GLN A 77 54.13 19.98 6.99
C GLN A 77 53.11 21.06 7.29
N ALA A 78 51.85 20.79 6.95
CA ALA A 78 50.81 21.76 7.23
C ALA A 78 49.61 21.11 7.91
N GLU A 79 48.91 21.93 8.69
CA GLU A 79 47.72 21.52 9.44
C GLU A 79 46.48 21.29 8.59
N ILE A 80 45.64 20.32 8.95
CA ILE A 80 44.43 20.11 8.18
C ILE A 80 43.16 19.98 9.02
N LEU A 81 42.16 20.78 8.68
CA LEU A 81 40.84 20.73 9.30
C LEU A 81 39.78 20.22 8.32
N GLU A 82 38.69 19.69 8.84
CA GLU A 82 37.66 19.08 8.01
C GLU A 82 36.27 19.64 8.35
N TYR A 83 35.40 19.72 7.35
CA TYR A 83 34.01 20.11 7.55
C TYR A 83 33.15 19.30 6.57
N ALA A 84 32.70 18.15 7.04
CA ALA A 84 32.13 17.15 6.15
C ALA A 84 30.82 17.63 5.53
N TYR A 85 30.11 18.49 6.24
CA TYR A 85 28.78 18.93 5.80
C TYR A 85 28.86 19.65 4.45
N HIS A 86 29.90 20.43 4.26
CA HIS A 86 30.09 21.15 3.02
C HIS A 86 31.13 20.48 2.13
N GLY A 87 31.63 19.33 2.58
CA GLY A 87 32.56 18.55 1.78
C GLY A 87 33.90 19.27 1.67
N GLN A 88 34.14 20.17 2.62
CA GLN A 88 35.32 21.04 2.60
C GLN A 88 36.45 20.63 3.56
N ILE A 89 37.68 20.91 3.15
CA ILE A 89 38.84 20.80 4.05
C ILE A 89 39.64 22.09 4.03
N ALA A 90 40.41 22.31 5.07
CA ALA A 90 41.20 23.53 5.15
C ALA A 90 42.63 23.20 5.49
N ILE A 91 43.56 23.66 4.66
CA ILE A 91 44.97 23.61 4.99
C ILE A 91 45.36 24.94 5.60
N VAL A 92 45.75 24.91 6.87
CA VAL A 92 46.26 26.11 7.54
C VAL A 92 47.76 26.19 7.32
N ALA A 93 48.20 27.33 6.79
CA ALA A 93 49.58 27.48 6.33
C ALA A 93 50.49 27.99 7.45
N PRO A 94 51.74 27.51 7.46
CA PRO A 94 52.78 27.91 8.41
C PRO A 94 53.06 29.42 8.33
N GLU A 95 53.26 29.96 7.13
CA GLU A 95 53.33 31.41 6.93
C GLU A 95 52.15 31.85 6.06
N ALA A 96 51.82 33.14 6.09
CA ALA A 96 50.73 33.65 5.26
C ALA A 96 51.07 33.52 3.78
N LEU A 97 50.06 33.15 3.00
CA LEU A 97 50.15 33.18 1.54
C LEU A 97 50.04 34.61 1.06
N LEU A 98 50.98 35.03 0.22
CA LEU A 98 50.98 36.40 -0.34
C LEU A 98 50.39 36.49 -1.77
N ALA A 99 49.66 37.58 -2.02
CA ALA A 99 49.08 37.81 -3.34
C ALA A 99 50.10 37.75 -4.48
N GLY A 100 49.82 36.92 -5.48
CA GLY A 100 50.68 36.78 -6.64
C GLY A 100 51.80 35.75 -6.52
N HIS A 101 51.93 35.13 -5.35
CA HIS A 101 52.92 34.06 -5.14
C HIS A 101 52.37 32.69 -5.51
N ASN A 102 53.26 31.80 -5.90
CA ASN A 102 52.90 30.44 -6.28
C ASN A 102 53.22 29.45 -5.17
N TYR A 103 52.34 28.48 -4.93
CA TYR A 103 52.62 27.48 -3.93
C TYR A 103 52.24 26.11 -4.43
N THR A 104 52.90 25.09 -3.91
CA THR A 104 52.56 23.73 -4.27
C THR A 104 52.03 22.97 -3.06
N LEU A 105 50.93 22.27 -3.26
CA LEU A 105 50.20 21.63 -2.19
C LEU A 105 50.17 20.17 -2.55
N LYS A 106 50.62 19.32 -1.63
CA LYS A 106 50.65 17.88 -1.92
C LYS A 106 49.93 17.08 -0.83
N ILE A 107 48.94 16.32 -1.25
CA ILE A 107 48.09 15.53 -0.37
C ILE A 107 48.14 14.06 -0.76
N GLU A 108 48.63 13.22 0.15
CA GLU A 108 48.62 11.76 -0.04
C GLU A 108 47.52 11.14 0.77
N TYR A 109 46.84 10.16 0.20
CA TYR A 109 45.64 9.69 0.84
C TYR A 109 45.21 8.36 0.29
N SER A 110 44.35 7.69 1.03
CA SER A 110 43.76 6.43 0.60
C SER A 110 42.24 6.57 0.63
N ALA A 111 41.54 5.78 -0.21
CA ALA A 111 40.07 5.81 -0.18
C ALA A 111 39.44 4.51 -0.66
N ASN A 112 38.12 4.43 -0.52
CA ASN A 112 37.32 3.38 -1.13
C ASN A 112 36.80 3.73 -2.52
N ILE A 113 36.83 2.75 -3.42
CA ILE A 113 36.19 2.89 -4.70
C ILE A 113 34.70 2.75 -4.48
N SER A 114 33.93 3.66 -5.04
CA SER A 114 32.54 3.77 -4.66
C SER A 114 31.74 2.57 -5.15
N SER A 115 30.74 2.16 -4.37
CA SER A 115 29.80 1.14 -4.85
C SER A 115 28.45 1.72 -5.33
N SER A 116 28.37 3.05 -5.47
CA SER A 116 27.24 3.66 -6.13
C SER A 116 27.56 3.91 -7.60
N TYR A 117 26.87 4.87 -8.19
CA TYR A 117 27.14 5.21 -9.56
C TYR A 117 27.81 6.57 -9.65
N TYR A 118 28.26 7.06 -8.50
CA TYR A 118 28.66 8.45 -8.37
C TYR A 118 30.09 8.46 -7.85
N GLY A 119 30.91 9.40 -8.29
CA GLY A 119 32.32 9.40 -7.90
C GLY A 119 33.19 8.47 -8.74
N PHE A 120 34.36 8.14 -8.24
CA PHE A 120 35.20 7.08 -8.81
C PHE A 120 34.63 5.73 -8.39
N TYR A 121 33.91 5.05 -9.27
CA TYR A 121 33.20 3.86 -8.84
C TYR A 121 33.63 2.64 -9.61
N GLY A 122 33.24 1.48 -9.12
CA GLY A 122 33.65 0.24 -9.71
C GLY A 122 32.65 -0.87 -9.46
N PHE A 123 32.63 -1.84 -10.36
CA PHE A 123 31.67 -2.92 -10.32
C PHE A 123 32.25 -4.13 -11.02
N SER A 124 31.55 -5.25 -10.91
CA SER A 124 31.92 -6.42 -11.68
C SER A 124 30.75 -6.79 -12.57
N TYR A 125 31.05 -7.35 -13.74
CA TYR A 125 30.02 -7.89 -14.61
C TYR A 125 30.46 -9.29 -15.04
N THR A 126 29.60 -9.97 -15.80
CA THR A 126 29.84 -11.35 -16.23
C THR A 126 29.89 -11.49 -17.75
N ASP A 127 30.88 -12.25 -18.22
CA ASP A 127 31.09 -12.62 -19.62
C ASP A 127 29.97 -13.45 -20.23
N GLU A 128 30.03 -13.65 -21.55
CA GLU A 128 29.37 -14.79 -22.17
C GLU A 128 30.02 -16.05 -21.62
N SER A 129 31.32 -15.93 -21.35
CA SER A 129 32.15 -17.02 -20.84
C SER A 129 31.81 -17.43 -19.41
N ASN A 130 30.88 -16.71 -18.77
CA ASN A 130 30.57 -16.90 -17.35
C ASN A 130 31.84 -16.75 -16.49
N GLU A 131 32.68 -15.80 -16.91
CA GLU A 131 33.85 -15.39 -16.14
CA GLU A 131 33.82 -15.38 -16.12
C GLU A 131 33.58 -13.97 -15.61
N LYS A 132 33.96 -13.73 -14.37
CA LYS A 132 33.71 -12.43 -13.74
C LYS A 132 34.78 -11.42 -14.13
N LYS A 133 34.33 -10.24 -14.53
CA LYS A 133 35.20 -9.17 -15.01
C LYS A 133 35.03 -7.95 -14.11
N TYR A 134 36.10 -7.17 -13.95
CA TYR A 134 36.03 -5.96 -13.14
C TYR A 134 36.12 -4.72 -13.99
N PHE A 135 35.57 -3.61 -13.48
CA PHE A 135 35.55 -2.36 -14.22
C PHE A 135 35.50 -1.16 -13.25
N ALA A 136 36.24 -0.09 -13.57
CA ALA A 136 36.15 1.17 -12.82
C ALA A 136 35.95 2.37 -13.77
N ALA A 137 35.06 3.28 -13.38
CA ALA A 137 34.82 4.49 -14.18
C ALA A 137 34.50 5.65 -13.26
N THR A 138 34.61 6.86 -13.78
CA THR A 138 34.29 8.06 -13.00
C THR A 138 33.00 8.71 -13.47
N GLN A 139 32.17 9.19 -12.54
CA GLN A 139 31.04 10.06 -12.85
C GLN A 139 31.05 11.22 -11.88
N PHE A 140 31.61 12.36 -12.29
CA PHE A 140 31.86 13.43 -11.34
C PHE A 140 30.78 14.50 -11.29
N GLU A 141 30.11 14.79 -12.40
CA GLU A 141 29.12 15.89 -12.38
C GLU A 141 27.89 15.55 -11.53
N PRO A 142 27.51 16.43 -10.62
CA PRO A 142 28.14 17.73 -10.34
C PRO A 142 29.18 17.75 -9.22
N LEU A 143 29.03 16.93 -8.16
CA LEU A 143 29.80 17.19 -6.92
C LEU A 143 30.63 16.01 -6.42
N ALA A 144 30.95 15.07 -7.31
CA ALA A 144 31.66 13.89 -6.88
C ALA A 144 33.19 13.89 -7.11
N ALA A 145 33.75 14.85 -7.86
CA ALA A 145 35.19 14.86 -8.12
C ALA A 145 35.96 14.85 -6.80
N ARG A 146 35.43 15.60 -5.83
CA ARG A 146 36.00 15.72 -4.51
C ARG A 146 36.03 14.39 -3.74
N SER A 147 35.30 13.39 -4.20
CA SER A 147 35.32 12.13 -3.48
C SER A 147 36.38 11.23 -4.09
N ALA A 148 36.87 11.56 -5.28
CA ALA A 148 38.00 10.82 -5.83
C ALA A 148 39.32 11.50 -5.45
N PHE A 149 39.36 12.83 -5.44
CA PHE A 149 40.58 13.51 -5.00
C PHE A 149 40.33 14.89 -4.42
N PRO A 150 41.18 15.30 -3.49
CA PRO A 150 41.04 16.67 -2.98
C PRO A 150 41.18 17.65 -4.13
N CYS A 151 40.29 18.62 -4.21
CA CYS A 151 40.35 19.58 -5.30
C CYS A 151 39.43 20.76 -5.06
N PHE A 152 39.63 21.81 -5.84
CA PHE A 152 38.72 22.95 -5.81
C PHE A 152 37.54 22.59 -6.69
N ASP A 153 36.53 21.94 -6.10
CA ASP A 153 35.49 21.27 -6.87
C ASP A 153 34.31 22.19 -7.21
N GLU A 154 34.59 23.23 -7.99
CA GLU A 154 33.61 24.21 -8.47
C GLU A 154 33.91 24.52 -9.91
N PRO A 155 32.88 24.51 -10.77
CA PRO A 155 33.07 24.72 -12.21
C PRO A 155 33.93 25.94 -12.62
N ALA A 156 33.85 27.06 -11.91
CA ALA A 156 34.59 28.26 -12.31
C ALA A 156 36.12 28.17 -12.14
N PHE A 157 36.61 27.28 -11.26
CA PHE A 157 38.05 27.12 -11.06
C PHE A 157 38.68 26.21 -12.10
N LYS A 158 38.88 26.69 -13.32
CA LYS A 158 39.42 25.80 -14.35
C LYS A 158 40.94 25.68 -14.27
N ALA A 159 41.46 24.52 -14.65
CA ALA A 159 42.88 24.27 -14.55
C ALA A 159 43.28 23.14 -15.49
N THR A 160 44.56 22.85 -15.55
CA THR A 160 45.00 21.69 -16.35
C THR A 160 45.25 20.47 -15.45
N PHE A 161 45.12 19.29 -16.02
CA PHE A 161 45.28 18.06 -15.24
C PHE A 161 46.28 17.13 -15.90
N ILE A 162 47.17 16.58 -15.09
CA ILE A 162 48.02 15.48 -15.53
C ILE A 162 47.58 14.23 -14.75
N ILE A 163 47.02 13.24 -15.45
CA ILE A 163 46.54 12.03 -14.77
C ILE A 163 47.52 10.83 -14.91
N LYS A 164 47.77 10.16 -13.80
CA LYS A 164 48.55 8.92 -13.79
C LYS A 164 47.78 7.77 -13.11
N ILE A 165 47.59 6.68 -13.84
CA ILE A 165 46.89 5.52 -13.32
C ILE A 165 47.79 4.29 -13.32
N ILE A 166 47.83 3.57 -12.21
CA ILE A 166 48.48 2.26 -12.21
C ILE A 166 47.42 1.18 -12.41
N ARG A 167 47.65 0.31 -13.37
CA ARG A 167 46.64 -0.65 -13.75
C ARG A 167 47.27 -2.02 -14.02
N ASP A 168 46.49 -3.07 -13.85
CA ASP A 168 46.89 -4.41 -14.29
C ASP A 168 47.06 -4.42 -15.80
N GLU A 169 48.08 -5.13 -16.28
CA GLU A 169 48.42 -5.23 -17.70
C GLU A 169 47.25 -5.58 -18.61
N GLN A 170 46.39 -6.49 -18.16
CA GLN A 170 45.24 -6.88 -18.97
C GLN A 170 44.25 -5.71 -19.22
N TYR A 171 44.19 -4.73 -18.31
CA TYR A 171 43.20 -3.67 -18.40
C TYR A 171 43.63 -2.51 -19.29
N THR A 172 42.66 -1.80 -19.84
CA THR A 172 42.94 -0.58 -20.55
C THR A 172 42.57 0.60 -19.68
N ALA A 173 43.43 1.62 -19.63
CA ALA A 173 43.11 2.86 -18.94
C ALA A 173 42.85 3.93 -19.96
N LEU A 174 41.81 4.71 -19.71
CA LEU A 174 41.49 5.87 -20.52
C LEU A 174 41.36 7.11 -19.65
N SER A 175 41.60 8.25 -20.27
CA SER A 175 41.37 9.51 -19.57
C SER A 175 40.97 10.59 -20.59
N ASN A 176 40.85 11.84 -20.14
CA ASN A 176 40.43 12.93 -21.03
C ASN A 176 41.36 13.10 -22.21
N MET A 177 42.67 13.10 -21.93
CA MET A 177 43.73 13.30 -22.91
C MET A 177 44.33 12.00 -23.45
N PRO A 178 45.05 12.07 -24.58
CA PRO A 178 45.77 10.89 -25.07
C PRO A 178 46.80 10.35 -24.06
N LYS A 179 47.07 9.05 -24.10
CA LYS A 179 48.10 8.51 -23.23
C LYS A 179 49.45 8.94 -23.74
N LYS A 180 50.27 9.53 -22.88
CA LYS A 180 51.60 10.00 -23.27
C LYS A 180 52.63 8.88 -23.27
N SER A 181 52.57 8.00 -22.28
CA SER A 181 53.55 6.94 -22.08
C SER A 181 53.07 5.83 -21.15
N SER A 182 53.74 4.68 -21.21
CA SER A 182 53.54 3.58 -20.27
C SER A 182 54.88 3.13 -19.71
N VAL A 183 54.87 2.68 -18.47
CA VAL A 183 56.05 2.17 -17.81
C VAL A 183 55.71 0.88 -17.08
N VAL A 184 56.44 -0.19 -17.36
CA VAL A 184 56.17 -1.49 -16.75
C VAL A 184 56.63 -1.52 -15.28
N LEU A 185 55.79 -2.02 -14.39
CA LEU A 185 56.14 -2.06 -12.97
C LEU A 185 56.23 -3.49 -12.45
N ASP A 186 56.68 -3.63 -11.22
CA ASP A 186 56.79 -4.96 -10.63
C ASP A 186 55.41 -5.61 -10.60
N ASP A 187 55.40 -6.93 -10.48
CA ASP A 187 54.17 -7.71 -10.63
C ASP A 187 53.63 -7.44 -12.03
N GLY A 188 52.37 -7.72 -12.27
CA GLY A 188 51.88 -7.49 -13.61
C GLY A 188 51.30 -6.10 -13.79
N LEU A 189 52.02 -5.07 -13.34
CA LEU A 189 51.48 -3.71 -13.28
C LEU A 189 52.08 -2.76 -14.33
N VAL A 190 51.25 -1.84 -14.76
CA VAL A 190 51.63 -0.81 -15.73
C VAL A 190 51.23 0.53 -15.15
N GLN A 191 52.11 1.51 -15.33
CA GLN A 191 51.88 2.88 -14.94
C GLN A 191 51.64 3.70 -16.21
N ASP A 192 50.45 4.29 -16.29
CA ASP A 192 50.03 5.11 -17.42
C ASP A 192 50.12 6.58 -17.14
N GLU A 193 50.57 7.36 -18.13
CA GLU A 193 50.59 8.80 -17.97
C GLU A 193 49.93 9.51 -19.16
N PHE A 194 49.00 10.39 -18.84
CA PHE A 194 48.24 11.04 -19.88
C PHE A 194 48.76 12.46 -20.03
N SER A 195 48.70 12.98 -21.25
CA SER A 195 49.15 14.32 -21.55
C SER A 195 48.47 15.38 -20.69
N GLU A 196 49.15 16.50 -20.44
CA GLU A 196 48.52 17.58 -19.72
C GLU A 196 47.31 18.10 -20.48
N SER A 197 46.20 18.22 -19.78
CA SER A 197 44.95 18.58 -20.43
C SER A 197 44.86 20.08 -20.75
N VAL A 198 43.80 20.45 -21.45
CA VAL A 198 43.47 21.86 -21.63
C VAL A 198 42.80 22.37 -20.34
N LYS A 199 42.77 23.69 -20.18
CA LYS A 199 42.07 24.32 -19.06
C LYS A 199 40.61 23.87 -19.00
N MET A 200 40.20 23.23 -17.89
CA MET A 200 38.83 22.70 -17.74
C MET A 200 38.37 22.59 -16.28
N SER A 201 37.09 22.30 -16.10
CA SER A 201 36.47 22.15 -14.79
C SER A 201 36.72 20.76 -14.20
N THR A 202 36.78 20.67 -12.87
CA THR A 202 37.07 19.39 -12.24
C THR A 202 35.97 18.36 -12.52
N TYR A 203 34.73 18.82 -12.70
CA TYR A 203 33.64 17.87 -12.89
C TYR A 203 33.76 17.15 -14.24
N LEU A 204 34.64 17.64 -15.11
CA LEU A 204 34.86 17.05 -16.44
C LEU A 204 36.03 16.06 -16.50
N VAL A 205 36.85 16.02 -15.45
CA VAL A 205 37.93 15.07 -15.38
C VAL A 205 37.35 13.65 -15.41
N ALA A 206 37.97 12.74 -16.15
CA ALA A 206 37.43 11.38 -16.23
C ALA A 206 38.53 10.33 -16.43
N PHE A 207 38.33 9.16 -15.84
CA PHE A 207 39.24 8.07 -16.14
C PHE A 207 38.52 6.75 -15.98
N ILE A 208 39.00 5.76 -16.73
CA ILE A 208 38.35 4.47 -16.87
C ILE A 208 39.40 3.36 -16.83
N VAL A 209 39.12 2.29 -16.10
CA VAL A 209 39.98 1.14 -16.08
C VAL A 209 39.13 -0.10 -16.33
N GLY A 210 39.45 -0.86 -17.37
CA GLY A 210 38.69 -2.05 -17.69
C GLY A 210 39.09 -2.65 -19.03
N GLU A 211 38.59 -3.83 -19.33
CA GLU A 211 38.89 -4.53 -20.59
C GLU A 211 37.95 -4.11 -21.72
N MET A 212 38.53 -3.54 -22.78
CA MET A 212 37.76 -2.97 -23.87
C MET A 212 38.44 -3.14 -25.21
N LYS A 213 37.67 -2.97 -26.27
CA LYS A 213 38.20 -2.90 -27.61
C LYS A 213 37.75 -1.56 -28.22
N ASN A 214 38.28 -1.21 -29.37
CA ASN A 214 37.95 0.05 -29.98
C ASN A 214 37.69 -0.06 -31.46
N LEU A 215 36.79 0.78 -31.96
CA LEU A 215 36.61 0.94 -33.39
C LEU A 215 36.90 2.40 -33.71
N SER A 216 37.82 2.66 -34.64
CA SER A 216 38.34 4.02 -34.78
C SER A 216 38.34 4.52 -36.20
N GLN A 217 38.44 5.83 -36.32
CA GLN A 217 38.48 6.50 -37.59
C GLN A 217 39.09 7.89 -37.44
N ASP A 218 39.93 8.29 -38.39
CA ASP A 218 40.50 9.64 -38.43
C ASP A 218 39.51 10.62 -39.05
N VAL A 219 39.34 11.78 -38.41
CA VAL A 219 38.56 12.86 -38.98
C VAL A 219 39.44 14.10 -38.98
N ASN A 220 40.34 14.18 -39.96
CA ASN A 220 41.09 15.40 -40.18
C ASN A 220 42.05 15.68 -39.00
N GLY A 221 42.76 14.65 -38.55
CA GLY A 221 43.63 14.81 -37.41
C GLY A 221 43.05 14.48 -36.05
N THR A 222 41.73 14.41 -35.93
CA THR A 222 41.15 13.93 -34.68
C THR A 222 40.84 12.43 -34.78
N LEU A 223 41.41 11.63 -33.88
CA LEU A 223 41.07 10.22 -33.86
C LEU A 223 39.77 10.00 -33.04
N VAL A 224 38.70 9.58 -33.73
CA VAL A 224 37.41 9.24 -33.10
C VAL A 224 37.35 7.73 -32.81
N SER A 225 37.08 7.35 -31.57
CA SER A 225 37.09 5.93 -31.21
C SER A 225 35.86 5.58 -30.38
N ILE A 226 35.19 4.48 -30.70
CA ILE A 226 34.16 3.94 -29.83
C ILE A 226 34.76 2.76 -29.08
N TYR A 227 34.64 2.77 -27.76
CA TYR A 227 35.03 1.63 -26.93
C TYR A 227 33.83 0.88 -26.36
N ALA A 228 34.03 -0.41 -26.12
CA ALA A 228 33.04 -1.31 -25.58
C ALA A 228 33.76 -2.53 -25.04
N VAL A 229 33.10 -3.32 -24.19
CA VAL A 229 33.69 -4.57 -23.76
C VAL A 229 33.77 -5.46 -25.00
N PRO A 230 34.76 -6.36 -25.05
CA PRO A 230 35.07 -7.16 -26.24
C PRO A 230 33.85 -7.87 -26.85
N GLU A 231 32.99 -8.46 -26.02
CA GLU A 231 31.82 -9.18 -26.51
C GLU A 231 30.87 -8.25 -27.27
N LYS A 232 30.90 -6.95 -26.95
CA LYS A 232 29.95 -6.00 -27.55
C LYS A 232 30.46 -5.22 -28.76
N ILE A 233 31.74 -5.33 -29.10
CA ILE A 233 32.37 -4.37 -30.02
C ILE A 233 31.78 -4.41 -31.42
N GLY A 234 31.04 -5.47 -31.73
CA GLY A 234 30.36 -5.53 -33.00
C GLY A 234 29.20 -4.55 -33.11
N GLN A 235 28.71 -4.05 -31.97
CA GLN A 235 27.52 -3.20 -31.96
C GLN A 235 27.81 -1.69 -32.01
N VAL A 236 29.05 -1.30 -32.27
CA VAL A 236 29.41 0.12 -32.30
C VAL A 236 29.48 0.82 -33.67
N HIS A 237 29.12 0.16 -34.77
CA HIS A 237 29.34 0.78 -36.07
C HIS A 237 28.47 2.02 -36.35
N TYR A 238 27.22 1.99 -35.90
CA TYR A 238 26.34 3.12 -36.15
C TYR A 238 26.80 4.34 -35.35
N ALA A 239 27.11 4.15 -34.07
CA ALA A 239 27.66 5.23 -33.25
C ALA A 239 28.92 5.87 -33.87
N LEU A 240 29.83 5.07 -34.41
CA LEU A 240 31.03 5.65 -35.03
C LEU A 240 30.65 6.52 -36.21
N GLU A 241 29.80 5.99 -37.11
CA GLU A 241 29.39 6.73 -38.32
C GLU A 241 28.64 8.02 -38.00
N THR A 242 27.71 7.93 -37.08
CA THR A 242 27.00 9.10 -36.54
C THR A 242 27.92 10.17 -35.92
N THR A 243 28.82 9.75 -35.04
CA THR A 243 29.74 10.67 -34.37
C THR A 243 30.54 11.48 -35.36
N VAL A 244 31.03 10.81 -36.41
CA VAL A 244 31.80 11.48 -37.43
C VAL A 244 30.97 12.53 -38.16
N LYS A 245 29.72 12.21 -38.49
CA LYS A 245 28.85 13.19 -39.13
C LYS A 245 28.60 14.40 -38.26
N LEU A 246 28.24 14.15 -37.00
CA LEU A 246 27.85 15.24 -36.11
C LEU A 246 29.04 16.13 -35.79
N LEU A 247 30.21 15.52 -35.72
CA LEU A 247 31.43 16.24 -35.43
C LEU A 247 31.72 17.26 -36.54
N GLU A 248 31.58 16.84 -37.78
CA GLU A 248 31.90 17.72 -38.91
C GLU A 248 30.90 18.86 -38.92
N PHE A 249 29.65 18.51 -38.66
CA PHE A 249 28.58 19.48 -38.60
C PHE A 249 28.79 20.54 -37.53
N PHE A 250 29.19 20.11 -36.35
CA PHE A 250 29.29 21.04 -35.23
C PHE A 250 30.51 21.95 -35.42
N GLN A 251 31.55 21.41 -36.02
CA GLN A 251 32.75 22.18 -36.28
C GLN A 251 32.50 23.25 -37.35
N ASN A 252 31.62 22.97 -38.29
CA ASN A 252 31.26 23.93 -39.33
CA ASN A 252 31.30 23.95 -39.31
C ASN A 252 30.33 25.00 -38.79
N TYR A 253 29.40 24.58 -37.94
CA TYR A 253 28.43 25.51 -37.38
C TYR A 253 29.03 26.49 -36.35
N PHE A 254 29.77 25.96 -35.38
CA PHE A 254 30.37 26.79 -34.35
C PHE A 254 31.58 27.54 -34.86
N GLU A 255 32.19 27.02 -35.93
CA GLU A 255 33.36 27.64 -36.53
C GLU A 255 34.57 27.58 -35.60
N ILE A 256 34.56 26.59 -34.72
CA ILE A 256 35.64 26.36 -33.79
C ILE A 256 35.92 24.89 -33.76
N GLN A 257 37.15 24.52 -34.06
CA GLN A 257 37.53 23.11 -34.05
C GLN A 257 37.47 22.48 -32.66
N TYR A 258 37.00 21.26 -32.60
CA TYR A 258 37.23 20.41 -31.43
C TYR A 258 38.75 20.36 -31.21
N PRO A 259 39.24 20.76 -30.03
CA PRO A 259 40.68 21.00 -29.84
C PRO A 259 41.49 19.82 -29.32
N LEU A 260 40.98 18.60 -29.38
CA LEU A 260 41.79 17.48 -28.88
C LEU A 260 42.17 16.61 -30.06
N LYS A 261 43.21 15.82 -29.88
CA LYS A 261 43.74 15.02 -30.96
C LYS A 261 43.00 13.68 -30.99
N LYS A 262 42.24 13.42 -29.92
CA LYS A 262 41.46 12.20 -29.79
C LYS A 262 40.07 12.52 -29.25
N LEU A 263 39.09 11.71 -29.64
CA LEU A 263 37.75 11.79 -29.08
C LEU A 263 37.27 10.37 -28.79
N ASP A 264 37.07 10.04 -27.51
CA ASP A 264 36.61 8.72 -27.12
C ASP A 264 35.16 8.69 -26.64
N LEU A 265 34.44 7.67 -27.10
CA LEU A 265 33.05 7.45 -26.71
C LEU A 265 33.00 6.04 -26.18
N VAL A 266 32.63 5.88 -24.92
CA VAL A 266 32.76 4.59 -24.25
C VAL A 266 31.42 4.04 -23.74
N ALA A 267 31.11 2.81 -24.15
CA ALA A 267 29.93 2.12 -23.63
C ALA A 267 30.26 1.46 -22.30
N ILE A 268 29.76 2.01 -21.23
CA ILE A 268 30.02 1.46 -19.90
C ILE A 268 28.88 0.51 -19.51
N PRO A 269 29.22 -0.72 -19.10
CA PRO A 269 28.28 -1.80 -18.70
C PRO A 269 27.33 -1.42 -17.56
N ASP A 270 27.70 -0.43 -16.75
CA ASP A 270 26.93 -0.14 -15.55
C ASP A 270 27.09 1.34 -15.21
N PHE A 271 26.00 2.12 -15.34
CA PHE A 271 26.12 3.57 -15.49
C PHE A 271 24.74 4.21 -15.29
N GLU A 272 24.58 5.17 -14.36
CA GLU A 272 23.22 5.63 -14.00
C GLU A 272 22.60 6.62 -14.98
N ALA A 273 23.36 7.64 -15.38
CA ALA A 273 22.87 8.59 -16.39
C ALA A 273 22.73 7.95 -17.76
N GLY A 274 22.05 8.64 -18.67
CA GLY A 274 22.11 8.27 -20.08
C GLY A 274 23.52 8.44 -20.66
N ALA A 275 24.21 9.52 -20.31
CA ALA A 275 25.55 9.78 -20.83
C ALA A 275 26.22 10.87 -20.05
N MET A 276 27.48 11.13 -20.37
CA MET A 276 28.25 12.16 -19.71
C MET A 276 29.28 12.69 -20.68
N GLU A 277 29.46 14.01 -20.66
CA GLU A 277 30.23 14.70 -21.66
C GLU A 277 31.70 14.99 -21.34
N ASN A 278 32.31 14.21 -20.47
CA ASN A 278 33.72 14.46 -20.11
C ASN A 278 34.60 14.72 -21.34
N TRP A 279 35.24 15.89 -21.45
CA TRP A 279 36.12 16.14 -22.60
C TRP A 279 36.93 14.93 -23.10
N GLY A 280 36.84 14.56 -24.39
CA GLY A 280 37.73 13.55 -24.93
C GLY A 280 37.37 12.16 -24.47
N LEU A 281 36.48 12.03 -23.49
CA LEU A 281 36.11 10.71 -22.97
C LEU A 281 34.62 10.72 -22.57
N LEU A 282 33.80 10.84 -23.59
CA LEU A 282 32.36 10.80 -23.43
C LEU A 282 31.95 9.38 -23.01
N THR A 283 31.10 9.27 -21.99
CA THR A 283 30.64 7.96 -21.50
C THR A 283 29.13 7.75 -21.67
N PHE A 284 28.72 6.52 -21.95
CA PHE A 284 27.30 6.19 -22.20
C PHE A 284 26.83 4.92 -21.51
N ARG A 285 25.55 4.82 -21.17
CA ARG A 285 24.97 3.49 -20.96
C ARG A 285 25.17 2.65 -22.23
N GLU A 286 25.37 1.35 -22.09
CA GLU A 286 25.39 0.48 -23.26
C GLU A 286 24.10 0.63 -24.09
N GLU A 287 22.94 0.63 -23.42
CA GLU A 287 21.64 0.73 -24.12
C GLU A 287 21.43 2.05 -24.91
N THR A 288 22.30 3.04 -24.72
CA THR A 288 22.15 4.32 -25.42
C THR A 288 23.29 4.59 -26.41
N LEU A 289 24.18 3.63 -26.61
CA LEU A 289 25.26 3.86 -27.57
C LEU A 289 25.41 2.68 -28.54
N LEU A 290 25.21 1.47 -28.04
CA LEU A 290 25.26 0.31 -28.93
C LEU A 290 24.00 0.25 -29.78
N TYR A 291 24.09 -0.38 -30.94
CA TYR A 291 22.95 -0.43 -31.88
C TYR A 291 23.09 -1.55 -32.90
N ASP A 292 22.03 -2.34 -33.03
CA ASP A 292 21.93 -3.32 -34.11
C ASP A 292 20.56 -3.24 -34.77
N SER A 293 20.60 -2.98 -36.07
CA SER A 293 19.40 -2.87 -36.89
C SER A 293 18.36 -3.97 -36.67
N ASN A 294 18.79 -5.19 -36.34
CA ASN A 294 17.84 -6.30 -36.25
C ASN A 294 17.28 -6.52 -34.87
N THR A 295 17.90 -5.95 -33.84
CA THR A 295 17.43 -6.15 -32.47
C THR A 295 16.97 -4.83 -31.87
N SER A 296 17.39 -3.73 -32.49
CA SER A 296 17.04 -2.39 -32.00
C SER A 296 15.91 -1.79 -32.84
N SER A 297 14.92 -1.20 -32.17
CA SER A 297 13.81 -0.54 -32.86
C SER A 297 14.23 0.80 -33.48
N MET A 298 13.31 1.39 -34.25
CA MET A 298 13.49 2.75 -34.78
C MET A 298 13.75 3.75 -33.65
N ALA A 299 12.96 3.62 -32.58
CA ALA A 299 13.07 4.45 -31.39
C ALA A 299 14.48 4.37 -30.77
N ASP A 300 15.05 3.17 -30.78
CA ASP A 300 16.40 2.93 -30.29
C ASP A 300 17.44 3.65 -31.14
N ARG A 301 17.24 3.69 -32.45
CA ARG A 301 18.14 4.40 -33.35
C ARG A 301 18.08 5.91 -33.11
N LYS A 302 16.88 6.45 -32.95
CA LYS A 302 16.71 7.84 -32.57
C LYS A 302 17.43 8.17 -31.25
N LEU A 303 17.24 7.33 -30.24
CA LEU A 303 17.89 7.49 -28.93
C LEU A 303 19.42 7.61 -29.06
N VAL A 304 20.03 6.71 -29.82
CA VAL A 304 21.48 6.76 -30.05
C VAL A 304 21.90 8.00 -30.82
N THR A 305 21.14 8.41 -31.83
CA THR A 305 21.49 9.60 -32.60
C THR A 305 21.36 10.85 -31.71
N LYS A 306 20.25 10.94 -30.97
CA LYS A 306 19.99 12.09 -30.13
C LYS A 306 21.05 12.28 -29.06
N ILE A 307 21.43 11.20 -28.38
CA ILE A 307 22.30 11.33 -27.21
C ILE A 307 23.73 11.62 -27.66
N ILE A 308 24.09 11.19 -28.86
CA ILE A 308 25.43 11.46 -29.37
C ILE A 308 25.52 12.92 -29.78
N ALA A 309 24.44 13.44 -30.36
CA ALA A 309 24.39 14.85 -30.72
C ALA A 309 24.49 15.69 -29.46
N HIS A 310 23.76 15.27 -28.44
CA HIS A 310 23.78 15.97 -27.18
C HIS A 310 25.19 16.00 -26.54
N GLU A 311 25.89 14.87 -26.48
CA GLU A 311 27.17 14.86 -25.83
C GLU A 311 28.19 15.65 -26.64
N LEU A 312 28.13 15.54 -27.96
CA LEU A 312 29.03 16.29 -28.83
C LEU A 312 28.82 17.79 -28.65
N ALA A 313 27.56 18.24 -28.60
CA ALA A 313 27.31 19.68 -28.39
C ALA A 313 27.96 20.21 -27.13
N HIS A 314 27.86 19.44 -26.03
CA HIS A 314 28.53 19.77 -24.77
C HIS A 314 30.02 20.06 -24.89
N GLN A 315 30.68 19.48 -25.90
CA GLN A 315 32.10 19.71 -26.09
C GLN A 315 32.36 21.19 -26.28
N TRP A 316 31.38 21.91 -26.84
CA TRP A 316 31.46 23.37 -26.92
C TRP A 316 30.69 24.04 -25.76
N PHE A 317 29.40 23.76 -25.64
CA PHE A 317 28.60 24.34 -24.58
C PHE A 317 28.66 23.48 -23.34
N GLY A 318 29.57 23.82 -22.44
CA GLY A 318 29.79 23.01 -21.26
C GLY A 318 31.25 22.79 -21.00
N ASN A 319 32.01 22.46 -22.05
CA ASN A 319 33.41 22.14 -21.84
C ASN A 319 34.33 23.31 -22.17
N LEU A 320 34.21 23.79 -23.40
CA LEU A 320 34.91 24.98 -23.83
C LEU A 320 34.42 26.21 -23.06
N VAL A 321 33.11 26.32 -22.95
CA VAL A 321 32.51 27.45 -22.27
C VAL A 321 31.65 26.90 -21.15
N THR A 322 31.83 27.38 -19.93
CA THR A 322 31.18 26.77 -18.76
C THR A 322 30.60 27.82 -17.85
N MET A 323 29.43 27.53 -17.31
CA MET A 323 28.79 28.39 -16.31
C MET A 323 29.72 28.63 -15.12
N LYS A 324 29.59 29.79 -14.47
CA LYS A 324 30.41 30.08 -13.29
C LYS A 324 29.94 29.25 -12.11
N TRP A 325 28.64 28.98 -12.06
CA TRP A 325 28.05 28.33 -10.91
C TRP A 325 26.73 27.64 -11.31
N TRP A 326 26.25 26.73 -10.48
CA TRP A 326 25.17 25.83 -10.88
C TRP A 326 23.85 26.52 -11.08
N ASN A 327 23.76 27.79 -10.67
CA ASN A 327 22.52 28.51 -10.83
C ASN A 327 22.27 28.73 -12.31
N ASP A 328 23.36 28.75 -13.08
CA ASP A 328 23.27 28.92 -14.52
C ASP A 328 23.55 27.62 -15.27
N LEU A 329 23.17 26.48 -14.68
CA LEU A 329 23.29 25.19 -15.36
C LEU A 329 22.66 25.18 -16.76
N TRP A 330 21.51 25.83 -16.92
CA TRP A 330 20.79 25.86 -18.20
C TRP A 330 21.61 26.41 -19.34
N LEU A 331 22.57 27.28 -19.06
CA LEU A 331 23.49 27.73 -20.12
C LEU A 331 24.23 26.54 -20.76
N ASN A 332 24.48 25.50 -19.97
CA ASN A 332 25.04 24.26 -20.51
C ASN A 332 23.98 23.40 -21.17
N GLU A 333 23.05 22.97 -20.32
CA GLU A 333 22.09 21.93 -20.64
C GLU A 333 20.99 22.38 -21.61
N GLY A 334 20.50 23.60 -21.42
CA GLY A 334 19.61 24.20 -22.40
C GLY A 334 20.26 24.28 -23.78
N PHE A 335 21.46 24.84 -23.86
CA PHE A 335 22.10 24.96 -25.16
C PHE A 335 22.37 23.59 -25.77
N ALA A 336 22.91 22.67 -24.99
CA ALA A 336 23.23 21.36 -25.51
C ALA A 336 21.98 20.65 -25.99
N THR A 337 20.85 20.88 -25.33
CA THR A 337 19.59 20.24 -25.71
C THR A 337 19.09 20.87 -27.00
N PHE A 338 19.18 22.19 -27.07
CA PHE A 338 18.84 22.89 -28.31
C PHE A 338 19.67 22.39 -29.51
N MET A 339 20.96 22.15 -29.30
CA MET A 339 21.82 21.76 -30.42
C MET A 339 21.60 20.30 -30.81
N GLU A 340 21.30 19.48 -29.81
CA GLU A 340 20.84 18.13 -30.06
C GLU A 340 19.73 18.10 -31.11
N TYR A 341 18.65 18.85 -30.91
CA TYR A 341 17.49 18.76 -31.80
C TYR A 341 17.66 19.58 -33.08
N PHE A 342 18.51 20.59 -33.01
CA PHE A 342 18.80 21.42 -34.15
C PHE A 342 19.61 20.61 -35.17
N SER A 343 20.70 20.00 -34.71
CA SER A 343 21.60 19.26 -35.60
C SER A 343 20.92 18.07 -36.29
N LEU A 344 20.05 17.37 -35.55
CA LEU A 344 19.28 16.27 -36.13
C LEU A 344 18.29 16.74 -37.18
N GLU A 345 17.73 17.93 -36.99
CA GLU A 345 16.80 18.45 -37.97
C GLU A 345 17.56 18.85 -39.23
N LYS A 346 18.84 19.20 -39.09
CA LYS A 346 19.64 19.53 -40.26
C LYS A 346 20.08 18.29 -41.02
N ILE A 347 20.68 17.32 -40.34
CA ILE A 347 21.26 16.20 -41.08
C ILE A 347 20.69 14.83 -40.74
N PHE A 348 19.63 14.79 -39.94
CA PHE A 348 18.89 13.53 -39.74
C PHE A 348 17.40 13.81 -39.78
N LYS A 349 16.97 14.60 -40.75
CA LYS A 349 15.60 15.08 -40.82
C LYS A 349 14.58 13.95 -40.87
N GLU A 350 14.97 12.83 -41.48
CA GLU A 350 14.08 11.67 -41.61
C GLU A 350 13.69 11.04 -40.26
N LEU A 351 14.45 11.28 -39.20
CA LEU A 351 14.11 10.69 -37.90
C LEU A 351 12.90 11.38 -37.23
N SER A 352 12.52 12.54 -37.74
CA SER A 352 11.42 13.33 -37.16
C SER A 352 11.63 13.55 -35.64
N SER A 353 12.85 13.87 -35.27
CA SER A 353 13.15 14.04 -33.87
C SER A 353 12.41 15.27 -33.28
N TYR A 354 11.88 16.15 -34.13
CA TYR A 354 11.10 17.29 -33.65
C TYR A 354 9.85 16.87 -32.82
N GLU A 355 9.34 15.67 -33.05
CA GLU A 355 8.22 15.15 -32.25
C GLU A 355 8.62 14.95 -30.77
N ASP A 356 9.77 14.33 -30.53
CA ASP A 356 10.30 14.20 -29.18
C ASP A 356 10.50 15.57 -28.54
N PHE A 357 11.11 16.51 -29.25
CA PHE A 357 11.35 17.83 -28.68
C PHE A 357 10.03 18.42 -28.18
N LEU A 358 9.01 18.27 -29.02
CA LEU A 358 7.68 18.81 -28.78
C LEU A 358 7.01 18.14 -27.58
N ASP A 359 7.08 16.81 -27.53
CA ASP A 359 6.53 16.08 -26.41
C ASP A 359 7.20 16.48 -25.09
N ALA A 360 8.51 16.66 -25.13
CA ALA A 360 9.23 16.94 -23.91
C ALA A 360 8.87 18.33 -23.39
N ARG A 361 8.57 19.25 -24.30
CA ARG A 361 8.19 20.60 -23.89
C ARG A 361 6.81 20.62 -23.23
N PHE A 362 5.84 19.92 -23.84
CA PHE A 362 4.54 19.71 -23.19
C PHE A 362 4.70 19.30 -21.72
N LYS A 363 5.53 18.29 -21.46
CA LYS A 363 5.81 17.83 -20.11
C LYS A 363 6.55 18.85 -19.26
N THR A 364 7.46 19.60 -19.85
CA THR A 364 8.18 20.58 -19.05
C THR A 364 7.25 21.71 -18.60
N MET A 365 6.32 22.08 -19.48
CA MET A 365 5.34 23.09 -19.14
C MET A 365 4.46 22.67 -17.98
N LYS A 366 3.90 21.46 -18.03
CA LYS A 366 3.09 20.95 -16.91
C LYS A 366 3.88 21.08 -15.58
N LYS A 367 5.16 20.69 -15.59
CA LYS A 367 6.05 20.86 -14.44
C LYS A 367 6.22 22.35 -14.09
N ASP A 368 6.57 23.16 -15.08
CA ASP A 368 6.79 24.60 -14.87
C ASP A 368 5.55 25.35 -14.32
N SER A 369 4.36 24.82 -14.58
CA SER A 369 3.15 25.50 -14.15
C SER A 369 2.87 25.35 -12.65
N LEU A 370 3.52 24.39 -12.00
CA LEU A 370 3.38 24.20 -10.55
C LEU A 370 3.97 25.35 -9.73
N ASN A 371 3.43 25.53 -8.54
CA ASN A 371 3.92 26.59 -7.67
C ASN A 371 5.31 26.31 -7.11
N SER A 372 5.65 25.03 -6.97
CA SER A 372 6.96 24.64 -6.48
C SER A 372 7.99 24.62 -7.61
N SER A 373 7.70 25.28 -8.70
CA SER A 373 8.71 25.51 -9.71
C SER A 373 9.65 26.64 -9.23
N HIS A 374 10.93 26.62 -9.62
CA HIS A 374 11.75 27.81 -9.60
C HIS A 374 11.89 28.51 -10.96
N PRO A 375 12.41 29.75 -10.93
CA PRO A 375 12.98 30.35 -12.14
C PRO A 375 14.07 29.45 -12.70
N ILE A 376 14.31 29.52 -14.01
CA ILE A 376 15.23 28.66 -14.70
C ILE A 376 16.69 28.95 -14.31
N SER A 377 16.96 30.21 -13.97
CA SER A 377 18.20 30.62 -13.35
C SER A 377 17.88 31.04 -11.92
N SER A 378 18.09 30.15 -10.96
CA SER A 378 17.72 30.43 -9.57
C SER A 378 18.82 29.98 -8.61
N SER A 379 18.93 30.67 -7.48
CA SER A 379 20.01 30.40 -6.56
C SER A 379 19.99 28.97 -6.03
N VAL A 380 21.19 28.43 -5.87
CA VAL A 380 21.39 27.10 -5.32
C VAL A 380 22.38 27.23 -4.17
N GLN A 381 21.97 26.77 -3.00
CA GLN A 381 22.72 27.06 -1.80
C GLN A 381 22.97 25.83 -0.95
N SER A 382 22.70 24.66 -1.52
CA SER A 382 22.98 23.40 -0.88
C SER A 382 23.24 22.37 -1.95
N SER A 383 23.81 21.25 -1.55
CA SER A 383 24.08 20.18 -2.51
C SER A 383 22.78 19.64 -3.11
N GLU A 384 21.71 19.59 -2.32
CA GLU A 384 20.39 19.14 -2.78
C GLU A 384 19.88 20.02 -3.89
N GLN A 385 20.01 21.33 -3.70
CA GLN A 385 19.60 22.25 -4.73
C GLN A 385 20.47 22.16 -5.97
N ILE A 386 21.77 21.86 -5.80
CA ILE A 386 22.63 21.73 -6.97
C ILE A 386 22.14 20.55 -7.78
N GLU A 387 21.97 19.41 -7.12
CA GLU A 387 21.45 18.21 -7.75
C GLU A 387 20.12 18.45 -8.42
N GLU A 388 19.22 19.17 -7.75
CA GLU A 388 17.89 19.44 -8.28
C GLU A 388 17.88 20.29 -9.56
N MET A 389 18.98 20.94 -9.87
CA MET A 389 19.07 21.70 -11.11
C MET A 389 19.02 20.78 -12.32
N PHE A 390 19.44 19.53 -12.15
CA PHE A 390 19.46 18.59 -13.28
C PHE A 390 18.09 18.00 -13.53
N ASP A 391 17.20 18.86 -14.04
CA ASP A 391 15.80 18.47 -14.27
C ASP A 391 15.32 18.97 -15.62
N SER A 392 14.06 18.73 -15.93
CA SER A 392 13.58 19.11 -17.25
C SER A 392 13.50 20.63 -17.48
N LEU A 393 13.40 21.44 -16.43
CA LEU A 393 13.41 22.89 -16.68
C LEU A 393 14.70 23.35 -17.33
N SER A 394 15.84 23.12 -16.67
CA SER A 394 17.15 23.50 -17.21
C SER A 394 17.42 22.99 -18.63
N TYR A 395 16.89 21.81 -18.95
CA TYR A 395 17.11 21.21 -20.26
C TYR A 395 16.12 21.71 -21.30
N PHE A 396 14.83 21.55 -21.03
CA PHE A 396 13.83 21.77 -22.07
C PHE A 396 13.23 23.18 -22.08
N LYS A 397 13.05 23.81 -20.92
CA LYS A 397 12.73 25.23 -20.93
C LYS A 397 13.91 26.06 -21.46
N GLY A 398 15.12 25.68 -21.08
CA GLY A 398 16.28 26.41 -21.57
C GLY A 398 16.40 26.38 -23.08
N SER A 399 16.21 25.20 -23.67
CA SER A 399 16.31 25.09 -25.11
C SER A 399 15.11 25.68 -25.85
N SER A 400 14.01 25.89 -25.14
CA SER A 400 12.82 26.39 -25.79
C SER A 400 12.82 27.91 -25.69
N LEU A 401 13.49 28.43 -24.67
CA LEU A 401 13.87 29.83 -24.67
C LEU A 401 14.69 30.15 -25.92
N LEU A 402 15.68 29.31 -26.23
CA LEU A 402 16.52 29.55 -27.40
C LEU A 402 15.76 29.36 -28.69
N LEU A 403 14.79 28.46 -28.68
CA LEU A 403 13.99 28.21 -29.89
C LEU A 403 13.13 29.43 -30.19
N MET A 404 12.58 30.03 -29.14
CA MET A 404 11.81 31.25 -29.23
C MET A 404 12.72 32.34 -29.79
N LEU A 405 13.95 32.38 -29.34
CA LEU A 405 14.83 33.46 -29.73
C LEU A 405 15.29 33.28 -31.17
N LYS A 406 15.69 32.07 -31.54
CA LYS A 406 16.09 31.79 -32.90
C LYS A 406 14.93 32.03 -33.90
N THR A 407 13.73 31.54 -33.57
CA THR A 407 12.57 31.76 -34.43
C THR A 407 12.33 33.27 -34.66
N TYR A 408 12.40 34.04 -33.58
CA TYR A 408 12.06 35.44 -33.62
C TYR A 408 13.09 36.32 -34.33
N LEU A 409 14.35 36.15 -33.98
CA LEU A 409 15.41 36.79 -34.75
C LEU A 409 15.58 35.93 -35.98
N SER A 410 16.78 35.88 -36.53
CA SER A 410 16.97 34.99 -37.67
C SER A 410 17.82 33.78 -37.30
N GLU A 411 17.85 32.77 -38.15
CA GLU A 411 18.77 31.63 -37.97
C GLU A 411 20.23 32.13 -38.02
N ASP A 412 20.51 33.02 -38.97
CA ASP A 412 21.83 33.57 -39.19
C ASP A 412 22.21 34.55 -38.09
N VAL A 413 21.24 35.31 -37.62
CA VAL A 413 21.49 36.23 -36.52
C VAL A 413 21.82 35.42 -35.25
N PHE A 414 21.12 34.29 -35.09
CA PHE A 414 21.34 33.34 -34.01
C PHE A 414 22.72 32.72 -34.06
N GLN A 415 23.11 32.26 -35.24
CA GLN A 415 24.41 31.62 -35.38
C GLN A 415 25.55 32.61 -35.19
N HIS A 416 25.34 33.87 -35.56
CA HIS A 416 26.39 34.86 -35.38
CA HIS A 416 26.37 34.90 -35.39
C HIS A 416 26.58 35.12 -33.89
N ALA A 417 25.48 35.24 -33.16
CA ALA A 417 25.53 35.45 -31.71
C ALA A 417 26.28 34.31 -31.04
N VAL A 418 25.93 33.09 -31.41
CA VAL A 418 26.55 31.88 -30.88
C VAL A 418 28.06 31.88 -31.09
N VAL A 419 28.51 32.12 -32.32
CA VAL A 419 29.93 32.13 -32.64
C VAL A 419 30.68 33.24 -31.90
N LEU A 420 30.05 34.37 -31.64
CA LEU A 420 30.74 35.40 -30.90
C LEU A 420 30.97 34.92 -29.48
N TYR A 421 29.86 34.60 -28.85
CA TYR A 421 29.81 33.96 -27.54
C TYR A 421 30.89 32.91 -27.29
N LEU A 422 30.99 31.88 -28.12
CA LEU A 422 31.96 30.81 -27.88
C LEU A 422 33.40 31.29 -28.06
N HIS A 423 33.62 32.29 -28.93
CA HIS A 423 34.98 32.83 -29.10
C HIS A 423 35.41 33.67 -27.91
N ASN A 424 34.51 34.52 -27.47
CA ASN A 424 34.76 35.45 -26.38
C ASN A 424 34.98 34.78 -25.02
N HIS A 425 34.54 33.54 -24.88
CA HIS A 425 34.54 32.94 -23.56
C HIS A 425 35.20 31.57 -23.54
N SER A 426 35.84 31.21 -24.66
CA SER A 426 36.65 29.98 -24.74
C SER A 426 37.56 29.77 -23.55
N TYR A 427 37.40 28.60 -22.93
CA TYR A 427 38.20 28.17 -21.79
C TYR A 427 37.91 29.03 -20.58
N ALA A 428 36.68 29.50 -20.46
CA ALA A 428 36.36 30.42 -19.39
C ALA A 428 34.92 30.28 -18.90
N SER A 429 34.50 31.19 -18.05
CA SER A 429 33.24 31.03 -17.37
C SER A 429 32.25 32.15 -17.65
N ILE A 430 30.98 31.82 -17.55
CA ILE A 430 29.91 32.69 -17.99
C ILE A 430 28.75 32.69 -17.02
N GLN A 431 27.93 33.72 -17.10
CA GLN A 431 26.64 33.72 -16.43
C GLN A 431 25.63 34.26 -17.43
N SER A 432 24.35 34.22 -17.08
CA SER A 432 23.28 34.50 -18.04
C SER A 432 23.48 35.75 -18.89
N ASP A 433 24.02 36.80 -18.29
CA ASP A 433 24.12 38.08 -18.98
C ASP A 433 25.07 38.04 -20.13
N ASP A 434 26.09 37.20 -20.06
CA ASP A 434 27.04 37.15 -21.17
C ASP A 434 26.38 36.66 -22.44
N LEU A 435 25.39 35.77 -22.29
CA LEU A 435 24.73 35.22 -23.45
C LEU A 435 23.87 36.30 -24.09
N TRP A 436 23.19 37.08 -23.26
CA TRP A 436 22.36 38.14 -23.81
C TRP A 436 23.25 39.25 -24.37
N ASP A 437 24.43 39.43 -23.79
CA ASP A 437 25.35 40.44 -24.30
C ASP A 437 25.75 40.10 -25.71
N SER A 438 26.11 38.84 -25.94
CA SER A 438 26.54 38.41 -27.27
C SER A 438 25.42 38.57 -28.29
N PHE A 439 24.18 38.43 -27.85
CA PHE A 439 23.08 38.63 -28.77
C PHE A 439 22.93 40.11 -29.07
N ASN A 440 23.09 40.94 -28.03
CA ASN A 440 23.00 42.37 -28.18
C ASN A 440 24.04 42.92 -29.15
N GLU A 441 25.21 42.30 -29.23
CA GLU A 441 26.25 42.75 -30.15
C GLU A 441 25.88 42.47 -31.59
N VAL A 442 25.29 41.31 -31.82
CA VAL A 442 24.85 40.95 -33.17
C VAL A 442 23.55 41.67 -33.54
N THR A 443 22.77 42.00 -32.52
CA THR A 443 21.44 42.57 -32.70
C THR A 443 21.46 43.99 -33.24
N ASN A 444 22.48 44.81 -32.92
CA ASN A 444 22.59 46.11 -33.55
C ASN A 444 21.61 47.01 -32.85
N GLN A 445 21.44 46.61 -31.59
CA GLN A 445 20.66 47.25 -30.50
C GLN A 445 19.31 47.77 -30.99
N THR A 446 18.84 47.08 -32.01
CA THR A 446 17.51 47.23 -32.57
C THR A 446 16.52 46.67 -31.56
N LEU A 447 16.94 45.56 -30.97
CA LEU A 447 16.21 44.90 -29.91
C LEU A 447 17.16 44.67 -28.74
N ASP A 448 16.77 45.08 -27.54
CA ASP A 448 17.58 44.83 -26.36
C ASP A 448 17.24 43.46 -25.77
N VAL A 449 18.00 42.45 -26.19
CA VAL A 449 17.69 41.07 -25.84
C VAL A 449 17.80 40.81 -24.33
N LYS A 450 18.69 41.53 -23.66
CA LYS A 450 18.80 41.35 -22.21
C LYS A 450 17.48 41.67 -21.51
N ARG A 451 16.85 42.79 -21.84
CA ARG A 451 15.62 43.17 -21.14
C ARG A 451 14.43 42.38 -21.66
N MET A 452 14.58 41.79 -22.85
CA MET A 452 13.54 40.91 -23.37
C MET A 452 13.50 39.56 -22.65
N MET A 453 14.66 39.06 -22.22
CA MET A 453 14.77 37.71 -21.66
C MET A 453 14.72 37.72 -20.14
N LYS A 454 14.70 38.91 -19.55
CA LYS A 454 14.74 39.08 -18.11
C LYS A 454 13.70 38.18 -17.43
N THR A 455 12.44 38.35 -17.80
CA THR A 455 11.38 37.64 -17.10
C THR A 455 11.45 36.17 -17.43
N TRP A 456 11.77 35.85 -18.68
CA TRP A 456 11.85 34.46 -19.08
C TRP A 456 12.86 33.65 -18.23
N THR A 457 13.92 34.30 -17.75
CA THR A 457 14.96 33.59 -17.01
C THR A 457 14.88 33.75 -15.48
N LEU A 458 14.23 34.80 -15.00
CA LEU A 458 14.17 35.06 -13.56
C LEU A 458 12.82 34.85 -12.90
N GLN A 459 11.78 34.64 -13.70
CA GLN A 459 10.47 34.35 -13.14
C GLN A 459 10.10 32.90 -13.39
N LYS A 460 9.42 32.27 -12.44
CA LYS A 460 8.99 30.89 -12.66
C LYS A 460 7.74 30.88 -13.55
N GLY A 461 7.53 29.78 -14.25
CA GLY A 461 6.34 29.61 -15.05
C GLY A 461 6.43 30.24 -16.42
N PHE A 462 5.26 30.55 -16.95
CA PHE A 462 5.13 31.08 -18.30
C PHE A 462 3.75 31.75 -18.40
N PRO A 463 3.56 32.65 -19.38
CA PRO A 463 2.27 33.33 -19.48
C PRO A 463 1.16 32.46 -20.09
N LEU A 464 -0.07 32.63 -19.61
CA LEU A 464 -1.26 32.26 -20.37
C LEU A 464 -1.64 33.43 -21.27
N VAL A 465 -1.57 33.25 -22.59
CA VAL A 465 -1.99 34.30 -23.52
C VAL A 465 -3.44 34.09 -23.95
N THR A 466 -4.30 35.06 -23.64
CA THR A 466 -5.71 34.95 -24.01
C THR A 466 -6.05 35.77 -25.28
N VAL A 467 -6.79 35.16 -26.19
CA VAL A 467 -7.05 35.72 -27.51
C VAL A 467 -8.55 35.81 -27.81
N GLN A 468 -8.98 36.95 -28.33
CA GLN A 468 -10.39 37.16 -28.66
C GLN A 468 -10.50 38.00 -29.92
N LYS A 469 -11.10 37.44 -30.94
CA LYS A 469 -11.24 38.15 -32.20
C LYS A 469 -12.38 39.17 -32.14
N LYS A 470 -12.04 40.44 -32.17
CA LYS A 470 -13.06 41.48 -32.26
C LYS A 470 -13.05 42.07 -33.69
N GLY A 471 -13.83 41.47 -34.58
CA GLY A 471 -13.88 41.93 -35.96
C GLY A 471 -12.62 41.60 -36.75
N LYS A 472 -11.89 42.63 -37.13
CA LYS A 472 -10.65 42.49 -37.91
C LYS A 472 -9.42 42.73 -37.04
N GLU A 473 -9.61 42.70 -35.73
CA GLU A 473 -8.48 42.84 -34.82
C GLU A 473 -8.56 41.81 -33.69
N LEU A 474 -7.39 41.27 -33.33
CA LEU A 474 -7.26 40.36 -32.19
C LEU A 474 -7.01 41.11 -30.91
N PHE A 475 -7.90 40.97 -29.94
CA PHE A 475 -7.55 41.47 -28.63
C PHE A 475 -6.78 40.41 -27.83
N ILE A 476 -5.67 40.82 -27.22
CA ILE A 476 -4.67 39.92 -26.64
C ILE A 476 -4.34 40.27 -25.17
N GLN A 477 -4.26 39.28 -24.29
CA GLN A 477 -3.79 39.49 -22.91
C GLN A 477 -2.82 38.41 -22.44
N GLN A 478 -1.94 38.77 -21.51
CA GLN A 478 -1.08 37.83 -20.81
C GLN A 478 -1.33 37.86 -19.30
N GLU A 479 -1.05 36.75 -18.65
CA GLU A 479 -1.09 36.61 -17.20
C GLU A 479 -0.31 35.37 -16.81
N ARG A 480 0.07 35.27 -15.54
CA ARG A 480 0.67 34.04 -15.00
C ARG A 480 -0.23 32.82 -15.24
N PHE A 481 0.33 31.77 -15.82
CA PHE A 481 -0.40 30.51 -15.89
C PHE A 481 -0.06 29.63 -14.68
N PHE A 482 -1.12 29.24 -13.97
CA PHE A 482 -1.05 28.39 -12.79
C PHE A 482 -2.46 28.12 -12.28
N LEU A 483 -2.63 27.02 -11.54
CA LEU A 483 -3.88 26.81 -10.81
C LEU A 483 -3.68 27.12 -9.31
N ASN A 484 -4.49 28.02 -8.75
CA ASN A 484 -4.34 28.45 -7.36
C ASN A 484 -5.25 27.49 -6.58
N MET A 485 -5.31 27.65 -5.27
CA MET A 485 -5.73 26.57 -4.38
C MET A 485 -6.50 27.15 -3.20
N SER A 495 2.54 39.97 -10.27
CA SER A 495 3.91 39.59 -10.60
C SER A 495 4.42 40.38 -11.80
N TYR A 496 5.16 39.74 -12.71
CA TYR A 496 5.75 40.46 -13.83
C TYR A 496 5.27 40.06 -15.23
N LEU A 497 5.58 40.92 -16.20
CA LEU A 497 5.20 40.72 -17.59
C LEU A 497 6.30 40.04 -18.38
N TRP A 498 5.92 39.20 -19.32
CA TRP A 498 6.87 38.60 -20.24
C TRP A 498 6.90 39.43 -21.52
N HIS A 499 8.06 39.46 -22.17
CA HIS A 499 8.11 39.92 -23.53
C HIS A 499 7.93 38.72 -24.42
N ILE A 500 6.77 38.63 -25.06
CA ILE A 500 6.39 37.43 -25.78
C ILE A 500 6.38 37.60 -27.29
N PRO A 501 7.14 36.77 -28.02
CA PRO A 501 6.96 36.77 -29.47
C PRO A 501 5.67 36.04 -29.86
N LEU A 502 4.59 36.79 -30.09
CA LEU A 502 3.35 36.20 -30.56
C LEU A 502 3.39 35.98 -32.07
N SER A 503 3.49 34.74 -32.50
CA SER A 503 3.31 34.47 -33.91
C SER A 503 1.85 34.08 -34.12
N TYR A 504 1.36 34.17 -35.36
CA TYR A 504 -0.01 33.75 -35.63
C TYR A 504 -0.23 33.52 -37.11
N VAL A 505 -1.05 32.54 -37.41
CA VAL A 505 -1.35 32.18 -38.77
C VAL A 505 -2.84 32.21 -38.87
N THR A 506 -3.36 32.46 -40.07
CA THR A 506 -4.75 32.80 -40.22
C THR A 506 -5.22 32.56 -41.64
N GLU A 507 -6.53 32.43 -41.79
CA GLU A 507 -7.11 32.22 -43.11
C GLU A 507 -8.23 33.20 -43.33
N GLY A 508 -8.09 34.01 -44.39
CA GLY A 508 -9.12 34.96 -44.77
C GLY A 508 -10.37 34.31 -45.35
N ARG A 509 -11.37 35.11 -45.69
CA ARG A 509 -12.60 34.58 -46.27
C ARG A 509 -12.36 33.92 -47.65
N ASN A 510 -11.34 34.38 -48.38
CA ASN A 510 -11.02 33.80 -49.70
C ASN A 510 -9.99 32.65 -49.68
N TYR A 511 -9.71 32.14 -48.48
CA TYR A 511 -8.96 30.89 -48.26
C TYR A 511 -7.46 31.01 -48.48
N SER A 512 -6.98 32.24 -48.54
CA SER A 512 -5.55 32.49 -48.57
C SER A 512 -5.03 32.57 -47.14
N LYS A 513 -3.79 32.13 -46.93
CA LYS A 513 -3.22 32.09 -45.60
C LYS A 513 -2.16 33.17 -45.39
N TYR A 514 -2.30 33.87 -44.27
CA TYR A 514 -1.40 34.95 -43.90
C TYR A 514 -0.81 34.61 -42.52
N GLN A 515 0.45 34.95 -42.30
CA GLN A 515 1.05 34.77 -40.98
C GLN A 515 2.03 35.89 -40.66
N SER A 516 2.05 36.28 -39.39
CA SER A 516 2.85 37.41 -38.98
C SER A 516 3.41 37.24 -37.55
N VAL A 517 4.23 38.17 -37.10
CA VAL A 517 4.72 38.16 -35.73
C VAL A 517 4.61 39.55 -35.11
N SER A 518 4.14 39.61 -33.88
CA SER A 518 4.18 40.82 -33.07
C SER A 518 4.79 40.46 -31.71
N LEU A 519 5.12 41.47 -30.91
CA LEU A 519 5.80 41.26 -29.67
C LEU A 519 5.05 41.91 -28.51
N LEU A 520 4.36 41.11 -27.70
CA LEU A 520 3.61 41.62 -26.56
C LEU A 520 4.53 41.97 -25.38
N ASP A 521 4.63 43.26 -25.10
CA ASP A 521 5.46 43.77 -24.02
CA ASP A 521 5.48 43.75 -24.02
C ASP A 521 4.61 44.12 -22.82
N LYS A 522 3.36 44.48 -23.08
CA LYS A 522 2.50 44.98 -22.03
C LYS A 522 1.48 43.93 -21.57
N LYS A 523 0.67 44.28 -20.58
CA LYS A 523 -0.40 43.44 -20.11
C LYS A 523 -1.34 43.02 -21.22
N SER A 524 -1.66 43.94 -22.11
CA SER A 524 -2.51 43.60 -23.25
C SER A 524 -2.11 44.37 -24.47
N GLY A 525 -2.70 43.99 -25.60
CA GLY A 525 -2.38 44.58 -26.88
C GLY A 525 -3.50 44.29 -27.86
N VAL A 526 -3.45 44.94 -29.03
CA VAL A 526 -4.36 44.59 -30.11
C VAL A 526 -3.50 44.26 -31.33
N ILE A 527 -3.87 43.21 -32.05
CA ILE A 527 -3.23 42.89 -33.31
C ILE A 527 -4.17 43.19 -34.47
N ASN A 528 -3.65 43.92 -35.47
CA ASN A 528 -4.45 44.26 -36.63
C ASN A 528 -4.40 43.13 -37.65
N LEU A 529 -5.55 42.54 -37.96
CA LEU A 529 -5.55 41.37 -38.82
C LEU A 529 -5.63 41.63 -40.31
N THR A 530 -5.85 42.88 -40.71
CA THR A 530 -5.91 43.31 -42.13
C THR A 530 -7.18 42.89 -42.88
N GLU A 531 -7.74 41.72 -42.57
CA GLU A 531 -8.91 41.23 -43.27
C GLU A 531 -9.92 40.64 -42.29
N GLU A 532 -11.03 40.12 -42.79
CA GLU A 532 -11.85 39.24 -41.96
C GLU A 532 -11.34 37.81 -42.11
N VAL A 533 -11.36 37.04 -41.04
CA VAL A 533 -10.77 35.71 -41.07
C VAL A 533 -11.77 34.66 -40.61
N LEU A 534 -11.62 33.43 -41.12
CA LEU A 534 -12.42 32.30 -40.65
C LEU A 534 -11.96 31.85 -39.27
N TRP A 535 -10.66 31.62 -39.15
CA TRP A 535 -10.08 31.12 -37.92
C TRP A 535 -8.72 31.76 -37.76
N VAL A 536 -8.21 31.76 -36.54
CA VAL A 536 -6.85 32.18 -36.27
C VAL A 536 -6.22 31.28 -35.19
N LYS A 537 -4.96 30.90 -35.41
CA LYS A 537 -4.19 30.07 -34.49
C LYS A 537 -2.95 30.81 -34.04
N VAL A 538 -2.83 31.04 -32.74
CA VAL A 538 -1.68 31.76 -32.19
C VAL A 538 -0.57 30.79 -31.74
N ASN A 539 0.69 31.25 -31.77
CA ASN A 539 1.84 30.42 -31.41
C ASN A 539 2.08 29.30 -32.40
N ILE A 540 2.70 29.65 -33.53
CA ILE A 540 2.90 28.72 -34.63
C ILE A 540 3.93 27.66 -34.32
N ASN A 541 3.56 26.39 -34.51
CA ASN A 541 4.45 25.24 -34.25
C ASN A 541 4.95 25.17 -32.81
N MET A 542 4.22 25.82 -31.91
CA MET A 542 4.68 26.08 -30.55
C MET A 542 6.14 26.52 -30.42
N ASN A 543 6.61 27.35 -31.34
CA ASN A 543 7.92 27.92 -31.21
C ASN A 543 8.03 28.84 -30.00
N GLY A 544 6.90 29.17 -29.38
CA GLY A 544 6.90 29.98 -28.18
C GLY A 544 6.53 29.22 -26.92
N TYR A 545 7.12 29.65 -25.80
CA TYR A 545 6.96 28.94 -24.54
C TYR A 545 5.83 29.59 -23.76
N TYR A 546 4.60 29.32 -24.21
CA TYR A 546 3.41 29.80 -23.49
C TYR A 546 2.21 28.99 -23.94
N ILE A 547 1.08 29.13 -23.26
CA ILE A 547 -0.14 28.42 -23.63
C ILE A 547 -1.12 29.49 -24.12
N VAL A 548 -1.98 29.14 -25.08
CA VAL A 548 -2.96 30.10 -25.58
C VAL A 548 -4.39 29.65 -25.32
N HIS A 549 -5.19 30.56 -24.76
CA HIS A 549 -6.62 30.35 -24.53
C HIS A 549 -7.47 31.25 -25.45
N TYR A 550 -8.37 30.66 -26.23
CA TYR A 550 -9.22 31.49 -27.09
C TYR A 550 -10.58 31.74 -26.43
N ALA A 551 -11.22 32.85 -26.80
CA ALA A 551 -12.63 33.06 -26.50
C ALA A 551 -13.45 31.93 -27.10
N ASP A 552 -14.70 31.77 -26.65
CA ASP A 552 -15.47 30.59 -27.06
C ASP A 552 -15.73 30.54 -28.54
N ASP A 553 -15.98 31.70 -29.14
CA ASP A 553 -16.21 31.80 -30.57
C ASP A 553 -14.99 31.37 -31.36
N ASP A 554 -13.82 31.66 -30.82
CA ASP A 554 -12.59 31.39 -31.53
C ASP A 554 -12.08 29.96 -31.33
N TRP A 555 -12.40 29.35 -30.19
CA TRP A 555 -12.18 27.90 -30.03
C TRP A 555 -13.02 27.17 -31.06
N GLU A 556 -14.27 27.60 -31.14
CA GLU A 556 -15.25 26.97 -32.01
C GLU A 556 -14.77 26.99 -33.45
N ALA A 557 -14.17 28.11 -33.86
CA ALA A 557 -13.70 28.21 -35.24
C ALA A 557 -12.57 27.22 -35.50
N LEU A 558 -11.57 27.14 -34.62
CA LEU A 558 -10.49 26.15 -34.82
C LEU A 558 -11.01 24.71 -34.78
N ILE A 559 -11.89 24.43 -33.81
CA ILE A 559 -12.48 23.10 -33.68
C ILE A 559 -13.31 22.73 -34.92
N HIS A 560 -14.03 23.69 -35.50
CA HIS A 560 -14.78 23.41 -36.73
C HIS A 560 -13.87 23.18 -37.95
N GLN A 561 -12.80 23.95 -38.05
CA GLN A 561 -11.83 23.82 -39.13
C GLN A 561 -11.09 22.46 -39.11
N LEU A 562 -10.90 21.91 -37.91
CA LEU A 562 -10.22 20.61 -37.78
C LEU A 562 -11.14 19.52 -38.28
N LYS A 563 -12.43 19.69 -38.01
CA LYS A 563 -13.43 18.75 -38.47
C LYS A 563 -13.61 18.87 -40.00
N ILE A 564 -13.34 20.06 -40.57
CA ILE A 564 -13.46 20.28 -42.02
C ILE A 564 -12.21 19.92 -42.80
N ASN A 565 -11.06 20.40 -42.36
CA ASN A 565 -9.79 20.07 -42.98
C ASN A 565 -8.62 20.42 -42.06
N PRO A 566 -8.16 19.44 -41.27
CA PRO A 566 -7.13 19.71 -40.25
C PRO A 566 -5.78 20.14 -40.85
N TYR A 567 -5.54 19.84 -42.13
CA TYR A 567 -4.20 20.05 -42.70
C TYR A 567 -3.89 21.47 -43.17
N VAL A 568 -4.77 22.43 -42.85
CA VAL A 568 -4.41 23.84 -43.01
C VAL A 568 -3.37 24.22 -41.94
N LEU A 569 -3.33 23.46 -40.84
CA LEU A 569 -2.33 23.59 -39.80
C LEU A 569 -1.27 22.48 -39.89
N SER A 570 -0.12 22.67 -39.24
CA SER A 570 0.88 21.59 -39.16
C SER A 570 0.55 20.55 -38.09
N ASP A 571 1.26 19.41 -38.11
CA ASP A 571 1.07 18.40 -37.08
C ASP A 571 1.46 18.96 -35.70
N LYS A 572 2.50 19.81 -35.67
CA LYS A 572 2.88 20.49 -34.45
C LYS A 572 1.77 21.42 -33.95
N ASP A 573 1.18 22.19 -34.88
CA ASP A 573 0.04 23.07 -34.58
C ASP A 573 -1.12 22.27 -33.98
N ARG A 574 -1.46 21.15 -34.60
CA ARG A 574 -2.58 20.36 -34.10
C ARG A 574 -2.23 19.66 -32.77
N ALA A 575 -0.94 19.34 -32.56
CA ALA A 575 -0.51 18.73 -31.30
C ALA A 575 -0.63 19.75 -30.19
N ASN A 576 -0.08 20.95 -30.43
CA ASN A 576 -0.30 22.15 -29.61
C ASN A 576 -1.71 22.30 -29.06
N LEU A 577 -2.66 22.36 -29.99
CA LEU A 577 -4.05 22.59 -29.67
C LEU A 577 -4.57 21.49 -28.75
N ILE A 578 -4.22 20.25 -29.05
CA ILE A 578 -4.70 19.16 -28.23
C ILE A 578 -4.17 19.30 -26.80
N ASN A 579 -2.85 19.48 -26.68
CA ASN A 579 -2.22 19.74 -25.39
C ASN A 579 -2.90 20.88 -24.64
N ASN A 580 -2.92 22.06 -25.25
CA ASN A 580 -3.41 23.27 -24.58
C ASN A 580 -4.85 23.13 -24.09
N ILE A 581 -5.71 22.52 -24.89
CA ILE A 581 -7.11 22.42 -24.50
C ILE A 581 -7.25 21.46 -23.32
N PHE A 582 -6.44 20.40 -23.27
CA PHE A 582 -6.51 19.51 -22.12
C PHE A 582 -5.93 20.18 -20.86
N GLU A 583 -4.76 20.82 -20.95
CA GLU A 583 -4.25 21.57 -19.80
C GLU A 583 -5.21 22.68 -19.35
N LEU A 584 -5.94 23.30 -20.27
CA LEU A 584 -6.91 24.33 -19.88
C LEU A 584 -8.19 23.76 -19.26
N ALA A 585 -8.59 22.55 -19.67
CA ALA A 585 -9.72 21.87 -19.03
C ALA A 585 -9.36 21.38 -17.63
N GLY A 586 -8.06 21.21 -17.38
CA GLY A 586 -7.58 20.81 -16.07
C GLY A 586 -7.60 21.97 -15.08
N LEU A 587 -7.03 23.11 -15.48
CA LEU A 587 -7.19 24.37 -14.76
C LEU A 587 -8.69 24.58 -14.47
N GLY A 588 -9.47 24.77 -15.53
CA GLY A 588 -10.90 25.03 -15.40
C GLY A 588 -11.40 26.02 -16.43
N LYS A 589 -10.48 26.62 -17.20
CA LYS A 589 -10.82 27.67 -18.17
C LYS A 589 -11.73 27.21 -19.31
N VAL A 590 -11.91 25.90 -19.46
CA VAL A 590 -12.89 25.34 -20.40
C VAL A 590 -13.45 24.04 -19.82
N PRO A 591 -14.72 23.71 -20.13
CA PRO A 591 -15.27 22.40 -19.76
C PRO A 591 -14.50 21.25 -20.41
N LEU A 592 -14.33 20.15 -19.68
CA LEU A 592 -13.54 19.02 -20.18
C LEU A 592 -14.17 18.45 -21.46
N LYS A 593 -15.47 18.65 -21.60
CA LYS A 593 -16.22 18.22 -22.77
C LYS A 593 -15.65 18.90 -24.01
N ARG A 594 -15.28 20.17 -23.89
CA ARG A 594 -14.74 20.89 -25.03
CA ARG A 594 -14.72 20.92 -25.01
C ARG A 594 -13.46 20.24 -25.54
N ALA A 595 -12.68 19.62 -24.65
CA ALA A 595 -11.45 18.96 -25.04
C ALA A 595 -11.73 17.69 -25.85
N PHE A 596 -12.80 17.03 -25.50
CA PHE A 596 -13.14 15.82 -26.21
C PHE A 596 -13.84 16.16 -27.52
N ASP A 597 -14.52 17.31 -27.58
CA ASP A 597 -14.99 17.83 -28.87
C ASP A 597 -13.83 18.04 -29.82
N LEU A 598 -12.77 18.67 -29.35
CA LEU A 598 -11.65 18.95 -30.21
C LEU A 598 -10.97 17.69 -30.76
N ILE A 599 -10.93 16.58 -30.03
CA ILE A 599 -10.23 15.42 -30.58
C ILE A 599 -11.12 14.49 -31.40
N ASN A 600 -12.41 14.81 -31.53
CA ASN A 600 -13.28 14.06 -32.45
C ASN A 600 -12.81 14.08 -33.91
N TYR A 601 -11.91 14.99 -34.25
CA TYR A 601 -11.48 15.06 -35.62
C TYR A 601 -10.48 13.93 -35.88
N LEU A 602 -10.00 13.27 -34.81
CA LEU A 602 -8.86 12.35 -34.90
C LEU A 602 -9.07 11.21 -35.87
N GLY A 603 -10.33 10.93 -36.24
CA GLY A 603 -10.59 9.92 -37.24
C GLY A 603 -9.93 10.26 -38.58
N ASN A 604 -9.71 11.55 -38.79
CA ASN A 604 -9.16 12.02 -40.04
C ASN A 604 -7.70 12.47 -39.92
N GLU A 605 -7.04 12.07 -38.85
CA GLU A 605 -5.65 12.48 -38.61
C GLU A 605 -4.64 11.37 -38.95
N ASN A 606 -3.68 11.62 -39.84
CA ASN A 606 -2.65 10.62 -40.16
C ASN A 606 -1.25 10.90 -39.60
N HIS A 607 -1.08 11.98 -38.85
CA HIS A 607 0.26 12.27 -38.33
C HIS A 607 0.44 11.71 -36.92
N THR A 608 1.69 11.42 -36.56
CA THR A 608 1.96 10.79 -35.29
C THR A 608 1.70 11.73 -34.12
N ALA A 609 2.31 12.91 -34.18
CA ALA A 609 2.36 13.85 -33.05
C ALA A 609 0.98 14.17 -32.44
N PRO A 610 -0.01 14.53 -33.27
CA PRO A 610 -1.30 14.77 -32.60
C PRO A 610 -1.89 13.50 -32.02
N ILE A 611 -1.67 12.35 -32.64
CA ILE A 611 -2.28 11.13 -32.12
C ILE A 611 -1.64 10.73 -30.80
N THR A 612 -0.30 10.71 -30.73
CA THR A 612 0.37 10.39 -29.46
C THR A 612 0.07 11.39 -28.32
N GLU A 613 -0.09 12.67 -28.64
CA GLU A 613 -0.49 13.63 -27.61
C GLU A 613 -1.88 13.36 -27.06
N ALA A 614 -2.81 12.96 -27.92
CA ALA A 614 -4.14 12.56 -27.47
C ALA A 614 -4.08 11.26 -26.66
N LEU A 615 -3.30 10.29 -27.15
CA LEU A 615 -3.13 9.02 -26.46
C LEU A 615 -2.54 9.25 -25.09
N PHE A 616 -1.71 10.28 -24.98
CA PHE A 616 -1.12 10.61 -23.68
C PHE A 616 -2.19 11.07 -22.68
N GLN A 617 -3.00 12.04 -23.08
CA GLN A 617 -4.02 12.62 -22.19
C GLN A 617 -5.06 11.56 -21.76
N THR A 618 -5.52 10.77 -22.74
CA THR A 618 -6.38 9.61 -22.50
C THR A 618 -5.80 8.66 -21.45
N ASP A 619 -4.56 8.22 -21.66
CA ASP A 619 -3.90 7.31 -20.71
C ASP A 619 -3.73 7.91 -19.32
N LEU A 620 -3.40 9.19 -19.24
CA LEU A 620 -3.32 9.86 -17.95
C LEU A 620 -4.62 9.77 -17.21
N ILE A 621 -5.69 10.19 -17.86
CA ILE A 621 -7.01 10.10 -17.29
C ILE A 621 -7.41 8.66 -16.97
N TYR A 622 -7.17 7.74 -17.90
CA TYR A 622 -7.47 6.35 -17.65
C TYR A 622 -6.78 5.88 -16.38
N ASN A 623 -5.50 6.18 -16.24
CA ASN A 623 -4.73 5.66 -15.11
C ASN A 623 -5.09 6.32 -13.80
N LEU A 624 -5.58 7.55 -13.86
CA LEU A 624 -6.09 8.18 -12.66
C LEU A 624 -7.37 7.49 -12.21
N LEU A 625 -8.31 7.29 -13.13
CA LEU A 625 -9.58 6.66 -12.77
C LEU A 625 -9.41 5.24 -12.27
N GLU A 626 -8.56 4.49 -12.95
CA GLU A 626 -8.26 3.10 -12.58
C GLU A 626 -7.82 3.01 -11.11
N LYS A 627 -6.87 3.86 -10.69
CA LYS A 627 -6.36 3.85 -9.31
C LYS A 627 -7.37 4.31 -8.26
N LEU A 628 -8.37 5.06 -8.68
CA LEU A 628 -9.46 5.44 -7.78
C LEU A 628 -10.46 4.31 -7.66
N GLY A 629 -10.36 3.36 -8.58
CA GLY A 629 -11.28 2.24 -8.62
C GLY A 629 -12.49 2.43 -9.53
N TYR A 630 -12.55 3.54 -10.26
CA TYR A 630 -13.61 3.74 -11.24
C TYR A 630 -13.38 2.92 -12.51
N MET A 631 -13.38 1.60 -12.38
CA MET A 631 -12.95 0.71 -13.44
C MET A 631 -13.84 0.81 -14.66
N ASP A 632 -15.13 0.76 -14.41
CA ASP A 632 -16.12 0.83 -15.45
C ASP A 632 -15.98 2.14 -16.23
N LEU A 633 -15.87 3.25 -15.51
CA LEU A 633 -15.79 4.53 -16.15
C LEU A 633 -14.53 4.61 -16.99
N ALA A 634 -13.42 4.06 -16.49
CA ALA A 634 -12.14 4.09 -17.20
C ALA A 634 -12.13 3.23 -18.46
N SER A 635 -12.77 2.07 -18.39
CA SER A 635 -12.94 1.24 -19.58
C SER A 635 -13.83 1.92 -20.64
N ARG A 636 -14.84 2.66 -20.19
CA ARG A 636 -15.71 3.36 -21.12
C ARG A 636 -14.92 4.42 -21.86
N LEU A 637 -14.01 5.06 -21.14
CA LEU A 637 -13.20 6.11 -21.74
C LEU A 637 -12.32 5.60 -22.88
N VAL A 638 -11.57 4.51 -22.67
CA VAL A 638 -10.65 4.06 -23.72
C VAL A 638 -11.42 3.37 -24.84
N THR A 639 -12.60 2.86 -24.53
CA THR A 639 -13.49 2.32 -25.56
C THR A 639 -13.91 3.45 -26.52
N ARG A 640 -14.30 4.59 -25.96
CA ARG A 640 -14.64 5.77 -26.74
C ARG A 640 -13.48 6.17 -27.64
N VAL A 641 -12.30 6.32 -27.07
CA VAL A 641 -11.10 6.70 -27.80
C VAL A 641 -10.71 5.63 -28.82
N PHE A 642 -10.91 4.37 -28.45
CA PHE A 642 -10.57 3.30 -29.39
C PHE A 642 -11.43 3.40 -30.65
N LYS A 643 -12.74 3.66 -30.48
CA LYS A 643 -13.68 3.78 -31.60
C LYS A 643 -13.31 4.99 -32.46
N LEU A 644 -12.78 6.00 -31.81
CA LEU A 644 -12.34 7.19 -32.49
C LEU A 644 -11.14 6.93 -33.40
N LEU A 645 -10.26 6.01 -33.02
CA LEU A 645 -9.04 5.74 -33.78
C LEU A 645 -9.07 4.38 -34.47
N GLN A 646 -10.22 3.72 -34.34
CA GLN A 646 -10.49 2.40 -34.94
C GLN A 646 -9.89 2.17 -36.34
N ASN A 647 -9.99 3.16 -37.21
CA ASN A 647 -9.48 2.96 -38.56
C ASN A 647 -7.97 3.00 -38.62
N GLN A 648 -7.31 3.96 -37.98
CA GLN A 648 -5.86 3.93 -37.98
C GLN A 648 -5.31 2.67 -37.29
N ILE A 649 -5.96 2.28 -36.21
CA ILE A 649 -5.55 1.10 -35.43
C ILE A 649 -5.73 -0.19 -36.25
N GLN A 650 -6.93 -0.49 -36.67
CA GLN A 650 -7.11 -1.51 -37.69
C GLN A 650 -6.37 -1.56 -39.00
N GLN A 651 -5.84 -0.44 -39.50
CA GLN A 651 -5.05 -0.57 -40.70
C GLN A 651 -3.56 -0.80 -40.43
N GLN A 652 -3.17 -0.94 -39.17
CA GLN A 652 -1.75 -1.12 -38.84
C GLN A 652 -1.27 -2.52 -39.16
N THR A 653 -0.13 -2.62 -39.82
CA THR A 653 0.53 -3.91 -39.98
C THR A 653 1.52 -4.19 -38.85
N TRP A 654 1.88 -5.46 -38.71
CA TRP A 654 2.82 -5.88 -37.70
C TRP A 654 4.20 -6.06 -38.31
N THR A 655 4.77 -4.95 -38.81
CA THR A 655 6.03 -4.98 -39.54
C THR A 655 6.95 -3.80 -39.15
N ASP A 656 8.06 -3.63 -39.86
CA ASP A 656 8.95 -2.48 -39.69
C ASP A 656 8.86 -1.49 -40.87
N GLU A 657 7.83 -1.64 -41.72
CA GLU A 657 7.68 -0.81 -42.92
C GLU A 657 7.36 0.64 -42.61
N GLY A 658 7.80 1.55 -43.48
CA GLY A 658 7.40 2.95 -43.40
C GLY A 658 8.48 3.90 -42.92
N THR A 659 8.15 5.20 -42.91
CA THR A 659 9.02 6.21 -42.36
C THR A 659 9.14 6.05 -40.85
N PRO A 660 10.26 6.52 -40.25
CA PRO A 660 10.46 6.46 -38.80
C PRO A 660 9.22 6.92 -38.04
N SER A 661 8.66 8.05 -38.46
CA SER A 661 7.44 8.58 -37.86
C SER A 661 6.27 7.60 -37.94
N MET A 662 6.14 6.91 -39.07
CA MET A 662 5.02 6.01 -39.25
C MET A 662 5.24 4.74 -38.45
N ARG A 663 6.52 4.43 -38.22
CA ARG A 663 6.90 3.31 -37.40
C ARG A 663 6.59 3.62 -35.92
N GLU A 664 6.78 4.87 -35.52
CA GLU A 664 6.43 5.28 -34.16
C GLU A 664 4.93 5.31 -33.91
N LEU A 665 4.16 5.57 -34.96
CA LEU A 665 2.71 5.56 -34.85
C LEU A 665 2.19 4.14 -34.70
N ARG A 666 2.82 3.21 -35.41
CA ARG A 666 2.43 1.80 -35.34
C ARG A 666 2.58 1.29 -33.91
N SER A 667 3.75 1.55 -33.33
CA SER A 667 4.05 1.15 -31.98
C SER A 667 3.09 1.80 -30.99
N ALA A 668 2.90 3.11 -31.12
CA ALA A 668 2.00 3.81 -30.21
C ALA A 668 0.57 3.23 -30.27
N LEU A 669 0.09 2.97 -31.48
CA LEU A 669 -1.29 2.50 -31.66
C LEU A 669 -1.50 1.06 -31.20
N LEU A 670 -0.63 0.15 -31.65
CA LEU A 670 -0.73 -1.24 -31.23
C LEU A 670 -0.56 -1.38 -29.71
N GLU A 671 0.34 -0.57 -29.14
CA GLU A 671 0.58 -0.60 -27.71
C GLU A 671 -0.66 -0.19 -26.93
N PHE A 672 -1.35 0.83 -27.43
CA PHE A 672 -2.59 1.32 -26.81
C PHE A 672 -3.67 0.24 -26.86
N ALA A 673 -3.82 -0.44 -27.98
CA ALA A 673 -4.85 -1.47 -28.09
C ALA A 673 -4.55 -2.71 -27.25
N CYS A 674 -3.30 -3.19 -27.26
CA CYS A 674 -2.97 -4.38 -26.47
C CYS A 674 -3.04 -4.16 -24.95
N THR A 675 -2.59 -3.00 -24.49
CA THR A 675 -2.60 -2.67 -23.07
C THR A 675 -4.01 -2.70 -22.48
N HIS A 676 -4.98 -2.16 -23.22
CA HIS A 676 -6.35 -2.11 -22.73
C HIS A 676 -7.26 -3.22 -23.27
N ASN A 677 -6.67 -4.20 -23.96
CA ASN A 677 -7.39 -5.36 -24.44
C ASN A 677 -8.53 -4.97 -25.36
N LEU A 678 -8.22 -4.13 -26.34
CA LEU A 678 -9.20 -3.68 -27.31
C LEU A 678 -8.92 -4.28 -28.68
N GLY A 679 -9.98 -4.55 -29.44
CA GLY A 679 -9.83 -5.21 -30.71
C GLY A 679 -9.32 -6.61 -30.52
N ASN A 680 -8.59 -7.10 -31.50
CA ASN A 680 -8.02 -8.42 -31.37
C ASN A 680 -6.49 -8.32 -31.49
N CYS A 681 -5.95 -7.15 -31.17
CA CYS A 681 -4.51 -6.96 -31.22
CA CYS A 681 -4.49 -6.89 -31.11
C CYS A 681 -3.79 -7.92 -30.26
N SER A 682 -4.35 -8.12 -29.07
CA SER A 682 -3.86 -9.12 -28.14
C SER A 682 -3.70 -10.50 -28.78
N THR A 683 -4.69 -10.93 -29.54
CA THR A 683 -4.65 -12.23 -30.19
C THR A 683 -3.50 -12.36 -31.21
N THR A 684 -3.29 -11.29 -31.96
CA THR A 684 -2.26 -11.25 -32.97
C THR A 684 -0.88 -11.28 -32.31
N ALA A 685 -0.79 -10.53 -31.21
CA ALA A 685 0.45 -10.44 -30.46
C ALA A 685 0.80 -11.78 -29.87
N MET A 686 -0.20 -12.48 -29.33
CA MET A 686 0.07 -13.74 -28.64
C MET A 686 0.56 -14.78 -29.65
N LYS A 687 -0.06 -14.80 -30.83
CA LYS A 687 0.34 -15.69 -31.89
C LYS A 687 1.82 -15.48 -32.23
N LEU A 688 2.22 -14.22 -32.33
CA LEU A 688 3.63 -13.89 -32.58
C LEU A 688 4.54 -14.31 -31.43
N PHE A 689 4.14 -14.06 -30.19
CA PHE A 689 4.96 -14.48 -29.06
C PHE A 689 5.19 -15.99 -29.01
N ASP A 690 4.12 -16.78 -29.11
CA ASP A 690 4.22 -18.24 -29.07
C ASP A 690 5.12 -18.79 -30.16
N ASP A 691 5.03 -18.22 -31.34
CA ASP A 691 5.89 -18.63 -32.44
C ASP A 691 7.34 -18.22 -32.20
N TRP A 692 7.54 -17.10 -31.51
CA TRP A 692 8.89 -16.66 -31.20
C TRP A 692 9.46 -17.56 -30.12
N MET A 693 8.66 -17.85 -29.10
CA MET A 693 9.06 -18.72 -27.98
C MET A 693 9.31 -20.18 -28.39
N ALA A 694 8.42 -20.74 -29.21
CA ALA A 694 8.61 -22.11 -29.70
C ALA A 694 9.80 -22.22 -30.65
N SER A 695 10.32 -21.11 -31.13
CA SER A 695 11.51 -21.17 -31.96
C SER A 695 12.77 -20.80 -31.17
N ASN A 696 12.70 -20.85 -29.84
CA ASN A 696 13.80 -20.38 -29.00
C ASN A 696 14.34 -19.00 -29.47
N GLY A 697 13.44 -18.03 -29.64
CA GLY A 697 13.78 -16.69 -30.08
C GLY A 697 14.60 -16.60 -31.36
N THR A 698 14.16 -17.30 -32.39
CA THR A 698 14.88 -17.38 -33.66
C THR A 698 14.09 -16.67 -34.77
N GLN A 699 12.82 -17.05 -34.93
CA GLN A 699 11.95 -16.42 -35.91
CA GLN A 699 11.95 -16.42 -35.91
C GLN A 699 11.78 -14.95 -35.59
N SER A 700 12.61 -14.12 -36.21
CA SER A 700 12.64 -12.70 -35.95
C SER A 700 11.28 -12.06 -35.71
N LEU A 701 11.20 -11.25 -34.66
CA LEU A 701 10.10 -10.33 -34.46
C LEU A 701 10.48 -8.98 -35.03
N PRO A 702 9.57 -8.36 -35.78
CA PRO A 702 9.78 -6.96 -36.19
C PRO A 702 10.04 -6.07 -34.97
N THR A 703 11.18 -5.38 -34.94
CA THR A 703 11.57 -4.56 -33.78
C THR A 703 10.52 -3.51 -33.33
N ASP A 704 9.56 -3.18 -34.18
CA ASP A 704 8.58 -2.17 -33.84
C ASP A 704 7.38 -2.73 -33.07
N VAL A 705 7.30 -4.04 -32.91
CA VAL A 705 6.16 -4.60 -32.21
C VAL A 705 6.60 -5.52 -31.06
N MET A 706 7.92 -5.61 -30.84
CA MET A 706 8.51 -6.45 -29.78
C MET A 706 7.93 -6.20 -28.38
N THR A 707 8.01 -4.95 -27.94
CA THR A 707 7.52 -4.54 -26.64
C THR A 707 6.09 -5.00 -26.43
N THR A 708 5.26 -4.77 -27.43
CA THR A 708 3.86 -5.21 -27.41
C THR A 708 3.72 -6.72 -27.33
N VAL A 709 4.48 -7.43 -28.18
CA VAL A 709 4.47 -8.90 -28.25
C VAL A 709 5.00 -9.48 -26.93
N PHE A 710 6.12 -8.95 -26.45
CA PHE A 710 6.66 -9.36 -25.16
C PHE A 710 5.70 -9.05 -24.01
N LYS A 711 5.01 -7.91 -24.05
CA LYS A 711 4.11 -7.59 -22.93
C LYS A 711 3.04 -8.65 -22.82
N VAL A 712 2.56 -9.11 -23.97
CA VAL A 712 1.42 -10.00 -23.98
C VAL A 712 1.87 -11.40 -23.60
N GLY A 713 3.06 -11.82 -24.06
CA GLY A 713 3.62 -13.08 -23.64
C GLY A 713 3.90 -13.15 -22.15
N ALA A 714 4.37 -12.04 -21.59
CA ALA A 714 4.75 -12.04 -20.19
C ALA A 714 3.56 -12.19 -19.25
N LYS A 715 2.35 -12.11 -19.79
CA LYS A 715 1.17 -12.23 -18.96
C LYS A 715 0.95 -13.67 -18.51
N THR A 716 1.69 -14.60 -19.11
CA THR A 716 1.68 -16.02 -18.70
C THR A 716 2.95 -16.42 -17.91
N ASP A 717 2.82 -17.36 -16.96
CA ASP A 717 3.97 -18.01 -16.34
C ASP A 717 5.02 -18.51 -17.33
N LYS A 718 4.57 -19.35 -18.25
CA LYS A 718 5.45 -19.96 -19.24
C LYS A 718 6.22 -18.88 -20.03
N GLY A 719 5.52 -17.81 -20.40
CA GLY A 719 6.10 -16.73 -21.17
C GLY A 719 7.03 -15.84 -20.37
N TRP A 720 6.59 -15.52 -19.15
CA TRP A 720 7.36 -14.74 -18.21
C TRP A 720 8.71 -15.40 -17.92
N SER A 721 8.66 -16.66 -17.50
CA SER A 721 9.88 -17.44 -17.29
C SER A 721 10.77 -17.45 -18.53
N PHE A 722 10.16 -17.61 -19.69
CA PHE A 722 10.97 -17.72 -20.90
C PHE A 722 11.67 -16.40 -21.19
N LEU A 723 10.96 -15.30 -20.98
CA LEU A 723 11.53 -13.96 -21.17
C LEU A 723 12.68 -13.68 -20.21
N LEU A 724 12.48 -13.99 -18.93
CA LEU A 724 13.55 -13.90 -17.95
C LEU A 724 14.82 -14.64 -18.42
N GLY A 725 14.65 -15.89 -18.86
CA GLY A 725 15.73 -16.63 -19.45
C GLY A 725 16.47 -15.90 -20.56
N LYS A 726 15.73 -15.20 -21.43
CA LYS A 726 16.38 -14.40 -22.49
C LYS A 726 17.11 -13.17 -21.94
N TYR A 727 16.48 -12.47 -21.00
CA TYR A 727 17.08 -11.28 -20.39
C TYR A 727 18.45 -11.56 -19.76
N ILE A 728 18.59 -12.68 -19.06
CA ILE A 728 19.86 -12.93 -18.40
C ILE A 728 20.89 -13.56 -19.35
N SER A 729 20.61 -13.61 -20.64
CA SER A 729 21.56 -14.31 -21.52
C SER A 729 21.84 -13.71 -22.90
N ILE A 730 20.92 -12.94 -23.48
CA ILE A 730 21.19 -12.34 -24.79
C ILE A 730 22.13 -11.13 -24.69
N GLY A 731 22.72 -10.75 -25.81
CA GLY A 731 23.72 -9.70 -25.84
C GLY A 731 23.25 -8.31 -26.23
N SER A 732 22.01 -8.18 -26.69
CA SER A 732 21.50 -6.85 -27.06
C SER A 732 20.78 -6.16 -25.91
N GLU A 733 21.37 -5.06 -25.44
CA GLU A 733 20.80 -4.28 -24.35
C GLU A 733 19.50 -3.60 -24.78
N ALA A 734 19.32 -3.37 -26.08
CA ALA A 734 18.08 -2.74 -26.54
C ALA A 734 16.93 -3.71 -26.38
N GLU A 735 17.13 -4.95 -26.81
CA GLU A 735 16.12 -5.98 -26.68
C GLU A 735 15.85 -6.31 -25.19
N LYS A 736 16.91 -6.41 -24.39
CA LYS A 736 16.75 -6.69 -22.95
C LYS A 736 15.83 -5.66 -22.31
N ASN A 737 15.95 -4.41 -22.75
CA ASN A 737 15.12 -3.34 -22.20
C ASN A 737 13.65 -3.51 -22.54
N LYS A 738 13.37 -4.01 -23.73
CA LYS A 738 11.98 -4.23 -24.12
C LYS A 738 11.45 -5.42 -23.32
N ILE A 739 12.30 -6.42 -23.15
CA ILE A 739 11.96 -7.57 -22.31
C ILE A 739 11.64 -7.14 -20.88
N LEU A 740 12.53 -6.32 -20.31
CA LEU A 740 12.36 -5.89 -18.91
C LEU A 740 11.05 -5.15 -18.71
N GLU A 741 10.70 -4.31 -19.67
CA GLU A 741 9.41 -3.62 -19.62
C GLU A 741 8.25 -4.61 -19.61
N ALA A 742 8.40 -5.72 -20.34
CA ALA A 742 7.35 -6.74 -20.38
C ALA A 742 7.23 -7.43 -19.04
N LEU A 743 8.38 -7.89 -18.50
CA LEU A 743 8.43 -8.55 -17.19
C LEU A 743 7.75 -7.70 -16.13
N ALA A 744 8.09 -6.42 -16.12
CA ALA A 744 7.58 -5.50 -15.11
C ALA A 744 6.13 -5.09 -15.38
N SER A 745 5.53 -5.65 -16.44
CA SER A 745 4.13 -5.38 -16.78
C SER A 745 3.24 -6.56 -16.40
N SER A 746 3.85 -7.59 -15.82
CA SER A 746 3.13 -8.74 -15.31
C SER A 746 2.10 -8.31 -14.30
N GLU A 747 1.01 -9.07 -14.18
CA GLU A 747 -0.02 -8.75 -13.21
C GLU A 747 0.19 -9.52 -11.94
N ASP A 748 1.26 -10.31 -11.88
CA ASP A 748 1.57 -11.07 -10.68
C ASP A 748 2.46 -10.25 -9.73
N VAL A 749 1.93 -10.00 -8.54
CA VAL A 749 2.54 -9.11 -7.57
C VAL A 749 3.87 -9.66 -7.00
N ARG A 750 3.93 -10.97 -6.76
CA ARG A 750 5.16 -11.56 -6.26
C ARG A 750 6.31 -11.34 -7.25
N LYS A 751 6.01 -11.42 -8.54
CA LYS A 751 7.03 -11.19 -9.57
C LYS A 751 7.44 -9.74 -9.61
N LEU A 752 6.46 -8.84 -9.59
CA LEU A 752 6.77 -7.43 -9.59
C LEU A 752 7.63 -7.07 -8.37
N TYR A 753 7.33 -7.69 -7.23
CA TYR A 753 8.12 -7.40 -6.04
C TYR A 753 9.54 -7.92 -6.22
N TRP A 754 9.66 -9.14 -6.73
CA TRP A 754 10.97 -9.73 -7.00
C TRP A 754 11.83 -8.88 -7.95
N LEU A 755 11.22 -8.25 -8.96
CA LEU A 755 11.99 -7.44 -9.92
C LEU A 755 12.62 -6.24 -9.24
N MET A 756 11.87 -5.59 -8.35
CA MET A 756 12.36 -4.41 -7.69
C MET A 756 13.46 -4.76 -6.69
N LYS A 757 13.20 -5.79 -5.89
CA LYS A 757 14.16 -6.19 -4.87
C LYS A 757 15.47 -6.67 -5.50
N SER A 758 15.33 -7.43 -6.60
CA SER A 758 16.50 -7.92 -7.32
C SER A 758 17.32 -6.74 -7.82
N SER A 759 16.68 -5.81 -8.52
CA SER A 759 17.40 -4.66 -9.04
C SER A 759 18.05 -3.78 -7.97
N LEU A 760 17.42 -3.62 -6.81
CA LEU A 760 18.02 -2.77 -5.79
C LEU A 760 19.32 -3.40 -5.28
N ASN A 761 19.38 -4.73 -5.34
CA ASN A 761 20.56 -5.44 -4.85
C ASN A 761 21.62 -5.70 -5.93
N GLY A 762 21.29 -5.45 -7.19
CA GLY A 762 22.12 -5.92 -8.31
C GLY A 762 21.61 -7.29 -8.74
N ASP A 763 22.46 -8.29 -8.71
CA ASP A 763 22.00 -9.68 -8.88
C ASP A 763 21.53 -10.00 -10.31
N ASN A 764 20.24 -9.93 -10.61
CA ASN A 764 19.86 -10.27 -11.98
C ASN A 764 19.70 -9.02 -12.84
N PHE A 765 19.26 -7.95 -12.20
CA PHE A 765 19.11 -6.71 -12.91
C PHE A 765 20.05 -5.72 -12.27
N ARG A 766 20.65 -4.86 -13.07
CA ARG A 766 21.49 -3.82 -12.51
C ARG A 766 20.65 -2.74 -11.86
N THR A 767 21.22 -2.05 -10.88
CA THR A 767 20.51 -1.04 -10.13
C THR A 767 20.24 0.18 -11.01
N GLN A 768 20.93 0.26 -12.13
CA GLN A 768 20.64 1.30 -13.11
C GLN A 768 19.25 1.11 -13.74
N LYS A 769 18.65 -0.07 -13.61
CA LYS A 769 17.31 -0.30 -14.18
C LYS A 769 16.22 -0.04 -13.16
N LEU A 770 16.57 0.38 -11.94
CA LEU A 770 15.63 0.36 -10.85
C LEU A 770 14.52 1.41 -10.99
N SER A 771 14.88 2.66 -11.29
CA SER A 771 13.87 3.69 -11.52
C SER A 771 12.88 3.29 -12.64
N PHE A 772 13.39 2.71 -13.71
CA PHE A 772 12.57 2.17 -14.79
C PHE A 772 11.64 1.01 -14.35
N ILE A 773 12.18 0.05 -13.60
CA ILE A 773 11.33 -1.03 -13.10
C ILE A 773 10.21 -0.50 -12.17
N ILE A 774 10.56 0.39 -11.23
CA ILE A 774 9.58 0.99 -10.31
C ILE A 774 8.54 1.81 -11.06
N ARG A 775 8.98 2.65 -11.99
CA ARG A 775 8.09 3.39 -12.90
C ARG A 775 7.05 2.43 -13.49
N THR A 776 7.53 1.35 -14.09
CA THR A 776 6.66 0.48 -14.82
C THR A 776 5.69 -0.22 -13.90
N VAL A 777 6.17 -0.67 -12.74
CA VAL A 777 5.34 -1.39 -11.78
C VAL A 777 4.23 -0.51 -11.20
N GLY A 778 4.56 0.74 -10.91
CA GLY A 778 3.63 1.66 -10.27
C GLY A 778 2.50 2.19 -11.14
N ARG A 779 2.62 1.95 -12.44
CA ARG A 779 1.76 2.57 -13.46
C ARG A 779 0.41 1.84 -13.60
N HIS A 780 0.42 0.55 -13.39
CA HIS A 780 -0.78 -0.24 -13.57
C HIS A 780 -1.35 -0.66 -12.23
N PHE A 781 -2.53 -1.26 -12.26
CA PHE A 781 -3.26 -1.47 -11.01
C PHE A 781 -2.62 -2.43 -10.02
N PRO A 782 -2.19 -3.63 -10.47
CA PRO A 782 -1.66 -4.59 -9.48
C PRO A 782 -0.44 -4.09 -8.72
N GLY A 783 0.36 -3.21 -9.34
CA GLY A 783 1.64 -2.83 -8.76
C GLY A 783 1.61 -1.43 -8.21
N HIS A 784 0.44 -0.78 -8.30
CA HIS A 784 0.32 0.61 -7.88
C HIS A 784 0.73 0.78 -6.43
N LEU A 785 0.09 0.05 -5.53
CA LEU A 785 0.42 0.19 -4.11
C LEU A 785 1.81 -0.36 -3.81
N LEU A 786 2.25 -1.33 -4.60
CA LEU A 786 3.50 -2.04 -4.38
C LEU A 786 4.77 -1.18 -4.59
N ALA A 787 4.77 -0.37 -5.64
CA ALA A 787 5.89 0.52 -5.96
C ALA A 787 6.10 1.55 -4.89
N TRP A 788 5.03 2.25 -4.53
CA TRP A 788 5.14 3.27 -3.51
C TRP A 788 5.65 2.65 -2.19
N ASP A 789 5.06 1.53 -1.78
CA ASP A 789 5.51 0.81 -0.60
C ASP A 789 6.97 0.42 -0.72
N PHE A 790 7.38 0.02 -1.92
CA PHE A 790 8.77 -0.30 -2.11
C PHE A 790 9.67 0.90 -1.87
N VAL A 791 9.24 2.04 -2.37
CA VAL A 791 10.01 3.27 -2.22
C VAL A 791 10.12 3.67 -0.75
N LYS A 792 9.04 3.55 0.00
CA LYS A 792 9.06 3.92 1.42
C LYS A 792 9.94 2.98 2.25
N GLU A 793 9.72 1.68 2.13
CA GLU A 793 10.48 0.70 2.93
C GLU A 793 11.96 0.67 2.59
N ASN A 794 12.34 1.03 1.38
CA ASN A 794 13.75 1.00 1.05
C ASN A 794 14.30 2.39 0.93
N TRP A 795 13.63 3.35 1.56
CA TRP A 795 13.95 4.74 1.28
C TRP A 795 15.43 5.06 1.56
N ASN A 796 15.96 4.58 2.68
CA ASN A 796 17.34 4.89 3.05
C ASN A 796 18.37 4.24 2.18
N LYS A 797 18.08 3.04 1.69
CA LYS A 797 19.00 2.36 0.79
C LYS A 797 19.02 3.07 -0.57
N LEU A 798 17.88 3.65 -0.95
CA LEU A 798 17.78 4.38 -2.22
C LEU A 798 18.61 5.64 -2.12
N VAL A 799 18.51 6.32 -0.99
CA VAL A 799 19.22 7.58 -0.82
C VAL A 799 20.73 7.35 -0.69
N GLN A 800 21.11 6.20 -0.13
CA GLN A 800 22.51 5.78 -0.11
C GLN A 800 23.09 5.62 -1.52
N LYS A 801 22.29 5.14 -2.47
CA LYS A 801 22.72 4.90 -3.85
C LYS A 801 22.53 6.13 -4.75
N PHE A 802 21.54 6.95 -4.40
CA PHE A 802 21.20 8.15 -5.18
C PHE A 802 20.88 9.30 -4.23
N PRO A 803 21.81 10.24 -4.08
CA PRO A 803 21.64 11.32 -3.10
C PRO A 803 20.36 12.16 -3.25
N LEU A 804 19.92 12.75 -2.14
CA LEU A 804 18.94 13.81 -2.21
C LEU A 804 19.59 14.97 -2.93
N GLY A 805 18.89 15.65 -3.82
CA GLY A 805 17.70 15.18 -4.48
C GLY A 805 18.15 15.23 -5.94
N SER A 806 18.74 14.12 -6.35
CA SER A 806 19.19 13.89 -7.70
C SER A 806 18.05 13.46 -8.61
N TYR A 807 18.36 13.41 -9.90
CA TYR A 807 17.33 13.13 -10.89
C TYR A 807 16.68 11.76 -10.64
N THR A 808 17.47 10.74 -10.33
CA THR A 808 16.95 9.38 -10.13
C THR A 808 15.89 9.33 -9.01
N ILE A 809 16.19 9.95 -7.86
CA ILE A 809 15.26 9.98 -6.74
C ILE A 809 14.00 10.76 -7.08
N GLN A 810 14.16 11.87 -7.77
CA GLN A 810 12.99 12.66 -8.09
C GLN A 810 12.12 11.84 -9.07
N ASN A 811 12.78 11.09 -9.95
CA ASN A 811 12.06 10.20 -10.86
C ASN A 811 11.29 9.12 -10.09
N ILE A 812 11.93 8.59 -9.06
CA ILE A 812 11.32 7.50 -8.32
C ILE A 812 10.13 8.02 -7.49
N VAL A 813 10.30 9.19 -6.87
CA VAL A 813 9.25 9.76 -6.05
C VAL A 813 8.04 10.15 -6.89
N ALA A 814 8.31 10.80 -8.01
CA ALA A 814 7.28 11.26 -8.93
C ALA A 814 6.51 10.09 -9.53
N GLY A 815 7.23 9.06 -9.94
CA GLY A 815 6.63 8.00 -10.72
C GLY A 815 5.81 7.05 -9.87
N SER A 816 5.99 7.13 -8.56
CA SER A 816 5.26 6.22 -7.69
C SER A 816 4.23 6.94 -6.85
N THR A 817 4.01 8.22 -7.12
CA THR A 817 3.03 9.03 -6.38
C THR A 817 2.07 9.84 -7.25
N TYR A 818 2.32 9.96 -8.54
CA TYR A 818 1.60 10.96 -9.34
C TYR A 818 0.21 10.45 -9.76
N LEU A 819 -0.09 9.19 -9.47
CA LEU A 819 -1.40 8.66 -9.79
C LEU A 819 -2.26 8.56 -8.54
N PHE A 820 -1.87 9.27 -7.49
CA PHE A 820 -2.64 9.33 -6.23
C PHE A 820 -3.63 10.49 -6.31
N SER A 821 -4.92 10.24 -6.02
CA SER A 821 -5.93 11.28 -6.15
C SER A 821 -6.90 11.42 -4.97
N THR A 822 -6.47 11.06 -3.78
CA THR A 822 -7.31 11.29 -2.62
C THR A 822 -6.57 12.06 -1.52
N LYS A 823 -7.33 12.84 -0.76
CA LYS A 823 -6.87 13.45 0.48
C LYS A 823 -6.14 12.46 1.38
N THR A 824 -6.63 11.23 1.45
CA THR A 824 -6.01 10.20 2.29
C THR A 824 -4.58 9.86 1.84
N HIS A 825 -4.37 9.68 0.54
CA HIS A 825 -3.01 9.52 0.05
C HIS A 825 -2.16 10.77 0.25
N LEU A 826 -2.78 11.95 0.09
CA LEU A 826 -2.03 13.19 0.28
C LEU A 826 -1.45 13.25 1.69
N SER A 827 -2.31 13.09 2.69
CA SER A 827 -1.84 13.02 4.06
C SER A 827 -0.79 11.92 4.25
N GLU A 828 -0.95 10.78 3.58
CA GLU A 828 -0.04 9.67 3.81
C GLU A 828 1.36 10.02 3.29
N VAL A 829 1.43 10.57 2.08
CA VAL A 829 2.70 10.90 1.45
C VAL A 829 3.40 12.01 2.23
N GLN A 830 2.63 13.00 2.65
CA GLN A 830 3.12 14.11 3.46
C GLN A 830 3.70 13.63 4.80
N ALA A 831 2.95 12.77 5.48
CA ALA A 831 3.38 12.23 6.78
C ALA A 831 4.64 11.39 6.64
N PHE A 832 4.75 10.65 5.54
CA PHE A 832 5.92 9.82 5.35
C PHE A 832 7.15 10.70 5.25
N PHE A 833 7.08 11.76 4.45
CA PHE A 833 8.27 12.57 4.22
C PHE A 833 8.60 13.43 5.44
N GLU A 834 7.57 13.81 6.19
CA GLU A 834 7.78 14.55 7.45
CA GLU A 834 7.84 14.58 7.41
C GLU A 834 8.57 13.72 8.45
N ASN A 835 8.36 12.41 8.44
CA ASN A 835 9.12 11.54 9.34
C ASN A 835 10.51 11.20 8.84
N GLN A 836 10.91 11.69 7.68
CA GLN A 836 12.27 11.43 7.24
C GLN A 836 13.20 12.43 7.87
N SER A 837 12.85 13.69 7.71
CA SER A 837 13.51 14.83 8.32
C SER A 837 12.84 16.03 7.72
N GLU A 838 12.89 17.16 8.42
CA GLU A 838 12.32 18.41 7.92
C GLU A 838 13.01 18.84 6.62
N ALA A 839 14.33 18.60 6.53
CA ALA A 839 15.10 18.85 5.32
C ALA A 839 14.59 18.05 4.09
N THR A 840 14.32 16.75 4.27
CA THR A 840 13.82 15.93 3.17
C THR A 840 12.44 16.39 2.70
N PHE A 841 11.59 16.75 3.66
CA PHE A 841 10.22 17.16 3.36
C PHE A 841 10.13 18.51 2.66
N ARG A 842 11.17 19.32 2.85
CA ARG A 842 11.21 20.65 2.26
CA ARG A 842 11.22 20.65 2.25
C ARG A 842 11.85 20.62 0.86
N LEU A 843 12.31 19.45 0.43
CA LEU A 843 12.87 19.33 -0.93
C LEU A 843 11.84 19.58 -2.03
N ARG A 844 12.26 20.23 -3.10
CA ARG A 844 11.38 20.53 -4.21
C ARG A 844 10.69 19.28 -4.73
N CYS A 845 11.47 18.20 -4.86
CA CYS A 845 10.98 16.87 -5.22
C CYS A 845 9.72 16.49 -4.44
N VAL A 846 9.81 16.60 -3.13
CA VAL A 846 8.70 16.23 -2.27
C VAL A 846 7.54 17.20 -2.47
N GLN A 847 7.85 18.49 -2.52
CA GLN A 847 6.81 19.52 -2.63
C GLN A 847 6.06 19.45 -3.96
N GLU A 848 6.76 19.08 -5.04
CA GLU A 848 6.09 18.93 -6.33
C GLU A 848 5.19 17.70 -6.32
N ALA A 849 5.63 16.63 -5.67
CA ALA A 849 4.77 15.45 -5.52
C ALA A 849 3.51 15.78 -4.72
N LEU A 850 3.64 16.57 -3.67
CA LEU A 850 2.46 16.85 -2.85
C LEU A 850 1.53 17.75 -3.66
N GLU A 851 2.12 18.59 -4.52
CA GLU A 851 1.30 19.50 -5.30
C GLU A 851 0.57 18.77 -6.44
N VAL A 852 1.24 17.82 -7.08
CA VAL A 852 0.62 17.05 -8.17
C VAL A 852 -0.57 16.27 -7.65
N ILE A 853 -0.46 15.73 -6.44
CA ILE A 853 -1.55 15.00 -5.82
C ILE A 853 -2.73 15.92 -5.51
N GLN A 854 -2.48 17.10 -4.93
CA GLN A 854 -3.54 18.06 -4.69
CA GLN A 854 -3.54 18.06 -4.70
C GLN A 854 -4.26 18.40 -6.01
N LEU A 855 -3.51 18.59 -7.10
CA LEU A 855 -4.11 18.86 -8.39
C LEU A 855 -4.94 17.69 -8.90
N ASN A 856 -4.47 16.46 -8.68
CA ASN A 856 -5.26 15.26 -8.98
C ASN A 856 -6.60 15.27 -8.28
N ILE A 857 -6.59 15.59 -6.99
CA ILE A 857 -7.79 15.72 -6.19
C ILE A 857 -8.76 16.81 -6.71
N GLN A 858 -8.24 17.98 -7.07
CA GLN A 858 -9.10 19.03 -7.58
C GLN A 858 -9.64 18.68 -8.95
N TRP A 859 -8.85 17.92 -9.71
CA TRP A 859 -9.27 17.55 -11.06
C TRP A 859 -10.47 16.64 -11.01
N MET A 860 -10.46 15.70 -10.07
CA MET A 860 -11.59 14.80 -9.94
C MET A 860 -12.82 15.56 -9.51
N GLU A 861 -12.65 16.45 -8.53
CA GLU A 861 -13.82 17.14 -7.99
C GLU A 861 -14.38 18.16 -8.98
N LYS A 862 -13.71 18.35 -10.11
CA LYS A 862 -14.25 19.25 -11.13
C LYS A 862 -14.80 18.51 -12.32
N ASN A 863 -14.21 17.37 -12.66
CA ASN A 863 -14.51 16.72 -13.93
C ASN A 863 -15.11 15.32 -13.80
N LEU A 864 -15.19 14.79 -12.57
CA LEU A 864 -15.65 13.43 -12.41
C LEU A 864 -17.10 13.26 -12.85
N LYS A 865 -17.99 14.11 -12.34
CA LYS A 865 -19.40 14.03 -12.72
C LYS A 865 -19.61 14.39 -14.20
N SER A 866 -18.77 15.28 -14.74
CA SER A 866 -18.83 15.62 -16.16
C SER A 866 -18.54 14.38 -17.01
N LEU A 867 -17.38 13.79 -16.76
CA LEU A 867 -16.94 12.59 -17.44
C LEU A 867 -17.95 11.46 -17.29
N THR A 868 -18.44 11.24 -16.07
CA THR A 868 -19.46 10.24 -15.81
C THR A 868 -20.68 10.43 -16.70
N TRP A 869 -21.04 11.70 -16.95
CA TRP A 869 -22.19 12.02 -17.79
C TRP A 869 -21.92 11.85 -19.29
N TRP A 870 -20.78 12.35 -19.76
CA TRP A 870 -20.42 12.24 -21.16
C TRP A 870 -20.30 10.80 -21.64
N LEU A 871 -20.02 9.89 -20.71
CA LEU A 871 -19.73 8.52 -21.07
C LEU A 871 -20.87 7.56 -20.69
N ARG A 872 -22.01 8.14 -20.36
CA ARG A 872 -23.15 7.38 -19.82
C ARG A 872 -23.74 6.34 -20.78
N THR A 873 -23.49 6.51 -22.07
CA THR A 873 -24.07 5.63 -23.07
C THR A 873 -23.03 4.67 -23.66
N GLU A 874 -21.76 4.96 -23.40
CA GLU A 874 -20.67 4.16 -23.92
C GLU A 874 -20.66 2.76 -23.27
N THR A 875 -20.04 1.79 -23.94
CA THR A 875 -20.03 0.43 -23.44
C THR A 875 -18.75 0.14 -22.66
N SER A 876 -18.93 -0.22 -21.39
CA SER A 876 -17.83 -0.65 -20.56
C SER A 876 -17.38 -2.03 -21.03
N GLN A 877 -16.21 -2.43 -20.56
CA GLN A 877 -15.60 -3.71 -20.88
C GLN A 877 -15.53 -4.60 -19.63
N VAL A 878 -15.60 -3.95 -18.48
CA VAL A 878 -15.49 -4.60 -17.18
C VAL A 878 -16.82 -4.55 -16.43
N ALA A 879 -17.05 -5.51 -15.53
CA ALA A 879 -18.20 -5.56 -14.64
C ALA A 879 -18.02 -4.56 -13.51
N PRO A 880 -19.06 -3.74 -13.24
CA PRO A 880 -18.92 -2.74 -12.18
C PRO A 880 -19.14 -3.37 -10.80
N ALA A 881 -18.57 -2.75 -9.78
CA ALA A 881 -18.75 -3.23 -8.41
C ALA A 881 -20.00 -2.64 -7.77
N LEU B 6 -30.27 24.37 28.92
CA LEU B 6 -31.70 24.09 28.76
C LEU B 6 -31.97 22.61 29.01
N PHE B 7 -31.33 21.72 28.26
CA PHE B 7 -31.55 20.28 28.47
C PHE B 7 -31.17 19.82 29.88
N PRO B 8 -32.16 19.31 30.63
CA PRO B 8 -32.08 19.20 32.08
C PRO B 8 -31.36 17.96 32.58
N TRP B 9 -30.32 17.53 31.88
CA TRP B 9 -29.54 16.36 32.31
C TRP B 9 -28.23 16.35 31.52
N ALA B 10 -27.14 15.91 32.13
CA ALA B 10 -25.85 16.06 31.46
C ALA B 10 -24.98 14.80 31.50
N GLN B 11 -25.44 13.77 32.19
CA GLN B 11 -24.70 12.51 32.23
C GLN B 11 -25.15 11.53 31.15
N ILE B 12 -24.22 10.66 30.75
CA ILE B 12 -24.49 9.57 29.83
C ILE B 12 -25.48 8.55 30.42
N ARG B 13 -25.29 8.20 31.69
CA ARG B 13 -26.21 7.29 32.36
C ARG B 13 -27.51 8.00 32.70
N LEU B 14 -28.60 7.26 32.67
CA LEU B 14 -29.91 7.81 32.98
C LEU B 14 -29.99 8.11 34.47
N PRO B 15 -30.88 9.04 34.83
CA PRO B 15 -31.20 9.21 36.25
C PRO B 15 -31.75 7.93 36.81
N THR B 16 -31.60 7.75 38.12
CA THR B 16 -32.17 6.61 38.81
C THR B 16 -33.58 6.92 39.31
N ALA B 17 -33.95 8.20 39.28
CA ALA B 17 -35.20 8.68 39.91
C ALA B 17 -36.50 8.00 39.43
N VAL B 18 -36.59 7.73 38.13
CA VAL B 18 -37.77 7.13 37.52
C VAL B 18 -37.44 5.79 36.90
N VAL B 19 -38.18 4.74 37.26
CA VAL B 19 -37.96 3.43 36.63
C VAL B 19 -39.25 2.88 36.02
N PRO B 20 -39.15 2.34 34.80
CA PRO B 20 -40.22 1.66 34.05
C PRO B 20 -40.75 0.40 34.72
N LEU B 21 -42.02 0.10 34.50
CA LEU B 21 -42.62 -1.13 35.00
C LEU B 21 -43.16 -1.92 33.85
N ARG B 22 -43.85 -1.26 32.95
CA ARG B 22 -44.55 -1.94 31.86
C ARG B 22 -44.51 -1.09 30.61
N TYR B 23 -44.20 -1.71 29.48
CA TYR B 23 -44.24 -1.01 28.21
C TYR B 23 -45.40 -1.57 27.41
N GLU B 24 -46.03 -0.73 26.62
CA GLU B 24 -46.95 -1.19 25.60
C GLU B 24 -46.57 -0.51 24.29
N LEU B 25 -46.04 -1.31 23.38
CA LEU B 25 -45.49 -0.81 22.13
C LEU B 25 -46.37 -1.30 21.02
N SER B 26 -46.93 -0.36 20.24
CA SER B 26 -47.75 -0.76 19.10
C SER B 26 -47.12 -0.20 17.83
N LEU B 27 -46.88 -1.09 16.88
CA LEU B 27 -46.13 -0.71 15.68
C LEU B 27 -46.86 -0.94 14.38
N HIS B 28 -46.66 0.00 13.46
CA HIS B 28 -47.19 -0.12 12.13
C HIS B 28 -46.04 -0.03 11.16
N PRO B 29 -45.39 -1.15 10.86
CA PRO B 29 -44.30 -1.07 9.88
C PRO B 29 -44.79 -1.19 8.45
N ASN B 30 -44.22 -0.41 7.54
CA ASN B 30 -44.38 -0.68 6.12
C ASN B 30 -43.05 -1.09 5.49
N LEU B 31 -42.93 -2.37 5.15
CA LEU B 31 -41.67 -2.91 4.62
C LEU B 31 -41.35 -2.32 3.24
N THR B 32 -42.39 -2.05 2.46
CA THR B 32 -42.23 -1.49 1.13
C THR B 32 -41.58 -0.10 1.16
N SER B 33 -42.09 0.76 2.04
CA SER B 33 -41.61 2.13 2.12
C SER B 33 -40.47 2.33 3.13
N MET B 34 -40.17 1.28 3.91
CA MET B 34 -39.10 1.31 4.92
C MET B 34 -39.30 2.42 5.96
N THR B 35 -40.53 2.49 6.46
CA THR B 35 -40.91 3.42 7.53
C THR B 35 -41.83 2.72 8.51
N PHE B 36 -41.98 3.28 9.69
CA PHE B 36 -42.99 2.78 10.62
C PHE B 36 -43.48 3.89 11.51
N ARG B 37 -44.63 3.66 12.10
CA ARG B 37 -45.29 4.59 12.99
C ARG B 37 -45.53 3.84 14.28
N GLY B 38 -45.43 4.54 15.41
CA GLY B 38 -45.46 3.87 16.70
C GLY B 38 -46.07 4.60 17.88
N SER B 39 -46.58 3.81 18.81
CA SER B 39 -47.07 4.31 20.07
C SER B 39 -46.47 3.49 21.21
N VAL B 40 -45.69 4.13 22.07
CA VAL B 40 -45.20 3.51 23.31
C VAL B 40 -46.01 4.04 24.47
N THR B 41 -46.41 3.17 25.38
CA THR B 41 -47.02 3.65 26.61
C THR B 41 -46.27 3.05 27.77
N ILE B 42 -45.48 3.88 28.44
CA ILE B 42 -44.62 3.45 29.53
C ILE B 42 -45.26 3.69 30.88
N SER B 43 -45.41 2.62 31.66
CA SER B 43 -45.84 2.75 33.04
C SER B 43 -44.62 2.84 33.95
N VAL B 44 -44.47 4.00 34.59
CA VAL B 44 -43.31 4.27 35.43
C VAL B 44 -43.70 4.50 36.89
N GLN B 45 -42.69 4.50 37.74
CA GLN B 45 -42.83 4.82 39.14
C GLN B 45 -41.66 5.71 39.52
N ALA B 46 -41.92 6.74 40.31
CA ALA B 46 -40.83 7.60 40.77
C ALA B 46 -40.27 7.06 42.08
N LEU B 47 -38.95 7.04 42.18
CA LEU B 47 -38.32 6.59 43.41
C LEU B 47 -38.00 7.80 44.26
N GLN B 48 -37.85 8.95 43.62
CA GLN B 48 -37.70 10.20 44.35
C GLN B 48 -38.43 11.33 43.61
N VAL B 49 -38.42 12.52 44.17
CA VAL B 49 -39.10 13.68 43.60
C VAL B 49 -38.32 14.24 42.43
N THR B 50 -39.03 14.51 41.34
CA THR B 50 -38.36 15.09 40.18
C THR B 50 -39.38 15.74 39.27
N TRP B 51 -38.89 16.67 38.45
CA TRP B 51 -39.71 17.40 37.49
C TRP B 51 -39.44 16.94 36.08
N ASN B 52 -38.49 16.02 35.92
CA ASN B 52 -38.19 15.55 34.57
C ASN B 52 -38.05 14.04 34.46
N ILE B 53 -38.26 13.57 33.24
CA ILE B 53 -38.09 12.18 32.87
C ILE B 53 -37.12 12.14 31.71
N ILE B 54 -36.02 11.42 31.89
CA ILE B 54 -35.00 11.34 30.84
C ILE B 54 -35.03 9.96 30.28
N LEU B 55 -35.00 9.89 28.96
CA LEU B 55 -35.31 8.68 28.20
C LEU B 55 -34.30 8.55 27.12
N HIS B 56 -34.21 7.37 26.53
CA HIS B 56 -33.44 7.20 25.30
C HIS B 56 -34.35 7.21 24.05
N SER B 57 -33.94 7.96 23.04
CA SER B 57 -34.65 8.04 21.76
C SER B 57 -33.74 8.68 20.72
N THR B 58 -33.67 8.06 19.55
CA THR B 58 -32.90 8.59 18.40
C THR B 58 -33.65 8.40 17.08
N GLY B 59 -33.52 9.35 16.16
CA GLY B 59 -34.17 9.27 14.86
C GLY B 59 -35.69 9.13 14.86
N HIS B 60 -36.34 9.62 15.90
CA HIS B 60 -37.79 9.56 16.00
C HIS B 60 -38.42 10.93 15.80
N ASN B 61 -39.43 11.00 14.94
CA ASN B 61 -40.20 12.20 14.77
C ASN B 61 -41.37 12.11 15.74
N ILE B 62 -41.31 12.89 16.82
CA ILE B 62 -42.30 12.73 17.88
C ILE B 62 -43.43 13.72 17.71
N SER B 63 -44.65 13.20 17.70
CA SER B 63 -45.82 14.00 17.37
C SER B 63 -46.58 14.46 18.60
N ARG B 64 -46.74 13.56 19.56
CA ARG B 64 -47.57 13.86 20.72
C ARG B 64 -47.00 13.17 21.93
N VAL B 65 -46.75 13.91 23.00
CA VAL B 65 -46.31 13.31 24.24
C VAL B 65 -47.33 13.58 25.32
N THR B 66 -47.44 12.66 26.26
CA THR B 66 -48.60 12.70 27.13
C THR B 66 -48.38 12.09 28.50
N PHE B 67 -48.42 12.95 29.51
CA PHE B 67 -48.15 12.55 30.89
C PHE B 67 -49.47 12.36 31.62
N MET B 68 -49.54 11.32 32.43
CA MET B 68 -50.74 11.01 33.16
C MET B 68 -50.47 10.39 34.53
N SER B 69 -50.83 11.12 35.57
CA SER B 69 -50.69 10.60 36.92
C SER B 69 -51.67 9.46 37.11
N ALA B 70 -51.36 8.56 38.05
CA ALA B 70 -52.13 7.33 38.22
C ALA B 70 -53.26 7.48 39.22
N VAL B 71 -53.00 8.22 40.30
CA VAL B 71 -53.97 8.35 41.39
C VAL B 71 -55.17 9.24 41.02
N SER B 72 -54.96 10.16 40.07
CA SER B 72 -55.96 11.17 39.75
C SER B 72 -56.56 10.95 38.37
N SER B 73 -55.77 10.30 37.53
CA SER B 73 -56.17 9.81 36.22
C SER B 73 -56.30 10.88 35.15
N GLN B 74 -56.01 12.14 35.46
CA GLN B 74 -56.23 13.11 34.40
C GLN B 74 -55.01 13.25 33.50
N GLU B 75 -55.34 13.45 32.23
CA GLU B 75 -54.46 13.28 31.10
C GLU B 75 -53.89 14.64 30.68
N LYS B 76 -52.57 14.78 30.53
CA LYS B 76 -52.00 16.07 30.10
C LYS B 76 -50.82 15.98 29.12
N GLN B 77 -50.79 16.86 28.13
CA GLN B 77 -49.66 16.92 27.21
C GLN B 77 -48.41 17.52 27.86
N ALA B 78 -47.24 17.10 27.39
CA ALA B 78 -45.99 17.63 27.93
C ALA B 78 -45.01 17.93 26.82
N GLU B 79 -44.14 18.93 27.03
CA GLU B 79 -43.14 19.30 26.04
C GLU B 79 -42.05 18.22 25.97
N ILE B 80 -41.33 18.20 24.86
CA ILE B 80 -40.21 17.29 24.67
C ILE B 80 -38.95 18.00 24.22
N LEU B 81 -37.86 17.73 24.93
CA LEU B 81 -36.56 18.22 24.57
C LEU B 81 -35.70 17.07 24.05
N GLU B 82 -34.75 17.38 23.17
CA GLU B 82 -33.88 16.36 22.63
C GLU B 82 -32.42 16.75 22.75
N TYR B 83 -31.61 15.77 23.14
CA TYR B 83 -30.16 15.92 23.18
C TYR B 83 -29.55 14.74 22.42
N ALA B 84 -29.43 14.91 21.11
CA ALA B 84 -29.10 13.81 20.20
C ALA B 84 -27.73 13.19 20.48
N TYR B 85 -26.79 14.03 20.88
CA TYR B 85 -25.41 13.60 21.15
C TYR B 85 -25.29 12.55 22.26
N HIS B 86 -26.28 12.47 23.15
CA HIS B 86 -26.33 11.39 24.14
C HIS B 86 -27.50 10.44 23.91
N GLY B 87 -28.26 10.65 22.84
CA GLY B 87 -29.38 9.78 22.51
C GLY B 87 -30.53 9.92 23.50
N GLN B 88 -30.58 11.06 24.17
CA GLN B 88 -31.59 11.25 25.19
C GLN B 88 -32.65 12.25 24.78
N ILE B 89 -33.86 12.01 25.27
CA ILE B 89 -34.96 12.98 25.23
C ILE B 89 -35.38 13.30 26.65
N ALA B 90 -35.99 14.47 26.84
CA ALA B 90 -36.45 14.91 28.16
C ALA B 90 -37.94 15.24 28.11
N ILE B 91 -38.71 14.55 28.94
CA ILE B 91 -40.12 14.88 29.18
C ILE B 91 -40.20 16.01 30.18
N VAL B 92 -40.58 17.22 29.74
CA VAL B 92 -40.73 18.34 30.68
C VAL B 92 -42.04 18.23 31.44
N ALA B 93 -42.03 17.56 32.58
CA ALA B 93 -43.29 17.16 33.19
C ALA B 93 -44.11 18.35 33.67
N PRO B 94 -45.44 18.31 33.45
CA PRO B 94 -46.33 19.38 33.88
C PRO B 94 -46.54 19.43 35.39
N GLU B 95 -46.08 18.39 36.08
CA GLU B 95 -46.41 18.15 37.48
C GLU B 95 -45.29 17.34 38.15
N ALA B 96 -44.73 17.86 39.25
CA ALA B 96 -43.71 17.13 40.00
C ALA B 96 -44.08 15.68 40.29
N LEU B 97 -43.18 14.77 39.98
CA LEU B 97 -43.44 13.36 40.24
C LEU B 97 -43.06 13.05 41.67
N LEU B 98 -43.96 12.43 42.41
CA LEU B 98 -43.74 12.12 43.83
C LEU B 98 -43.21 10.71 44.07
N ALA B 99 -42.36 10.59 45.09
CA ALA B 99 -41.75 9.30 45.41
C ALA B 99 -42.80 8.24 45.80
N GLY B 100 -42.67 7.04 45.23
CA GLY B 100 -43.63 5.98 45.48
C GLY B 100 -44.78 5.98 44.49
N HIS B 101 -45.01 7.12 43.84
CA HIS B 101 -46.19 7.25 42.99
C HIS B 101 -46.01 6.68 41.59
N ASN B 102 -47.11 6.22 41.02
CA ASN B 102 -47.12 5.70 39.66
C ASN B 102 -47.54 6.76 38.63
N TYR B 103 -47.02 6.65 37.41
CA TYR B 103 -47.34 7.58 36.34
C TYR B 103 -47.28 6.81 35.04
N THR B 104 -47.89 7.38 34.01
CA THR B 104 -47.97 6.73 32.71
C THR B 104 -47.54 7.68 31.61
N LEU B 105 -46.65 7.19 30.76
CA LEU B 105 -46.00 7.99 29.75
C LEU B 105 -46.41 7.50 28.34
N LYS B 106 -46.91 8.42 27.51
CA LYS B 106 -47.30 8.05 26.15
C LYS B 106 -46.65 8.93 25.09
N ILE B 107 -45.98 8.28 24.14
CA ILE B 107 -45.25 8.97 23.09
C ILE B 107 -45.65 8.37 21.76
N GLU B 108 -46.11 9.24 20.85
CA GLU B 108 -46.46 8.82 19.50
C GLU B 108 -45.45 9.37 18.52
N TYR B 109 -44.96 8.53 17.63
CA TYR B 109 -43.85 8.94 16.79
C TYR B 109 -43.86 8.21 15.46
N SER B 110 -43.14 8.80 14.50
CA SER B 110 -42.83 8.16 13.24
C SER B 110 -41.29 8.00 13.14
N ALA B 111 -40.81 7.11 12.26
CA ALA B 111 -39.36 6.84 12.12
C ALA B 111 -39.05 6.09 10.81
N ASN B 112 -37.79 6.13 10.36
CA ASN B 112 -37.42 5.24 9.25
C ASN B 112 -37.17 3.84 9.79
N ILE B 113 -37.34 2.83 8.94
CA ILE B 113 -36.75 1.53 9.21
C ILE B 113 -35.29 1.59 8.75
N SER B 114 -34.40 0.96 9.51
CA SER B 114 -32.97 1.09 9.27
C SER B 114 -32.47 0.32 8.03
N SER B 115 -31.48 0.91 7.35
CA SER B 115 -30.78 0.34 6.21
C SER B 115 -29.47 -0.38 6.56
N SER B 116 -29.11 -0.34 7.83
CA SER B 116 -27.93 -1.07 8.31
C SER B 116 -28.38 -2.36 8.94
N TYR B 117 -27.54 -2.92 9.80
CA TYR B 117 -27.84 -4.20 10.41
C TYR B 117 -28.24 -4.01 11.87
N TYR B 118 -28.35 -2.76 12.26
CA TYR B 118 -28.49 -2.38 13.66
CA TYR B 118 -28.51 -2.41 13.66
C TYR B 118 -29.86 -1.71 13.85
N GLY B 119 -30.56 -2.02 14.93
CA GLY B 119 -31.87 -1.42 15.17
C GLY B 119 -33.04 -2.22 14.63
N PHE B 120 -34.15 -1.55 14.37
CA PHE B 120 -35.25 -2.17 13.65
C PHE B 120 -34.96 -1.96 12.17
N TYR B 121 -34.52 -3.01 11.50
CA TYR B 121 -33.92 -2.85 10.18
C TYR B 121 -34.59 -3.74 9.16
N GLY B 122 -34.54 -3.31 7.89
CA GLY B 122 -35.20 -4.05 6.85
C GLY B 122 -34.35 -4.29 5.62
N PHE B 123 -34.70 -5.33 4.88
CA PHE B 123 -34.01 -5.66 3.66
C PHE B 123 -34.94 -6.41 2.70
N SER B 124 -34.53 -6.48 1.44
CA SER B 124 -35.23 -7.29 0.45
C SER B 124 -34.23 -8.31 -0.06
N TYR B 125 -34.74 -9.50 -0.40
CA TYR B 125 -33.89 -10.50 -1.03
C TYR B 125 -34.62 -11.08 -2.26
N THR B 126 -34.16 -12.23 -2.75
CA THR B 126 -34.76 -12.81 -3.96
C THR B 126 -34.91 -14.33 -3.91
N ASP B 127 -36.16 -14.80 -3.96
CA ASP B 127 -36.44 -16.24 -4.01
C ASP B 127 -35.91 -16.89 -5.30
N GLU B 128 -36.07 -18.20 -5.44
CA GLU B 128 -35.69 -18.87 -6.67
C GLU B 128 -36.57 -18.40 -7.84
N SER B 129 -37.86 -18.18 -7.56
CA SER B 129 -38.80 -17.63 -8.53
C SER B 129 -38.35 -16.30 -9.17
N ASN B 130 -37.36 -15.68 -8.53
CA ASN B 130 -36.79 -14.40 -8.92
C ASN B 130 -37.70 -13.22 -8.64
N GLU B 131 -38.67 -13.42 -7.74
CA GLU B 131 -39.41 -12.29 -7.18
C GLU B 131 -38.78 -11.77 -5.89
N LYS B 132 -39.00 -10.49 -5.62
CA LYS B 132 -38.42 -9.81 -4.47
C LYS B 132 -39.32 -9.92 -3.25
N LYS B 133 -38.82 -10.62 -2.24
CA LYS B 133 -39.50 -10.66 -0.95
C LYS B 133 -38.88 -9.66 0.03
N TYR B 134 -39.69 -9.15 0.95
CA TYR B 134 -39.24 -8.15 1.90
C TYR B 134 -39.20 -8.72 3.29
N PHE B 135 -38.33 -8.13 4.11
CA PHE B 135 -38.04 -8.67 5.43
C PHE B 135 -37.55 -7.60 6.43
N ALA B 136 -38.07 -7.67 7.65
CA ALA B 136 -37.65 -6.74 8.71
C ALA B 136 -37.46 -7.52 9.99
N ALA B 137 -36.44 -7.14 10.76
CA ALA B 137 -36.13 -7.80 12.04
C ALA B 137 -35.43 -6.84 13.01
N THR B 138 -35.10 -7.33 14.20
CA THR B 138 -34.47 -6.49 15.19
C THR B 138 -33.13 -7.00 15.66
N GLN B 139 -32.21 -6.07 15.87
CA GLN B 139 -30.98 -6.33 16.57
C GLN B 139 -30.73 -5.12 17.45
N PHE B 140 -30.96 -5.30 18.75
CA PHE B 140 -30.98 -4.18 19.70
C PHE B 140 -29.71 -4.07 20.55
N GLU B 141 -29.19 -5.21 20.98
CA GLU B 141 -27.97 -5.24 21.76
C GLU B 141 -26.75 -4.74 20.97
N PRO B 142 -25.96 -3.82 21.55
CA PRO B 142 -26.13 -3.30 22.92
C PRO B 142 -27.07 -2.08 23.06
N LEU B 143 -27.04 -1.13 22.13
CA LEU B 143 -27.67 0.18 22.33
C LEU B 143 -28.74 0.60 21.30
N ALA B 144 -29.29 -0.34 20.55
CA ALA B 144 -30.16 0.05 19.43
C ALA B 144 -31.66 0.10 19.72
N ALA B 145 -32.09 -0.35 20.90
CA ALA B 145 -33.50 -0.32 21.24
C ALA B 145 -34.07 1.09 21.12
N ARG B 146 -33.29 2.05 21.60
CA ARG B 146 -33.68 3.45 21.56
C ARG B 146 -33.94 3.94 20.13
N SER B 147 -33.47 3.22 19.12
CA SER B 147 -33.59 3.68 17.74
C SER B 147 -34.88 3.16 17.16
N ALA B 148 -35.54 2.28 17.90
CA ALA B 148 -36.85 1.75 17.49
C ALA B 148 -37.98 2.40 18.28
N PHE B 149 -37.88 2.37 19.61
CA PHE B 149 -38.85 3.06 20.44
C PHE B 149 -38.18 3.84 21.58
N PRO B 150 -38.81 4.93 22.05
CA PRO B 150 -38.35 5.59 23.27
C PRO B 150 -38.40 4.65 24.47
N CYS B 151 -37.36 4.66 25.29
CA CYS B 151 -37.30 3.74 26.44
C CYS B 151 -36.11 4.01 27.33
N PHE B 152 -36.17 3.44 28.53
CA PHE B 152 -35.07 3.48 29.48
C PHE B 152 -34.08 2.40 29.07
N ASP B 153 -33.20 2.77 28.15
CA ASP B 153 -32.42 1.80 27.40
C ASP B 153 -31.10 1.44 28.08
N GLU B 154 -31.20 0.91 29.29
CA GLU B 154 -30.08 0.44 30.07
C GLU B 154 -30.51 -0.89 30.65
N PRO B 155 -29.60 -1.85 30.64
CA PRO B 155 -29.98 -3.25 30.92
C PRO B 155 -30.54 -3.46 32.30
N ALA B 156 -30.41 -2.49 33.19
CA ALA B 156 -30.86 -2.71 34.57
C ALA B 156 -32.31 -2.32 34.75
N PHE B 157 -32.80 -1.47 33.84
CA PHE B 157 -34.21 -1.09 33.82
C PHE B 157 -35.06 -2.18 33.18
N LYS B 158 -35.32 -3.25 33.94
CA LYS B 158 -36.14 -4.35 33.46
C LYS B 158 -37.61 -4.02 33.61
N ALA B 159 -38.39 -4.46 32.65
CA ALA B 159 -39.81 -4.21 32.66
C ALA B 159 -40.49 -5.31 31.88
N THR B 160 -41.82 -5.31 31.89
CA THR B 160 -42.58 -6.22 31.04
C THR B 160 -43.02 -5.50 29.76
N PHE B 161 -43.14 -6.26 28.68
CA PHE B 161 -43.45 -5.67 27.37
C PHE B 161 -44.72 -6.26 26.75
N ILE B 162 -45.53 -5.40 26.14
CA ILE B 162 -46.65 -5.84 25.30
C ILE B 162 -46.46 -5.29 23.91
N ILE B 163 -46.27 -6.19 22.94
CA ILE B 163 -46.00 -5.81 21.56
C ILE B 163 -47.20 -5.98 20.64
N LYS B 164 -47.49 -4.92 19.89
CA LYS B 164 -48.53 -4.90 18.87
C LYS B 164 -47.94 -4.61 17.50
N ILE B 165 -48.16 -5.52 16.56
CA ILE B 165 -47.71 -5.31 15.20
C ILE B 165 -48.88 -5.33 14.20
N ILE B 166 -48.88 -4.35 13.30
CA ILE B 166 -49.77 -4.32 12.15
C ILE B 166 -48.96 -4.68 10.92
N ARG B 167 -49.41 -5.71 10.21
CA ARG B 167 -48.71 -6.27 9.05
C ARG B 167 -49.68 -6.65 7.94
N ASP B 168 -49.18 -6.73 6.70
CA ASP B 168 -49.93 -7.33 5.61
C ASP B 168 -50.08 -8.81 5.91
N GLU B 169 -51.18 -9.41 5.48
CA GLU B 169 -51.51 -10.77 5.90
C GLU B 169 -50.61 -11.86 5.30
N GLN B 170 -49.95 -11.55 4.19
CA GLN B 170 -48.95 -12.47 3.61
C GLN B 170 -47.77 -12.77 4.56
N TYR B 171 -47.38 -11.76 5.34
CA TYR B 171 -46.26 -11.85 6.29
C TYR B 171 -46.60 -12.53 7.62
N THR B 172 -45.66 -13.31 8.16
CA THR B 172 -45.76 -13.71 9.56
C THR B 172 -45.05 -12.66 10.42
N ALA B 173 -45.54 -12.43 11.63
CA ALA B 173 -44.85 -11.57 12.57
C ALA B 173 -44.63 -12.33 13.86
N LEU B 174 -43.39 -12.27 14.33
CA LEU B 174 -42.98 -13.01 15.51
C LEU B 174 -42.44 -12.04 16.53
N SER B 175 -42.42 -12.46 17.78
CA SER B 175 -41.87 -11.61 18.83
C SER B 175 -41.47 -12.48 20.01
N ASN B 176 -41.03 -11.86 21.08
CA ASN B 176 -40.52 -12.64 22.21
C ASN B 176 -41.53 -13.66 22.73
N MET B 177 -42.79 -13.26 22.80
CA MET B 177 -43.81 -14.05 23.48
C MET B 177 -44.73 -14.83 22.52
N PRO B 178 -45.52 -15.78 23.05
CA PRO B 178 -46.58 -16.40 22.26
C PRO B 178 -47.62 -15.39 21.82
N LYS B 179 -48.09 -15.48 20.58
CA LYS B 179 -49.08 -14.52 20.08
C LYS B 179 -50.40 -14.70 20.81
N LYS B 180 -50.99 -13.58 21.21
CA LYS B 180 -52.24 -13.60 21.97
C LYS B 180 -53.45 -13.54 21.05
N SER B 181 -53.38 -12.72 20.02
CA SER B 181 -54.53 -12.47 19.19
C SER B 181 -54.16 -11.84 17.86
N SER B 182 -54.72 -12.40 16.79
CA SER B 182 -54.77 -11.70 15.52
C SER B 182 -56.17 -11.10 15.39
N VAL B 183 -56.25 -9.92 14.78
CA VAL B 183 -57.50 -9.23 14.50
C VAL B 183 -57.42 -8.76 13.04
N VAL B 184 -58.41 -9.07 12.20
CA VAL B 184 -58.40 -8.53 10.84
C VAL B 184 -58.98 -7.13 10.91
N LEU B 185 -58.41 -6.20 10.14
CA LEU B 185 -58.81 -4.79 10.20
C LEU B 185 -59.38 -4.26 8.88
N ASP B 186 -60.02 -3.09 8.99
CA ASP B 186 -60.84 -2.49 7.93
C ASP B 186 -60.12 -2.19 6.61
N ASP B 187 -58.79 -2.16 6.61
CA ASP B 187 -58.05 -1.99 5.36
C ASP B 187 -57.45 -3.31 4.89
N GLY B 188 -57.62 -4.37 5.67
CA GLY B 188 -57.14 -5.68 5.27
C GLY B 188 -55.72 -5.98 5.74
N LEU B 189 -55.30 -5.23 6.75
CA LEU B 189 -54.07 -5.51 7.48
C LEU B 189 -54.45 -6.22 8.78
N VAL B 190 -53.53 -6.99 9.34
CA VAL B 190 -53.83 -7.68 10.59
C VAL B 190 -53.21 -6.95 11.78
N GLN B 191 -53.80 -7.16 12.96
CA GLN B 191 -53.34 -6.57 14.21
C GLN B 191 -52.85 -7.67 15.10
N ASP B 192 -51.55 -7.97 15.04
CA ASP B 192 -51.00 -8.97 15.95
C ASP B 192 -50.74 -8.37 17.33
N GLU B 193 -51.08 -9.14 18.34
CA GLU B 193 -50.79 -8.76 19.70
C GLU B 193 -50.16 -9.96 20.37
N PHE B 194 -49.15 -9.74 21.19
CA PHE B 194 -48.48 -10.85 21.82
C PHE B 194 -48.72 -10.78 23.31
N SER B 195 -48.63 -11.92 23.97
CA SER B 195 -48.75 -11.97 25.44
C SER B 195 -47.79 -11.01 26.11
N GLU B 196 -48.09 -10.65 27.36
CA GLU B 196 -47.22 -9.78 28.14
C GLU B 196 -45.96 -10.52 28.59
N SER B 197 -44.81 -9.87 28.46
CA SER B 197 -43.54 -10.55 28.73
C SER B 197 -43.29 -10.69 30.22
N VAL B 198 -42.40 -11.61 30.54
CA VAL B 198 -41.75 -11.63 31.83
C VAL B 198 -40.90 -10.33 31.95
N LYS B 199 -40.57 -9.93 33.17
CA LYS B 199 -39.69 -8.79 33.37
C LYS B 199 -38.33 -9.00 32.67
N MET B 200 -37.92 -8.06 31.82
CA MET B 200 -36.67 -8.20 31.07
C MET B 200 -36.03 -6.87 30.61
N SER B 201 -34.82 -6.94 30.06
CA SER B 201 -34.13 -5.73 29.59
C SER B 201 -34.54 -5.36 28.17
N THR B 202 -34.52 -4.07 27.87
CA THR B 202 -34.91 -3.57 26.55
C THR B 202 -34.11 -4.20 25.45
N TYR B 203 -32.83 -4.50 25.68
CA TYR B 203 -31.99 -4.98 24.58
C TYR B 203 -32.42 -6.39 24.12
N LEU B 204 -33.32 -7.02 24.89
CA LEU B 204 -33.79 -8.37 24.56
C LEU B 204 -35.12 -8.39 23.81
N VAL B 205 -35.85 -7.28 23.84
CA VAL B 205 -37.08 -7.15 23.05
C VAL B 205 -36.78 -7.39 21.58
N ALA B 206 -37.60 -8.21 20.91
CA ALA B 206 -37.40 -8.43 19.48
C ALA B 206 -38.68 -8.79 18.80
N PHE B 207 -38.70 -8.53 17.50
CA PHE B 207 -39.81 -8.89 16.64
C PHE B 207 -39.34 -8.97 15.20
N ILE B 208 -39.91 -9.90 14.45
CA ILE B 208 -39.62 -10.10 13.02
C ILE B 208 -40.90 -10.03 12.17
N VAL B 209 -40.83 -9.39 11.00
CA VAL B 209 -41.94 -9.38 10.03
C VAL B 209 -41.50 -9.87 8.66
N GLY B 210 -42.10 -10.95 8.18
CA GLY B 210 -41.71 -11.48 6.87
C GLY B 210 -42.29 -12.83 6.55
N GLU B 211 -42.14 -13.26 5.30
CA GLU B 211 -42.71 -14.53 4.87
C GLU B 211 -41.78 -15.68 5.22
N MET B 212 -42.24 -16.53 6.13
CA MET B 212 -41.42 -17.60 6.66
C MET B 212 -42.23 -18.84 6.86
N LYS B 213 -41.61 -20.00 6.66
CA LYS B 213 -42.20 -21.29 7.02
C LYS B 213 -41.59 -21.77 8.33
N ASN B 214 -42.15 -22.83 8.90
CA ASN B 214 -41.66 -23.31 10.19
C ASN B 214 -41.71 -24.83 10.35
N LEU B 215 -41.06 -25.27 11.42
CA LEU B 215 -40.97 -26.68 11.73
C LEU B 215 -40.88 -26.75 13.24
N SER B 216 -41.78 -27.51 13.86
CA SER B 216 -41.94 -27.42 15.31
C SER B 216 -41.98 -28.78 15.99
N GLN B 217 -41.74 -28.75 17.29
CA GLN B 217 -41.85 -29.92 18.13
C GLN B 217 -42.01 -29.49 19.57
N ASP B 218 -42.99 -30.07 20.26
CA ASP B 218 -43.27 -29.76 21.65
C ASP B 218 -42.37 -30.60 22.54
N VAL B 219 -41.58 -29.95 23.40
CA VAL B 219 -40.67 -30.66 24.28
C VAL B 219 -41.36 -31.15 25.54
N ASN B 220 -41.95 -30.21 26.27
CA ASN B 220 -42.67 -30.56 27.48
C ASN B 220 -43.60 -29.40 27.83
N GLY B 221 -44.54 -29.11 26.94
CA GLY B 221 -45.41 -27.96 27.10
C GLY B 221 -44.83 -26.75 26.40
N THR B 222 -43.51 -26.77 26.21
CA THR B 222 -42.80 -25.72 25.51
C THR B 222 -42.65 -26.10 24.02
N LEU B 223 -43.23 -25.26 23.15
CA LEU B 223 -43.24 -25.52 21.71
C LEU B 223 -42.01 -24.95 20.99
N VAL B 224 -41.05 -25.83 20.72
CA VAL B 224 -39.81 -25.44 20.04
C VAL B 224 -39.98 -25.40 18.52
N SER B 225 -39.60 -24.29 17.89
CA SER B 225 -39.81 -24.13 16.45
C SER B 225 -38.66 -23.43 15.73
N ILE B 226 -38.18 -24.01 14.64
CA ILE B 226 -37.21 -23.32 13.82
C ILE B 226 -37.90 -22.66 12.62
N TYR B 227 -37.53 -21.42 12.33
CA TYR B 227 -38.12 -20.67 11.23
C TYR B 227 -37.07 -20.41 10.16
N ALA B 228 -37.51 -20.29 8.91
CA ALA B 228 -36.65 -19.89 7.79
C ALA B 228 -37.51 -19.34 6.67
N VAL B 229 -36.89 -18.68 5.70
CA VAL B 229 -37.62 -18.31 4.50
C VAL B 229 -38.04 -19.62 3.83
N PRO B 230 -39.12 -19.57 3.01
CA PRO B 230 -39.74 -20.82 2.54
C PRO B 230 -38.82 -21.70 1.70
N GLU B 231 -37.88 -21.12 0.97
CA GLU B 231 -36.99 -21.91 0.13
C GLU B 231 -35.95 -22.68 0.94
N LYS B 232 -35.73 -22.28 2.18
CA LYS B 232 -34.67 -22.90 2.97
C LYS B 232 -35.20 -23.78 4.08
N ILE B 233 -36.51 -23.95 4.16
CA ILE B 233 -37.12 -24.65 5.31
C ILE B 233 -36.70 -26.12 5.37
N GLY B 234 -36.09 -26.63 4.29
CA GLY B 234 -35.63 -28.00 4.26
C GLY B 234 -34.32 -28.23 4.99
N GLN B 235 -33.51 -27.17 5.06
CA GLN B 235 -32.21 -27.25 5.70
C GLN B 235 -32.32 -27.02 7.21
N VAL B 236 -33.39 -27.49 7.83
CA VAL B 236 -33.68 -27.01 9.17
C VAL B 236 -33.69 -28.10 10.24
N HIS B 237 -33.61 -29.35 9.78
CA HIS B 237 -33.89 -30.47 10.67
C HIS B 237 -32.85 -30.66 11.74
N TYR B 238 -31.57 -30.50 11.36
CA TYR B 238 -30.51 -30.72 12.33
C TYR B 238 -30.64 -29.72 13.48
N ALA B 239 -31.02 -28.48 13.15
CA ALA B 239 -31.16 -27.44 14.16
C ALA B 239 -32.25 -27.80 15.17
N LEU B 240 -33.37 -28.33 14.70
CA LEU B 240 -34.44 -28.71 15.62
C LEU B 240 -34.06 -29.87 16.56
N GLU B 241 -33.38 -30.89 16.05
CA GLU B 241 -33.05 -32.03 16.90
C GLU B 241 -32.02 -31.61 17.94
N THR B 242 -31.16 -30.69 17.52
CA THR B 242 -30.10 -30.19 18.38
C THR B 242 -30.67 -29.29 19.45
N THR B 243 -31.50 -28.33 19.04
CA THR B 243 -32.12 -27.44 20.02
C THR B 243 -32.83 -28.28 21.08
N VAL B 244 -33.52 -29.34 20.66
CA VAL B 244 -34.32 -30.14 21.59
C VAL B 244 -33.42 -30.80 22.63
N LYS B 245 -32.38 -31.49 22.18
CA LYS B 245 -31.46 -32.17 23.09
C LYS B 245 -30.87 -31.24 24.15
N LEU B 246 -30.40 -30.07 23.70
CA LEU B 246 -29.76 -29.08 24.56
C LEU B 246 -30.76 -28.37 25.49
N LEU B 247 -31.97 -28.12 25.02
CA LEU B 247 -32.97 -27.47 25.84
C LEU B 247 -33.30 -28.37 27.03
N GLU B 248 -33.22 -29.67 26.80
CA GLU B 248 -33.40 -30.64 27.85
C GLU B 248 -32.23 -30.61 28.81
N PHE B 249 -31.02 -30.72 28.26
CA PHE B 249 -29.81 -30.69 29.07
C PHE B 249 -29.71 -29.48 29.99
N PHE B 250 -30.04 -28.31 29.47
CA PHE B 250 -29.85 -27.08 30.24
C PHE B 250 -30.87 -26.96 31.34
N GLN B 251 -32.07 -27.45 31.09
CA GLN B 251 -33.09 -27.46 32.13
C GLN B 251 -32.72 -28.45 33.23
N ASN B 252 -32.15 -29.58 32.85
CA ASN B 252 -31.75 -30.54 33.86
C ASN B 252 -30.62 -29.98 34.71
N TYR B 253 -29.65 -29.32 34.05
CA TYR B 253 -28.43 -28.87 34.73
C TYR B 253 -28.68 -27.65 35.58
N PHE B 254 -29.28 -26.60 35.03
CA PHE B 254 -29.55 -25.40 35.82
C PHE B 254 -30.71 -25.60 36.81
N GLU B 255 -31.39 -26.74 36.74
CA GLU B 255 -32.48 -27.06 37.65
C GLU B 255 -33.55 -25.99 37.70
N ILE B 256 -33.71 -25.26 36.60
CA ILE B 256 -34.72 -24.20 36.48
C ILE B 256 -35.34 -24.31 35.10
N GLN B 257 -36.66 -24.33 35.04
CA GLN B 257 -37.31 -24.54 33.74
C GLN B 257 -37.23 -23.32 32.84
N TYR B 258 -37.28 -23.55 31.54
CA TYR B 258 -37.45 -22.46 30.59
C TYR B 258 -38.88 -21.95 30.72
N PRO B 259 -39.04 -20.63 30.94
CA PRO B 259 -40.32 -20.18 31.48
C PRO B 259 -41.38 -19.71 30.46
N LEU B 260 -41.15 -19.90 29.17
CA LEU B 260 -42.11 -19.45 28.18
C LEU B 260 -42.73 -20.68 27.51
N LYS B 261 -43.90 -20.51 26.91
CA LYS B 261 -44.59 -21.66 26.31
C LYS B 261 -44.10 -21.85 24.88
N LYS B 262 -43.33 -20.87 24.40
CA LYS B 262 -42.81 -20.86 23.06
C LYS B 262 -41.28 -20.63 23.07
N LEU B 263 -40.55 -21.29 22.16
CA LEU B 263 -39.13 -21.01 21.95
C LEU B 263 -38.75 -21.07 20.47
N ASP B 264 -38.54 -19.90 19.87
CA ASP B 264 -38.30 -19.82 18.42
C ASP B 264 -36.86 -19.50 18.00
N LEU B 265 -36.35 -20.23 17.03
CA LEU B 265 -35.06 -19.93 16.42
C LEU B 265 -35.29 -19.56 14.97
N VAL B 266 -34.86 -18.37 14.55
CA VAL B 266 -35.09 -17.91 13.19
C VAL B 266 -33.80 -17.71 12.39
N ALA B 267 -33.74 -18.26 11.18
CA ALA B 267 -32.59 -18.08 10.32
C ALA B 267 -32.81 -16.88 9.42
N ILE B 268 -32.25 -15.74 9.79
CA ILE B 268 -32.39 -14.49 9.04
C ILE B 268 -31.42 -14.41 7.85
N PRO B 269 -31.95 -14.06 6.65
CA PRO B 269 -31.16 -13.90 5.42
C PRO B 269 -30.10 -12.78 5.46
N ASP B 270 -30.32 -11.72 6.21
CA ASP B 270 -29.37 -10.61 6.27
C ASP B 270 -29.15 -10.19 7.72
N PHE B 271 -27.95 -10.47 8.24
CA PHE B 271 -27.73 -10.46 9.69
C PHE B 271 -26.24 -10.33 10.02
N GLU B 272 -25.86 -9.31 10.79
CA GLU B 272 -24.43 -9.04 11.02
C GLU B 272 -23.79 -9.93 12.09
N ALA B 273 -24.42 -10.06 13.26
CA ALA B 273 -23.85 -10.94 14.28
C ALA B 273 -23.90 -12.37 13.78
N GLY B 274 -23.20 -13.26 14.46
CA GLY B 274 -23.40 -14.68 14.25
C GLY B 274 -24.80 -15.06 14.70
N ALA B 275 -25.15 -14.76 15.96
CA ALA B 275 -26.49 -14.98 16.50
C ALA B 275 -26.84 -13.97 17.60
N MET B 276 -28.07 -14.04 18.10
CA MET B 276 -28.56 -13.12 19.14
C MET B 276 -29.58 -13.85 20.00
N GLU B 277 -29.62 -13.53 21.28
CA GLU B 277 -30.36 -14.35 22.23
C GLU B 277 -31.71 -13.79 22.72
N ASN B 278 -32.31 -12.85 21.99
CA ASN B 278 -33.63 -12.34 22.35
C ASN B 278 -34.54 -13.42 22.93
N TRP B 279 -35.05 -13.18 24.13
CA TRP B 279 -35.80 -14.18 24.89
C TRP B 279 -36.96 -14.76 24.10
N GLY B 280 -36.88 -16.06 23.85
CA GLY B 280 -37.95 -16.76 23.17
C GLY B 280 -37.97 -16.60 21.66
N LEU B 281 -37.19 -15.66 21.12
CA LEU B 281 -37.07 -15.45 19.68
C LEU B 281 -35.60 -15.29 19.24
N LEU B 282 -34.87 -16.40 19.23
CA LEU B 282 -33.45 -16.38 18.91
C LEU B 282 -33.22 -16.18 17.40
N THR B 283 -32.29 -15.32 17.03
CA THR B 283 -32.02 -15.07 15.61
C THR B 283 -30.61 -15.51 15.20
N PHE B 284 -30.46 -15.96 13.95
CA PHE B 284 -29.18 -16.50 13.44
C PHE B 284 -28.89 -16.05 12.00
N ARG B 285 -27.62 -16.07 11.61
CA ARG B 285 -27.27 -16.01 10.19
C ARG B 285 -27.77 -17.29 9.56
N GLU B 286 -28.08 -17.28 8.28
CA GLU B 286 -28.46 -18.55 7.67
C GLU B 286 -27.32 -19.55 7.79
N GLU B 287 -26.09 -19.10 7.53
CA GLU B 287 -24.91 -19.97 7.56
C GLU B 287 -24.66 -20.62 8.94
N THR B 288 -25.19 -20.05 10.01
CA THR B 288 -24.88 -20.58 11.34
C THR B 288 -26.03 -21.39 11.95
N LEU B 289 -27.11 -21.61 11.22
CA LEU B 289 -28.23 -22.37 11.76
C LEU B 289 -28.70 -23.48 10.82
N LEU B 290 -28.73 -23.18 9.52
CA LEU B 290 -29.06 -24.18 8.51
C LEU B 290 -27.92 -25.15 8.30
N TYR B 291 -28.26 -26.42 8.18
CA TYR B 291 -27.29 -27.48 7.93
C TYR B 291 -27.84 -28.56 7.00
N ASP B 292 -26.97 -29.08 6.13
CA ASP B 292 -27.31 -30.11 5.16
C ASP B 292 -26.05 -30.96 4.93
N SER B 293 -26.12 -32.24 5.24
CA SER B 293 -24.93 -33.10 5.18
C SER B 293 -24.30 -33.23 3.78
N ASN B 294 -25.05 -32.91 2.74
CA ASN B 294 -24.50 -32.97 1.38
C ASN B 294 -23.57 -31.81 1.03
N THR B 295 -23.78 -30.67 1.69
CA THR B 295 -23.10 -29.43 1.34
C THR B 295 -22.32 -28.84 2.51
N SER B 296 -22.64 -29.28 3.71
CA SER B 296 -22.01 -28.75 4.91
C SER B 296 -20.93 -29.68 5.42
N SER B 297 -19.79 -29.10 5.75
CA SER B 297 -18.67 -29.89 6.24
C SER B 297 -18.82 -30.21 7.73
N MET B 298 -17.81 -30.91 8.25
CA MET B 298 -17.73 -31.21 9.67
C MET B 298 -17.72 -29.93 10.48
N ALA B 299 -17.03 -28.92 9.96
CA ALA B 299 -16.88 -27.67 10.68
C ALA B 299 -18.23 -26.96 10.80
N ASP B 300 -18.98 -26.95 9.70
CA ASP B 300 -20.32 -26.37 9.67
C ASP B 300 -21.23 -27.12 10.63
N ARG B 301 -20.98 -28.42 10.80
CA ARG B 301 -21.79 -29.16 11.74
C ARG B 301 -21.48 -28.67 13.14
N LYS B 302 -20.18 -28.55 13.46
CA LYS B 302 -19.75 -28.11 14.77
C LYS B 302 -20.20 -26.68 15.07
N LEU B 303 -20.10 -25.82 14.06
CA LEU B 303 -20.53 -24.43 14.13
C LEU B 303 -21.99 -24.29 14.56
N VAL B 304 -22.88 -24.96 13.86
CA VAL B 304 -24.30 -24.92 14.17
C VAL B 304 -24.59 -25.44 15.57
N THR B 305 -23.90 -26.49 15.97
CA THR B 305 -24.12 -27.07 17.30
C THR B 305 -23.70 -26.09 18.38
N LYS B 306 -22.52 -25.50 18.22
CA LYS B 306 -22.01 -24.54 19.20
C LYS B 306 -22.94 -23.35 19.36
N ILE B 307 -23.36 -22.76 18.25
CA ILE B 307 -24.02 -21.49 18.36
C ILE B 307 -25.42 -21.68 18.97
N ILE B 308 -26.02 -22.84 18.73
CA ILE B 308 -27.30 -23.15 19.35
C ILE B 308 -27.09 -23.32 20.84
N ALA B 309 -26.05 -24.07 21.20
CA ALA B 309 -25.72 -24.24 22.62
C ALA B 309 -25.42 -22.88 23.31
N HIS B 310 -24.78 -21.97 22.59
CA HIS B 310 -24.48 -20.65 23.12
C HIS B 310 -25.74 -19.82 23.33
N GLU B 311 -26.59 -19.71 22.31
CA GLU B 311 -27.81 -18.90 22.46
C GLU B 311 -28.77 -19.50 23.49
N LEU B 312 -28.85 -20.82 23.57
CA LEU B 312 -29.70 -21.42 24.61
C LEU B 312 -29.17 -21.11 26.01
N ALA B 313 -27.86 -21.21 26.20
CA ALA B 313 -27.28 -20.87 27.51
C ALA B 313 -27.69 -19.47 27.95
N HIS B 314 -27.72 -18.53 27.01
CA HIS B 314 -28.10 -17.14 27.29
C HIS B 314 -29.51 -16.96 27.85
N GLN B 315 -30.37 -17.97 27.71
CA GLN B 315 -31.75 -17.81 28.15
C GLN B 315 -31.75 -17.66 29.66
N TRP B 316 -30.87 -18.40 30.31
CA TRP B 316 -30.61 -18.23 31.74
C TRP B 316 -29.60 -17.09 32.00
N PHE B 317 -28.39 -17.26 31.47
CA PHE B 317 -27.31 -16.30 31.72
C PHE B 317 -27.33 -15.15 30.72
N GLY B 318 -28.15 -14.15 31.01
CA GLY B 318 -28.31 -13.03 30.12
C GLY B 318 -29.72 -12.52 30.20
N ASN B 319 -30.68 -13.41 29.98
CA ASN B 319 -32.07 -13.00 29.94
C ASN B 319 -32.69 -13.09 31.33
N LEU B 320 -32.59 -14.28 31.92
CA LEU B 320 -33.12 -14.54 33.25
C LEU B 320 -32.35 -13.75 34.32
N VAL B 321 -31.03 -13.81 34.26
CA VAL B 321 -30.18 -13.05 35.17
C VAL B 321 -29.30 -12.17 34.30
N THR B 322 -29.20 -10.88 34.64
CA THR B 322 -28.52 -9.92 33.75
C THR B 322 -27.56 -8.99 34.50
N MET B 323 -26.40 -8.77 33.91
CA MET B 323 -25.48 -7.72 34.31
C MET B 323 -26.20 -6.40 34.58
N LYS B 324 -25.82 -5.71 35.66
CA LYS B 324 -26.41 -4.44 35.98
C LYS B 324 -25.99 -3.33 34.97
N TRP B 325 -24.75 -3.39 34.48
CA TRP B 325 -24.21 -2.41 33.52
C TRP B 325 -23.16 -3.08 32.64
N TRP B 326 -22.77 -2.46 31.52
CA TRP B 326 -21.95 -3.15 30.51
C TRP B 326 -20.49 -3.43 30.94
N ASN B 327 -20.06 -2.80 32.02
CA ASN B 327 -18.75 -3.12 32.58
C ASN B 327 -18.69 -4.59 33.01
N ASP B 328 -19.84 -5.22 33.26
CA ASP B 328 -19.84 -6.63 33.66
C ASP B 328 -20.45 -7.55 32.60
N LEU B 329 -20.31 -7.16 31.33
CA LEU B 329 -20.78 -7.97 30.23
C LEU B 329 -20.33 -9.42 30.32
N TRP B 330 -19.14 -9.66 30.87
CA TRP B 330 -18.57 -11.02 30.92
C TRP B 330 -19.43 -11.98 31.75
N LEU B 331 -20.23 -11.46 32.67
CA LEU B 331 -21.12 -12.33 33.44
C LEU B 331 -22.16 -13.02 32.57
N ASN B 332 -22.56 -12.38 31.45
CA ASN B 332 -23.41 -13.01 30.45
C ASN B 332 -22.59 -13.83 29.47
N GLU B 333 -21.55 -13.20 28.94
CA GLU B 333 -20.85 -13.76 27.80
C GLU B 333 -19.83 -14.81 28.23
N GLY B 334 -19.21 -14.62 29.38
CA GLY B 334 -18.31 -15.63 29.90
C GLY B 334 -19.09 -16.90 30.14
N PHE B 335 -20.22 -16.78 30.86
CA PHE B 335 -21.04 -17.92 31.19
C PHE B 335 -21.64 -18.61 29.98
N ALA B 336 -22.23 -17.85 29.07
CA ALA B 336 -22.79 -18.47 27.88
C ALA B 336 -21.69 -19.24 27.12
N THR B 337 -20.48 -18.69 27.11
CA THR B 337 -19.40 -19.34 26.39
C THR B 337 -18.99 -20.61 27.09
N PHE B 338 -18.87 -20.54 28.41
CA PHE B 338 -18.49 -21.73 29.19
C PHE B 338 -19.55 -22.85 29.09
N MET B 339 -20.84 -22.49 29.20
CA MET B 339 -21.89 -23.49 29.09
C MET B 339 -21.98 -24.03 27.67
N GLU B 340 -21.64 -23.20 26.69
CA GLU B 340 -21.55 -23.67 25.31
C GLU B 340 -20.59 -24.86 25.24
N TYR B 341 -19.38 -24.70 25.78
CA TYR B 341 -18.39 -25.79 25.70
C TYR B 341 -18.58 -26.90 26.72
N PHE B 342 -19.17 -26.58 27.87
CA PHE B 342 -19.50 -27.59 28.87
C PHE B 342 -20.57 -28.56 28.36
N SER B 343 -21.66 -28.01 27.83
CA SER B 343 -22.74 -28.85 27.33
C SER B 343 -22.33 -29.68 26.11
N LEU B 344 -21.41 -29.17 25.29
CA LEU B 344 -20.97 -29.93 24.13
C LEU B 344 -20.10 -31.09 24.53
N GLU B 345 -19.29 -30.95 25.58
CA GLU B 345 -18.46 -32.06 26.01
CA GLU B 345 -18.46 -32.07 26.03
C GLU B 345 -19.36 -33.15 26.62
N LYS B 346 -20.38 -32.73 27.36
CA LYS B 346 -21.31 -33.67 27.99
C LYS B 346 -22.13 -34.45 26.98
N ILE B 347 -22.78 -33.79 26.04
CA ILE B 347 -23.75 -34.49 25.22
C ILE B 347 -23.45 -34.47 23.71
N PHE B 348 -22.29 -33.92 23.33
CA PHE B 348 -21.80 -34.01 21.94
C PHE B 348 -20.29 -34.25 21.92
N LYS B 349 -19.83 -35.14 22.79
CA LYS B 349 -18.41 -35.42 22.98
C LYS B 349 -17.73 -35.79 21.67
N GLU B 350 -18.45 -36.49 20.80
CA GLU B 350 -18.01 -36.85 19.44
C GLU B 350 -17.31 -35.70 18.72
N LEU B 351 -17.88 -34.50 18.84
CA LEU B 351 -17.45 -33.34 18.05
C LEU B 351 -16.04 -32.81 18.41
N SER B 352 -15.53 -33.14 19.58
CA SER B 352 -14.23 -32.64 20.06
C SER B 352 -14.20 -31.12 20.08
N SER B 353 -15.21 -30.55 20.72
CA SER B 353 -15.37 -29.12 20.78
C SER B 353 -14.24 -28.47 21.58
N TYR B 354 -13.76 -29.19 22.59
CA TYR B 354 -12.65 -28.72 23.43
C TYR B 354 -11.46 -28.25 22.62
N GLU B 355 -11.32 -28.76 21.39
CA GLU B 355 -10.22 -28.34 20.56
C GLU B 355 -10.39 -26.86 20.19
N ASP B 356 -11.62 -26.47 19.85
CA ASP B 356 -11.90 -25.07 19.49
C ASP B 356 -11.73 -24.13 20.68
N PHE B 357 -12.24 -24.58 21.83
CA PHE B 357 -12.17 -23.84 23.08
C PHE B 357 -10.73 -23.50 23.37
N LEU B 358 -9.91 -24.55 23.39
CA LEU B 358 -8.48 -24.41 23.60
C LEU B 358 -7.88 -23.39 22.61
N ASP B 359 -8.18 -23.53 21.34
CA ASP B 359 -7.61 -22.63 20.33
C ASP B 359 -8.02 -21.18 20.57
N ALA B 360 -9.27 -20.96 20.94
CA ALA B 360 -9.72 -19.59 21.23
C ALA B 360 -9.03 -19.02 22.47
N ARG B 361 -8.69 -19.87 23.42
CA ARG B 361 -8.08 -19.39 24.65
C ARG B 361 -6.64 -18.98 24.40
N PHE B 362 -5.94 -19.73 23.56
CA PHE B 362 -4.64 -19.30 23.04
C PHE B 362 -4.73 -17.89 22.44
N LYS B 363 -5.64 -17.65 21.49
CA LYS B 363 -5.74 -16.33 20.84
C LYS B 363 -6.10 -15.27 21.85
N THR B 364 -7.00 -15.60 22.76
CA THR B 364 -7.40 -14.64 23.77
C THR B 364 -6.22 -14.26 24.68
N MET B 365 -5.32 -15.19 24.95
CA MET B 365 -4.17 -14.84 25.78
C MET B 365 -3.20 -13.92 25.05
N LYS B 366 -2.91 -14.22 23.77
CA LYS B 366 -2.07 -13.36 22.96
C LYS B 366 -2.58 -11.91 22.96
N LYS B 367 -3.89 -11.74 22.88
CA LYS B 367 -4.49 -10.42 22.90
C LYS B 367 -4.43 -9.81 24.30
N ASP B 368 -4.65 -10.61 25.33
CA ASP B 368 -4.63 -10.15 26.71
C ASP B 368 -3.23 -9.79 27.22
N SER B 369 -2.18 -10.25 26.55
CA SER B 369 -0.83 -9.90 26.99
C SER B 369 -0.46 -8.44 26.72
N LEU B 370 -1.12 -7.79 25.76
CA LEU B 370 -0.84 -6.38 25.37
C LEU B 370 -1.16 -5.35 26.46
N ASN B 371 -0.45 -4.22 26.45
CA ASN B 371 -0.66 -3.19 27.49
C ASN B 371 -1.95 -2.45 27.20
N SER B 372 -2.41 -2.55 25.97
CA SER B 372 -3.69 -1.96 25.60
C SER B 372 -4.89 -2.87 25.91
N SER B 373 -4.69 -3.97 26.61
CA SER B 373 -5.83 -4.75 27.12
C SER B 373 -6.47 -4.10 28.37
N HIS B 374 -7.79 -4.24 28.58
CA HIS B 374 -8.43 -3.89 29.86
C HIS B 374 -8.57 -5.08 30.81
N PRO B 375 -8.80 -4.80 32.10
CA PRO B 375 -9.37 -5.82 33.00
C PRO B 375 -10.68 -6.33 32.42
N ILE B 376 -11.10 -7.53 32.82
CA ILE B 376 -12.30 -8.08 32.25
C ILE B 376 -13.52 -7.29 32.71
N SER B 377 -13.50 -6.87 33.98
CA SER B 377 -14.49 -5.98 34.55
C SER B 377 -13.91 -4.58 34.47
N SER B 378 -14.58 -3.67 33.79
CA SER B 378 -13.89 -2.49 33.33
C SER B 378 -14.84 -1.35 33.15
N SER B 379 -14.52 -0.18 33.70
CA SER B 379 -15.35 1.01 33.51
C SER B 379 -15.63 1.26 32.05
N VAL B 380 -16.91 1.47 31.75
CA VAL B 380 -17.27 1.88 30.41
C VAL B 380 -18.29 3.00 30.53
N GLN B 381 -18.00 4.11 29.85
CA GLN B 381 -18.88 5.27 29.86
CA GLN B 381 -18.88 5.27 29.85
C GLN B 381 -19.45 5.56 28.46
N SER B 382 -18.60 5.78 27.46
CA SER B 382 -19.13 6.07 26.13
C SER B 382 -19.72 4.85 25.42
N SER B 383 -20.39 5.09 24.29
CA SER B 383 -20.97 4.05 23.44
C SER B 383 -19.89 3.19 22.79
N GLU B 384 -18.79 3.84 22.40
CA GLU B 384 -17.63 3.18 21.84
C GLU B 384 -17.15 2.10 22.80
N GLN B 385 -17.04 2.46 24.07
CA GLN B 385 -16.53 1.52 25.06
C GLN B 385 -17.50 0.38 25.32
N ILE B 386 -18.80 0.66 25.20
CA ILE B 386 -19.80 -0.40 25.35
C ILE B 386 -19.63 -1.43 24.21
N GLU B 387 -19.53 -0.92 22.98
CA GLU B 387 -19.24 -1.76 21.84
C GLU B 387 -17.94 -2.55 21.99
N GLU B 388 -16.89 -1.89 22.51
CA GLU B 388 -15.59 -2.54 22.70
C GLU B 388 -15.68 -3.76 23.63
N MET B 389 -16.67 -3.78 24.53
CA MET B 389 -16.82 -4.89 25.46
C MET B 389 -17.18 -6.20 24.77
N PHE B 390 -17.74 -6.14 23.57
CA PHE B 390 -18.05 -7.36 22.83
C PHE B 390 -16.85 -7.83 22.05
N ASP B 391 -15.92 -8.49 22.75
CA ASP B 391 -14.68 -8.92 22.18
C ASP B 391 -14.19 -10.22 22.84
N SER B 392 -13.05 -10.72 22.38
CA SER B 392 -12.42 -11.91 22.94
C SER B 392 -12.43 -12.02 24.46
N LEU B 393 -12.04 -10.95 25.15
CA LEU B 393 -11.77 -11.04 26.58
C LEU B 393 -13.02 -11.39 27.35
N SER B 394 -14.11 -10.66 27.10
CA SER B 394 -15.34 -10.92 27.83
C SER B 394 -15.87 -12.35 27.63
N TYR B 395 -15.70 -12.92 26.43
CA TYR B 395 -16.19 -14.27 26.13
C TYR B 395 -15.24 -15.38 26.62
N PHE B 396 -14.00 -15.36 26.15
CA PHE B 396 -13.10 -16.49 26.37
C PHE B 396 -12.24 -16.33 27.62
N LYS B 397 -11.88 -15.11 27.98
CA LYS B 397 -11.19 -14.96 29.27
C LYS B 397 -12.23 -15.16 30.38
N GLY B 398 -13.44 -14.66 30.15
CA GLY B 398 -14.55 -14.86 31.05
C GLY B 398 -14.81 -16.33 31.34
N SER B 399 -14.89 -17.14 30.30
CA SER B 399 -15.11 -18.58 30.51
C SER B 399 -13.88 -19.34 31.00
N SER B 400 -12.70 -18.79 30.77
CA SER B 400 -11.47 -19.39 31.28
C SER B 400 -11.41 -19.30 32.78
N LEU B 401 -11.94 -18.21 33.32
CA LEU B 401 -11.97 -18.03 34.76
C LEU B 401 -12.89 -19.09 35.36
N LEU B 402 -14.07 -19.21 34.76
CA LEU B 402 -15.05 -20.18 35.19
C LEU B 402 -14.45 -21.58 35.12
N LEU B 403 -13.77 -21.86 34.01
CA LEU B 403 -13.15 -23.17 33.79
C LEU B 403 -12.10 -23.47 34.85
N MET B 404 -11.43 -22.42 35.31
CA MET B 404 -10.34 -22.51 36.29
C MET B 404 -10.92 -22.78 37.68
N LEU B 405 -11.94 -22.01 38.03
CA LEU B 405 -12.75 -22.21 39.22
C LEU B 405 -13.32 -23.61 39.27
N LYS B 406 -14.01 -24.01 38.20
CA LYS B 406 -14.66 -25.31 38.18
C LYS B 406 -13.67 -26.44 38.38
N THR B 407 -12.54 -26.40 37.67
CA THR B 407 -11.50 -27.42 37.84
C THR B 407 -10.99 -27.50 39.29
N TYR B 408 -10.82 -26.36 39.94
CA TYR B 408 -10.18 -26.31 41.26
C TYR B 408 -11.16 -26.60 42.41
N LEU B 409 -12.42 -26.30 42.20
CA LEU B 409 -13.47 -26.75 43.09
C LEU B 409 -14.00 -27.98 42.43
N SER B 410 -15.06 -28.56 42.95
CA SER B 410 -15.60 -29.72 42.26
C SER B 410 -16.43 -29.31 41.01
N GLU B 411 -16.86 -30.29 40.20
CA GLU B 411 -17.87 -30.02 39.18
C GLU B 411 -19.25 -29.87 39.86
N ASP B 412 -19.41 -30.53 41.00
CA ASP B 412 -20.64 -30.44 41.79
C ASP B 412 -20.72 -29.16 42.60
N VAL B 413 -19.61 -28.74 43.21
CA VAL B 413 -19.57 -27.44 43.89
C VAL B 413 -19.90 -26.34 42.89
N PHE B 414 -19.29 -26.43 41.73
CA PHE B 414 -19.56 -25.49 40.66
C PHE B 414 -21.04 -25.45 40.33
N GLN B 415 -21.67 -26.61 40.30
CA GLN B 415 -23.05 -26.65 39.87
C GLN B 415 -24.00 -25.97 40.87
N HIS B 416 -23.91 -26.21 42.17
CA HIS B 416 -24.98 -25.57 42.91
C HIS B 416 -24.57 -24.19 43.39
N ALA B 417 -23.33 -23.79 43.15
CA ALA B 417 -23.04 -22.35 43.11
C ALA B 417 -23.91 -21.73 42.02
N VAL B 418 -23.81 -22.29 40.82
CA VAL B 418 -24.57 -21.83 39.68
C VAL B 418 -26.08 -21.88 39.90
N VAL B 419 -26.54 -22.99 40.44
CA VAL B 419 -27.97 -23.12 40.75
C VAL B 419 -28.45 -22.08 41.78
N LEU B 420 -27.70 -21.94 42.87
CA LEU B 420 -28.04 -20.99 43.93
C LEU B 420 -28.13 -19.58 43.39
N TYR B 421 -27.15 -19.27 42.54
CA TYR B 421 -27.02 -17.99 41.85
C TYR B 421 -28.20 -17.66 40.93
N LEU B 422 -28.59 -18.62 40.11
CA LEU B 422 -29.73 -18.40 39.22
C LEU B 422 -31.02 -18.19 40.03
N HIS B 423 -31.16 -18.89 41.16
CA HIS B 423 -32.33 -18.76 42.02
C HIS B 423 -32.35 -17.41 42.74
N ASN B 424 -31.24 -17.02 43.37
CA ASN B 424 -31.20 -15.74 44.07
C ASN B 424 -31.51 -14.57 43.15
N HIS B 425 -31.04 -14.60 41.90
CA HIS B 425 -31.12 -13.37 41.13
C HIS B 425 -32.00 -13.44 39.89
N SER B 426 -32.87 -14.45 39.81
CA SER B 426 -33.88 -14.51 38.73
C SER B 426 -34.64 -13.21 38.52
N TYR B 427 -34.79 -12.83 37.25
CA TYR B 427 -35.52 -11.63 36.83
C TYR B 427 -34.94 -10.36 37.42
N ALA B 428 -33.64 -10.39 37.71
CA ALA B 428 -32.98 -9.24 38.32
C ALA B 428 -31.57 -9.04 37.81
N SER B 429 -30.83 -8.15 38.44
CA SER B 429 -29.53 -7.79 37.91
C SER B 429 -28.41 -8.06 38.92
N ILE B 430 -27.20 -8.14 38.39
CA ILE B 430 -26.03 -8.66 39.11
C ILE B 430 -24.76 -7.93 38.78
N GLN B 431 -23.87 -7.82 39.76
CA GLN B 431 -22.51 -7.37 39.53
C GLN B 431 -21.55 -8.51 39.78
N SER B 432 -20.28 -8.31 39.41
CA SER B 432 -19.24 -9.31 39.60
C SER B 432 -19.23 -9.93 40.99
N ASP B 433 -19.37 -9.09 42.02
CA ASP B 433 -19.36 -9.58 43.39
C ASP B 433 -20.51 -10.52 43.74
N ASP B 434 -21.65 -10.40 43.07
CA ASP B 434 -22.79 -11.26 43.35
C ASP B 434 -22.50 -12.73 43.04
N LEU B 435 -21.72 -12.95 42.00
CA LEU B 435 -21.36 -14.31 41.60
C LEU B 435 -20.41 -14.97 42.60
N TRP B 436 -19.35 -14.27 42.98
CA TRP B 436 -18.43 -14.85 43.95
C TRP B 436 -19.12 -15.05 45.31
N ASP B 437 -20.09 -14.20 45.62
CA ASP B 437 -20.95 -14.39 46.78
C ASP B 437 -21.62 -15.76 46.79
N SER B 438 -22.07 -16.23 45.63
CA SER B 438 -22.72 -17.53 45.54
C SER B 438 -21.71 -18.67 45.74
N PHE B 439 -20.51 -18.50 45.21
CA PHE B 439 -19.50 -19.53 45.39
C PHE B 439 -19.08 -19.64 46.85
N ASN B 440 -19.17 -18.54 47.57
CA ASN B 440 -18.75 -18.55 48.97
C ASN B 440 -19.73 -19.31 49.86
N GLU B 441 -21.01 -19.29 49.48
CA GLU B 441 -22.05 -20.01 50.21
C GLU B 441 -21.88 -21.52 50.09
N VAL B 442 -21.50 -21.97 48.91
CA VAL B 442 -21.34 -23.37 48.61
C VAL B 442 -19.91 -23.85 48.94
N THR B 443 -19.10 -22.98 49.52
CA THR B 443 -17.77 -23.42 49.93
C THR B 443 -17.48 -23.02 51.36
N ASN B 444 -16.61 -23.80 51.97
CA ASN B 444 -16.20 -23.55 53.32
C ASN B 444 -15.35 -22.32 53.44
N GLN B 445 -15.25 -21.78 54.64
CA GLN B 445 -14.66 -20.47 54.84
C GLN B 445 -13.19 -20.28 54.53
N THR B 446 -12.35 -21.24 54.87
CA THR B 446 -10.93 -21.04 54.61
C THR B 446 -10.66 -20.66 53.17
N LEU B 447 -11.68 -20.80 52.32
CA LEU B 447 -11.52 -20.60 50.90
C LEU B 447 -12.44 -19.52 50.37
N ASP B 448 -11.94 -18.30 50.35
CA ASP B 448 -12.76 -17.15 50.01
C ASP B 448 -12.66 -16.81 48.52
N VAL B 449 -13.68 -17.20 47.75
CA VAL B 449 -13.63 -17.11 46.30
C VAL B 449 -13.58 -15.66 45.83
N LYS B 450 -14.25 -14.77 46.58
CA LYS B 450 -14.25 -13.35 46.24
C LYS B 450 -12.84 -12.74 46.25
N ARG B 451 -12.08 -12.95 47.32
CA ARG B 451 -10.72 -12.42 47.34
C ARG B 451 -9.81 -13.12 46.30
N MET B 452 -10.03 -14.41 46.10
CA MET B 452 -9.33 -15.13 45.05
C MET B 452 -9.58 -14.56 43.64
N MET B 453 -10.81 -14.14 43.35
CA MET B 453 -11.14 -13.74 41.97
C MET B 453 -10.96 -12.25 41.71
N LYS B 454 -10.59 -11.51 42.75
CA LYS B 454 -10.47 -10.07 42.65
C LYS B 454 -9.43 -9.73 41.59
N THR B 455 -8.23 -10.28 41.71
CA THR B 455 -7.17 -9.92 40.77
C THR B 455 -7.46 -10.39 39.37
N TRP B 456 -8.10 -11.55 39.23
CA TRP B 456 -8.48 -12.05 37.92
C TRP B 456 -9.54 -11.18 37.25
N THR B 457 -10.33 -10.42 38.00
CA THR B 457 -11.38 -9.65 37.35
C THR B 457 -11.04 -8.17 37.26
N LEU B 458 -10.06 -7.70 38.02
CA LEU B 458 -9.84 -6.25 38.08
C LEU B 458 -8.50 -5.80 37.58
N GLN B 459 -7.71 -6.73 37.07
CA GLN B 459 -6.40 -6.40 36.52
C GLN B 459 -6.28 -7.04 35.14
N LYS B 460 -5.67 -6.34 34.19
CA LYS B 460 -5.51 -6.88 32.84
C LYS B 460 -4.43 -7.91 32.84
N GLY B 461 -4.42 -8.73 31.80
CA GLY B 461 -3.35 -9.67 31.60
C GLY B 461 -3.52 -10.88 32.48
N PHE B 462 -2.42 -11.59 32.63
CA PHE B 462 -2.40 -12.84 33.33
C PHE B 462 -0.97 -13.13 33.73
N PRO B 463 -0.78 -14.04 34.69
CA PRO B 463 0.58 -14.23 35.20
C PRO B 463 1.41 -15.13 34.33
N LEU B 464 2.71 -14.88 34.31
CA LEU B 464 3.71 -15.84 33.89
C LEU B 464 4.12 -16.65 35.13
N VAL B 465 4.08 -17.97 35.08
CA VAL B 465 4.49 -18.77 36.22
C VAL B 465 5.83 -19.40 35.94
N THR B 466 6.82 -19.07 36.75
CA THR B 466 8.14 -19.62 36.52
C THR B 466 8.36 -20.82 37.44
N VAL B 467 8.94 -21.89 36.90
CA VAL B 467 9.03 -23.16 37.59
C VAL B 467 10.43 -23.73 37.53
N GLN B 468 10.96 -24.14 38.68
CA GLN B 468 12.29 -24.74 38.72
C GLN B 468 12.38 -25.91 39.68
N LYS B 469 12.65 -27.09 39.14
CA LYS B 469 12.83 -28.28 39.96
C LYS B 469 14.18 -28.25 40.65
N LYS B 470 14.16 -28.49 41.96
CA LYS B 470 15.38 -28.70 42.76
C LYS B 470 15.21 -29.92 43.67
N GLY B 471 15.66 -31.07 43.19
CA GLY B 471 15.51 -32.30 43.94
C GLY B 471 14.05 -32.66 44.14
N LYS B 472 13.62 -32.70 45.40
CA LYS B 472 12.22 -33.02 45.68
C LYS B 472 11.39 -31.76 45.85
N GLU B 473 12.02 -30.60 45.67
CA GLU B 473 11.28 -29.36 45.76
C GLU B 473 11.07 -28.70 44.38
N LEU B 474 9.88 -28.16 44.22
CA LEU B 474 9.50 -27.45 43.01
C LEU B 474 9.31 -25.97 43.38
N PHE B 475 10.24 -25.12 42.92
CA PHE B 475 10.15 -23.68 43.19
C PHE B 475 9.34 -22.94 42.11
N ILE B 476 8.34 -22.17 42.55
CA ILE B 476 7.43 -21.52 41.62
C ILE B 476 7.26 -20.04 41.96
N GLN B 477 7.20 -19.21 40.93
CA GLN B 477 7.15 -17.77 41.11
C GLN B 477 6.22 -17.16 40.06
N GLN B 478 5.47 -16.13 40.44
CA GLN B 478 4.59 -15.45 39.49
C GLN B 478 5.05 -14.03 39.18
N GLU B 479 4.76 -13.57 37.97
CA GLU B 479 4.93 -12.16 37.62
C GLU B 479 4.01 -11.85 36.48
N ARG B 480 3.91 -10.57 36.14
CA ARG B 480 3.08 -10.13 35.03
C ARG B 480 3.72 -10.56 33.71
N PHE B 481 2.91 -11.09 32.80
CA PHE B 481 3.41 -11.48 31.49
C PHE B 481 3.26 -10.38 30.44
N PHE B 482 4.37 -9.73 30.09
CA PHE B 482 4.38 -8.66 29.07
C PHE B 482 5.79 -8.38 28.58
N LEU B 483 5.90 -7.79 27.40
CA LEU B 483 7.20 -7.42 26.84
C LEU B 483 7.53 -5.94 27.11
N ASN B 484 8.83 -5.63 27.19
CA ASN B 484 9.32 -4.25 27.26
C ASN B 484 8.66 -3.48 28.42
N SER B 495 -0.34 -4.58 44.17
CA SER B 495 -1.59 -5.07 43.60
C SER B 495 -1.36 -5.66 42.19
N TYR B 496 -0.47 -6.65 42.11
CA TYR B 496 -0.16 -7.34 40.86
C TYR B 496 -0.17 -8.84 41.08
N LEU B 497 -0.57 -9.26 42.27
CA LEU B 497 -0.50 -10.68 42.63
C LEU B 497 -1.80 -11.42 42.33
N TRP B 498 -1.69 -12.45 41.51
CA TRP B 498 -2.83 -13.32 41.31
C TRP B 498 -2.80 -14.43 42.36
N HIS B 499 -3.98 -14.92 42.71
CA HIS B 499 -4.16 -16.13 43.48
C HIS B 499 -4.41 -17.22 42.47
N ILE B 500 -3.40 -18.06 42.25
CA ILE B 500 -3.42 -19.00 41.12
C ILE B 500 -3.63 -20.44 41.56
N PRO B 501 -4.67 -21.09 41.04
CA PRO B 501 -4.73 -22.53 41.30
C PRO B 501 -3.73 -23.25 40.42
N LEU B 502 -2.63 -23.74 40.98
CA LEU B 502 -1.70 -24.54 40.21
C LEU B 502 -2.05 -26.01 40.23
N SER B 503 -2.13 -26.60 39.05
CA SER B 503 -2.20 -28.05 38.92
C SER B 503 -0.87 -28.51 38.32
N TYR B 504 -0.35 -29.63 38.79
CA TYR B 504 0.89 -30.18 38.18
C TYR B 504 0.83 -31.68 38.09
N VAL B 505 1.50 -32.22 37.09
CA VAL B 505 1.57 -33.67 36.94
C VAL B 505 3.03 -34.10 36.85
N THR B 506 3.41 -35.12 37.61
CA THR B 506 4.79 -35.60 37.64
C THR B 506 4.88 -37.05 37.22
N GLU B 507 6.07 -37.46 36.81
CA GLU B 507 6.37 -38.87 36.62
C GLU B 507 7.52 -39.23 37.52
N GLY B 508 7.30 -40.19 38.43
CA GLY B 508 8.32 -40.59 39.38
C GLY B 508 9.37 -41.49 38.77
N ARG B 509 10.36 -41.83 39.59
CA ARG B 509 11.34 -42.84 39.23
C ARG B 509 10.83 -44.26 39.17
N ASN B 510 9.64 -44.51 39.70
CA ASN B 510 9.06 -45.86 39.67
C ASN B 510 8.05 -45.90 38.53
N TYR B 511 7.96 -44.74 37.86
CA TYR B 511 7.28 -44.50 36.59
C TYR B 511 5.80 -44.27 36.80
N SER B 512 5.39 -44.36 38.07
CA SER B 512 4.11 -43.83 38.50
C SER B 512 3.98 -42.36 38.13
N LYS B 513 2.88 -41.98 37.51
CA LYS B 513 2.59 -40.55 37.37
C LYS B 513 1.74 -40.15 38.58
N TYR B 514 1.92 -38.91 39.01
CA TYR B 514 1.21 -38.39 40.16
C TYR B 514 0.76 -37.00 39.77
N GLN B 515 -0.39 -36.57 40.23
CA GLN B 515 -0.78 -35.21 39.95
C GLN B 515 -1.48 -34.58 41.14
N SER B 516 -1.38 -33.27 41.24
CA SER B 516 -1.87 -32.59 42.42
C SER B 516 -2.12 -31.11 42.19
N VAL B 517 -2.48 -30.42 43.28
CA VAL B 517 -2.86 -29.02 43.22
C VAL B 517 -2.22 -28.27 44.37
N SER B 518 -1.90 -27.00 44.12
CA SER B 518 -1.56 -26.08 45.18
C SER B 518 -1.85 -24.68 44.68
N LEU B 519 -2.45 -23.88 45.56
CA LEU B 519 -2.81 -22.52 45.27
C LEU B 519 -1.65 -21.60 45.61
N LEU B 520 -1.23 -20.76 44.65
CA LEU B 520 -0.16 -19.78 44.87
C LEU B 520 -0.76 -18.39 45.05
N ASP B 521 -0.64 -17.81 46.24
CA ASP B 521 -1.23 -16.50 46.51
C ASP B 521 -0.16 -15.44 46.86
N LYS B 522 1.09 -15.80 46.64
CA LYS B 522 2.21 -14.93 46.98
C LYS B 522 3.11 -14.85 45.78
N LYS B 523 4.06 -13.92 45.78
CA LYS B 523 4.94 -13.74 44.63
C LYS B 523 5.70 -15.04 44.32
N SER B 524 5.99 -15.83 45.35
CA SER B 524 6.62 -17.12 45.11
C SER B 524 6.26 -18.12 46.19
N GLY B 525 6.69 -19.35 45.99
CA GLY B 525 6.33 -20.43 46.88
C GLY B 525 7.13 -21.65 46.53
N VAL B 526 7.06 -22.66 47.37
CA VAL B 526 7.78 -23.89 47.10
C VAL B 526 6.82 -25.07 47.32
N ILE B 527 6.69 -25.92 46.31
CA ILE B 527 5.85 -27.12 46.36
C ILE B 527 6.70 -28.34 46.71
N ASN B 528 6.34 -29.09 47.76
CA ASN B 528 7.10 -30.28 48.02
C ASN B 528 6.57 -31.44 47.19
N LEU B 529 7.50 -32.12 46.52
CA LEU B 529 7.23 -33.37 45.85
C LEU B 529 7.54 -34.52 46.81
N THR B 530 6.59 -35.40 47.01
CA THR B 530 6.76 -36.46 47.99
C THR B 530 7.89 -37.45 47.61
N GLU B 531 8.57 -37.17 46.50
CA GLU B 531 9.56 -38.09 45.90
C GLU B 531 10.37 -37.43 44.80
N GLU B 532 11.37 -38.14 44.30
CA GLU B 532 12.15 -37.68 43.13
C GLU B 532 11.37 -37.89 41.83
N VAL B 533 11.53 -36.98 40.86
CA VAL B 533 10.76 -37.07 39.63
C VAL B 533 11.62 -36.94 38.37
N LEU B 534 11.10 -37.45 37.26
CA LEU B 534 11.80 -37.42 36.00
C LEU B 534 11.47 -36.15 35.24
N TRP B 535 10.24 -35.68 35.37
CA TRP B 535 9.83 -34.40 34.79
C TRP B 535 8.55 -33.94 35.47
N VAL B 536 8.26 -32.64 35.36
CA VAL B 536 7.05 -32.03 35.89
C VAL B 536 6.41 -31.21 34.78
N LYS B 537 5.09 -31.26 34.66
CA LYS B 537 4.42 -30.33 33.78
C LYS B 537 3.35 -29.61 34.57
N VAL B 538 3.39 -28.28 34.54
CA VAL B 538 2.49 -27.43 35.29
C VAL B 538 1.35 -27.04 34.37
N ASN B 539 0.20 -26.74 34.97
CA ASN B 539 -1.03 -26.38 34.29
C ASN B 539 -1.60 -27.54 33.47
N ILE B 540 -2.13 -28.55 34.17
CA ILE B 540 -2.70 -29.72 33.50
C ILE B 540 -3.81 -29.37 32.51
N ASN B 541 -3.63 -29.79 31.27
CA ASN B 541 -4.63 -29.61 30.21
C ASN B 541 -4.93 -28.15 29.92
N MET B 542 -4.01 -27.28 30.33
CA MET B 542 -4.24 -25.83 30.38
C MET B 542 -5.61 -25.44 30.94
N ASN B 543 -6.01 -26.01 32.06
CA ASN B 543 -7.24 -25.55 32.72
C ASN B 543 -7.06 -24.17 33.30
N GLY B 544 -5.79 -23.77 33.47
CA GLY B 544 -5.47 -22.52 34.10
C GLY B 544 -5.20 -21.43 33.08
N TYR B 545 -5.62 -20.22 33.41
CA TYR B 545 -5.38 -19.08 32.54
C TYR B 545 -4.05 -18.43 32.90
N TYR B 546 -2.96 -19.11 32.58
CA TYR B 546 -1.63 -18.53 32.76
C TYR B 546 -0.64 -19.27 31.90
N ILE B 547 0.55 -18.71 31.75
CA ILE B 547 1.59 -19.29 30.92
C ILE B 547 2.74 -19.82 31.82
N VAL B 548 3.38 -20.90 31.41
CA VAL B 548 4.43 -21.49 32.24
C VAL B 548 5.81 -21.48 31.59
N HIS B 549 6.80 -21.09 32.38
CA HIS B 549 8.17 -21.08 31.94
C HIS B 549 9.03 -21.99 32.82
N TYR B 550 9.77 -22.90 32.20
CA TYR B 550 10.63 -23.81 32.93
C TYR B 550 12.10 -23.44 32.88
N ALA B 551 12.82 -23.70 33.97
CA ALA B 551 14.29 -23.69 33.95
C ALA B 551 14.84 -24.66 32.90
N ASP B 552 16.10 -24.47 32.52
CA ASP B 552 16.67 -25.25 31.42
C ASP B 552 16.67 -26.76 31.61
N ASP B 553 16.90 -27.23 32.83
CA ASP B 553 16.86 -28.67 33.07
C ASP B 553 15.44 -29.20 32.87
N ASP B 554 14.46 -28.40 33.27
CA ASP B 554 13.09 -28.89 33.30
C ASP B 554 12.45 -28.78 31.92
N TRP B 555 12.82 -27.78 31.12
CA TRP B 555 12.38 -27.72 29.73
CA TRP B 555 12.37 -27.75 29.74
C TRP B 555 12.98 -28.92 28.99
N GLU B 556 14.22 -29.25 29.35
CA GLU B 556 14.95 -30.34 28.73
C GLU B 556 14.32 -31.70 29.05
N ALA B 557 13.83 -31.85 30.28
CA ALA B 557 13.15 -33.08 30.66
C ALA B 557 11.88 -33.30 29.82
N LEU B 558 11.07 -32.26 29.66
CA LEU B 558 9.83 -32.38 28.88
C LEU B 558 10.07 -32.71 27.43
N ILE B 559 11.05 -32.03 26.85
CA ILE B 559 11.35 -32.25 25.45
C ILE B 559 11.97 -33.64 25.27
N HIS B 560 12.69 -34.15 26.26
CA HIS B 560 13.21 -35.50 26.16
C HIS B 560 12.08 -36.51 26.24
N GLN B 561 11.21 -36.32 27.23
CA GLN B 561 10.06 -37.18 27.44
C GLN B 561 9.15 -37.17 26.22
N LEU B 562 9.01 -36.01 25.58
CA LEU B 562 8.20 -35.89 24.38
C LEU B 562 8.75 -36.71 23.22
N LYS B 563 10.02 -37.11 23.32
CA LYS B 563 10.67 -37.86 22.25
C LYS B 563 10.81 -39.35 22.56
N ILE B 564 10.55 -39.78 23.79
CA ILE B 564 10.55 -41.20 24.10
C ILE B 564 9.13 -41.74 24.26
N ASN B 565 8.23 -40.97 24.88
CA ASN B 565 6.81 -41.33 24.88
C ASN B 565 5.93 -40.09 25.05
N PRO B 566 5.53 -39.49 23.93
CA PRO B 566 4.69 -38.28 23.99
C PRO B 566 3.34 -38.49 24.65
N TYR B 567 2.92 -39.74 24.84
CA TYR B 567 1.55 -39.97 25.24
C TYR B 567 1.33 -40.10 26.75
N VAL B 568 2.38 -39.82 27.52
CA VAL B 568 2.21 -39.64 28.96
C VAL B 568 1.55 -38.30 29.22
N LEU B 569 1.47 -37.47 28.18
CA LEU B 569 0.84 -36.16 28.26
C LEU B 569 -0.34 -36.12 27.34
N SER B 570 -1.41 -35.44 27.74
CA SER B 570 -2.61 -35.35 26.89
C SER B 570 -2.35 -34.52 25.65
N ASP B 571 -3.25 -34.63 24.68
CA ASP B 571 -3.17 -33.81 23.46
C ASP B 571 -3.20 -32.30 23.79
N LYS B 572 -4.05 -31.91 24.75
CA LYS B 572 -4.08 -30.54 25.24
C LYS B 572 -2.77 -30.15 25.89
N ASP B 573 -2.21 -31.04 26.69
CA ASP B 573 -0.93 -30.75 27.34
C ASP B 573 0.15 -30.46 26.32
N ARG B 574 0.17 -31.20 25.21
CA ARG B 574 1.21 -30.99 24.23
C ARG B 574 0.92 -29.72 23.44
N ALA B 575 -0.34 -29.47 23.10
CA ALA B 575 -0.69 -28.24 22.38
C ALA B 575 -0.30 -27.01 23.22
N ASN B 576 -0.54 -27.09 24.54
CA ASN B 576 -0.19 -26.08 25.50
C ASN B 576 1.33 -25.85 25.54
N LEU B 577 2.13 -26.91 25.58
CA LEU B 577 3.58 -26.79 25.56
C LEU B 577 4.11 -26.08 24.31
N ILE B 578 3.53 -26.43 23.16
CA ILE B 578 3.92 -25.81 21.91
C ILE B 578 3.54 -24.35 21.98
N ASN B 579 2.35 -24.09 22.50
CA ASN B 579 1.93 -22.72 22.61
C ASN B 579 2.80 -21.93 23.59
N ASN B 580 3.22 -22.44 24.75
CA ASN B 580 3.79 -21.45 25.63
C ASN B 580 5.25 -21.22 25.14
N ILE B 581 5.87 -22.20 24.47
CA ILE B 581 7.25 -22.05 24.08
C ILE B 581 7.36 -21.03 22.95
N PHE B 582 6.37 -20.91 22.08
CA PHE B 582 6.46 -19.92 21.01
C PHE B 582 6.15 -18.51 21.52
N GLU B 583 5.21 -18.39 22.45
CA GLU B 583 4.91 -17.11 23.09
C GLU B 583 6.14 -16.58 23.80
N LEU B 584 6.82 -17.48 24.48
CA LEU B 584 8.00 -17.15 25.25
C LEU B 584 9.21 -16.82 24.39
N ALA B 585 9.29 -17.44 23.21
CA ALA B 585 10.42 -17.23 22.30
C ALA B 585 10.24 -15.91 21.59
N GLY B 586 8.98 -15.62 21.27
CA GLY B 586 8.62 -14.38 20.62
C GLY B 586 8.55 -13.20 21.55
N LEU B 587 9.19 -13.29 22.70
CA LEU B 587 9.26 -12.18 23.64
C LEU B 587 10.65 -12.11 24.26
N GLY B 588 11.57 -12.90 23.72
CA GLY B 588 12.96 -12.89 24.16
C GLY B 588 13.28 -13.78 25.35
N LYS B 589 12.25 -14.22 26.06
CA LYS B 589 12.44 -14.93 27.33
C LYS B 589 13.00 -16.36 27.19
N VAL B 590 12.94 -16.91 25.97
CA VAL B 590 13.74 -18.09 25.61
C VAL B 590 14.24 -17.91 24.18
N PRO B 591 15.34 -18.57 23.82
CA PRO B 591 15.74 -18.45 22.41
C PRO B 591 14.74 -19.14 21.50
N LEU B 592 14.49 -18.56 20.32
CA LEU B 592 13.59 -19.15 19.34
C LEU B 592 14.06 -20.57 18.99
N LYS B 593 15.38 -20.74 19.00
CA LYS B 593 16.08 -22.02 19.10
C LYS B 593 15.27 -23.12 19.71
N ARG B 594 14.93 -22.85 20.96
CA ARG B 594 14.32 -23.80 21.87
C ARG B 594 12.91 -24.21 21.44
N ALA B 595 12.18 -23.24 20.88
CA ALA B 595 10.85 -23.52 20.33
C ALA B 595 10.92 -24.54 19.19
N PHE B 596 12.03 -24.51 18.46
CA PHE B 596 12.17 -25.33 17.26
C PHE B 596 12.72 -26.72 17.59
N ASP B 597 13.48 -26.82 18.67
CA ASP B 597 13.80 -28.12 19.26
C ASP B 597 12.52 -28.85 19.68
N LEU B 598 11.56 -28.13 20.23
CA LEU B 598 10.37 -28.76 20.80
C LEU B 598 9.49 -29.38 19.73
N ILE B 599 9.27 -28.69 18.61
CA ILE B 599 8.34 -29.22 17.60
C ILE B 599 9.00 -30.28 16.75
N ASN B 600 10.22 -30.64 17.10
CA ASN B 600 10.92 -31.70 16.42
C ASN B 600 10.29 -33.08 16.70
N TYR B 601 9.40 -33.14 17.66
CA TYR B 601 8.72 -34.38 18.00
C TYR B 601 7.53 -34.59 17.06
N LEU B 602 7.21 -33.58 16.26
CA LEU B 602 5.98 -33.62 15.49
C LEU B 602 5.94 -34.69 14.43
N GLY B 603 7.05 -35.40 14.26
CA GLY B 603 7.09 -36.49 13.29
C GLY B 603 6.20 -37.62 13.75
N ASN B 604 6.09 -37.76 15.07
CA ASN B 604 5.32 -38.85 15.67
CA ASN B 604 5.34 -38.83 15.72
C ASN B 604 4.01 -38.36 16.33
N GLU B 605 3.37 -37.33 15.76
CA GLU B 605 2.13 -36.78 16.33
C GLU B 605 0.92 -37.08 15.44
N ASN B 606 -0.17 -37.58 16.00
CA ASN B 606 -1.35 -37.91 15.21
C ASN B 606 -2.64 -37.34 15.77
N HIS B 607 -2.52 -36.47 16.78
CA HIS B 607 -3.68 -35.74 17.29
C HIS B 607 -3.76 -34.33 16.71
N THR B 608 -4.97 -33.80 16.68
CA THR B 608 -5.25 -32.60 15.91
C THR B 608 -4.72 -31.37 16.63
N ALA B 609 -5.02 -31.26 17.93
CA ALA B 609 -4.73 -30.04 18.67
C ALA B 609 -3.25 -29.63 18.67
N PRO B 610 -2.31 -30.54 18.98
CA PRO B 610 -0.92 -30.08 18.89
C PRO B 610 -0.50 -29.74 17.47
N ILE B 611 -1.04 -30.41 16.45
CA ILE B 611 -0.62 -30.11 15.08
C ILE B 611 -1.15 -28.75 14.63
N THR B 612 -2.43 -28.48 14.86
CA THR B 612 -3.01 -27.20 14.44
C THR B 612 -2.36 -26.03 15.16
N GLU B 613 -1.87 -26.27 16.38
CA GLU B 613 -1.17 -25.20 17.10
C GLU B 613 0.23 -24.98 16.51
N ALA B 614 0.83 -26.03 16.00
CA ALA B 614 2.11 -25.91 15.31
C ALA B 614 1.95 -25.13 14.01
N LEU B 615 0.91 -25.46 13.25
CA LEU B 615 0.65 -24.82 11.98
C LEU B 615 0.25 -23.37 12.15
N PHE B 616 -0.41 -23.05 13.26
CA PHE B 616 -0.78 -21.67 13.52
C PHE B 616 0.45 -20.79 13.76
N GLN B 617 1.40 -21.29 14.54
CA GLN B 617 2.64 -20.57 14.78
C GLN B 617 3.43 -20.41 13.48
N THR B 618 3.54 -21.53 12.78
CA THR B 618 4.26 -21.61 11.51
C THR B 618 3.71 -20.63 10.47
N ASP B 619 2.40 -20.60 10.33
CA ASP B 619 1.76 -19.76 9.32
C ASP B 619 1.87 -18.28 9.67
N LEU B 620 1.75 -17.96 10.96
CA LEU B 620 1.90 -16.60 11.44
C LEU B 620 3.28 -16.06 11.05
N ILE B 621 4.33 -16.85 11.35
CA ILE B 621 5.68 -16.45 11.05
C ILE B 621 5.87 -16.33 9.54
N TYR B 622 5.35 -17.32 8.83
CA TYR B 622 5.39 -17.30 7.39
C TYR B 622 4.81 -15.98 6.83
N ASN B 623 3.61 -15.63 7.27
CA ASN B 623 2.93 -14.44 6.77
C ASN B 623 3.61 -13.13 7.17
N LEU B 624 4.30 -13.11 8.30
CA LEU B 624 5.11 -11.95 8.63
C LEU B 624 6.36 -11.89 7.74
N LEU B 625 7.13 -12.97 7.64
CA LEU B 625 8.27 -12.97 6.74
C LEU B 625 7.87 -12.61 5.32
N GLU B 626 6.72 -13.11 4.89
CA GLU B 626 6.28 -12.94 3.52
C GLU B 626 5.98 -11.44 3.25
N LYS B 627 5.22 -10.76 4.11
CA LYS B 627 4.87 -9.36 3.86
C LYS B 627 6.09 -8.44 3.91
N LEU B 628 7.11 -8.86 4.63
CA LEU B 628 8.34 -8.08 4.75
C LEU B 628 9.24 -8.26 3.53
N GLY B 629 8.95 -9.29 2.73
CA GLY B 629 9.71 -9.57 1.53
C GLY B 629 10.69 -10.73 1.60
N TYR B 630 10.78 -11.39 2.75
CA TYR B 630 11.73 -12.48 2.95
C TYR B 630 11.17 -13.79 2.41
N MET B 631 11.04 -13.87 1.09
CA MET B 631 10.32 -14.95 0.42
C MET B 631 11.06 -16.26 0.52
N ASP B 632 12.38 -16.19 0.38
CA ASP B 632 13.25 -17.34 0.43
C ASP B 632 13.24 -17.99 1.81
N LEU B 633 13.41 -17.16 2.84
CA LEU B 633 13.38 -17.60 4.21
C LEU B 633 12.02 -18.19 4.57
N ALA B 634 10.96 -17.56 4.06
CA ALA B 634 9.60 -18.02 4.32
C ALA B 634 9.33 -19.38 3.67
N SER B 635 9.83 -19.57 2.45
CA SER B 635 9.69 -20.86 1.78
C SER B 635 10.46 -21.97 2.50
N ARG B 636 11.62 -21.65 3.06
CA ARG B 636 12.37 -22.63 3.84
C ARG B 636 11.66 -23.06 5.13
N LEU B 637 11.11 -22.08 5.83
CA LEU B 637 10.30 -22.36 6.99
C LEU B 637 9.21 -23.41 6.72
N VAL B 638 8.39 -23.20 5.69
CA VAL B 638 7.27 -24.12 5.46
C VAL B 638 7.72 -25.43 4.84
N THR B 639 8.85 -25.43 4.14
CA THR B 639 9.48 -26.69 3.69
C THR B 639 9.99 -27.52 4.87
N ARG B 640 10.64 -26.85 5.81
CA ARG B 640 11.11 -27.50 7.02
C ARG B 640 9.95 -28.13 7.78
N VAL B 641 8.86 -27.38 7.99
CA VAL B 641 7.70 -27.91 8.70
C VAL B 641 6.99 -29.00 7.89
N PHE B 642 6.91 -28.82 6.58
CA PHE B 642 6.34 -29.84 5.71
C PHE B 642 7.04 -31.18 5.86
N LYS B 643 8.38 -31.16 5.94
CA LYS B 643 9.14 -32.39 6.03
C LYS B 643 8.87 -33.04 7.38
N LEU B 644 8.72 -32.21 8.39
CA LEU B 644 8.29 -32.65 9.71
C LEU B 644 6.96 -33.41 9.73
N LEU B 645 5.96 -32.91 9.00
CA LEU B 645 4.61 -33.50 9.00
C LEU B 645 4.30 -34.28 7.72
N GLN B 646 5.35 -34.50 6.93
CA GLN B 646 5.33 -35.24 5.66
C GLN B 646 4.60 -36.59 5.69
N ASN B 647 4.86 -37.40 6.71
CA ASN B 647 4.17 -38.67 6.86
CA ASN B 647 4.18 -38.68 6.85
C ASN B 647 2.68 -38.44 7.01
N GLN B 648 2.30 -37.66 8.03
CA GLN B 648 0.90 -37.31 8.26
C GLN B 648 0.19 -36.80 6.99
N ILE B 649 0.85 -35.92 6.24
CA ILE B 649 0.25 -35.29 5.08
C ILE B 649 0.00 -36.29 3.95
N GLN B 650 1.01 -37.11 3.67
CA GLN B 650 0.90 -38.09 2.60
C GLN B 650 -0.14 -39.18 2.89
N GLN B 651 -0.31 -39.57 4.15
CA GLN B 651 -1.32 -40.56 4.54
CA GLN B 651 -1.31 -40.58 4.46
C GLN B 651 -2.74 -40.03 4.39
N GLN B 652 -2.89 -38.73 4.16
CA GLN B 652 -4.24 -38.16 4.13
C GLN B 652 -5.00 -38.58 2.90
N THR B 653 -6.25 -39.01 3.11
CA THR B 653 -7.17 -39.34 2.03
C THR B 653 -8.15 -38.19 1.77
N TRP B 654 -8.59 -38.02 0.53
CA TRP B 654 -9.49 -36.93 0.19
C TRP B 654 -10.95 -37.38 0.26
N THR B 655 -11.45 -37.49 1.49
CA THR B 655 -12.77 -38.04 1.79
C THR B 655 -13.33 -37.38 3.05
N ASP B 656 -14.43 -37.93 3.56
CA ASP B 656 -14.97 -37.48 4.86
C ASP B 656 -14.90 -38.60 5.91
N GLU B 657 -13.94 -39.50 5.75
CA GLU B 657 -13.80 -40.61 6.71
C GLU B 657 -13.27 -40.18 8.08
N GLY B 658 -13.74 -40.86 9.12
CA GLY B 658 -13.14 -40.79 10.44
C GLY B 658 -13.90 -39.96 11.44
N THR B 659 -13.39 -39.90 12.66
CA THR B 659 -13.94 -39.04 13.69
C THR B 659 -13.98 -37.58 13.26
N PRO B 660 -14.86 -36.77 13.85
CA PRO B 660 -14.83 -35.37 13.45
C PRO B 660 -13.47 -34.74 13.72
N SER B 661 -12.79 -35.19 14.77
CA SER B 661 -11.46 -34.67 15.08
C SER B 661 -10.47 -34.93 13.94
N MET B 662 -10.51 -36.13 13.40
CA MET B 662 -9.61 -36.55 12.33
C MET B 662 -9.93 -35.88 11.01
N ARG B 663 -11.19 -35.54 10.84
CA ARG B 663 -11.64 -34.94 9.59
C ARG B 663 -11.10 -33.53 9.57
N GLU B 664 -11.09 -32.88 10.73
CA GLU B 664 -10.60 -31.51 10.82
C GLU B 664 -9.09 -31.47 10.70
N LEU B 665 -8.41 -32.51 11.17
CA LEU B 665 -6.98 -32.68 10.93
C LEU B 665 -6.67 -32.78 9.42
N ARG B 666 -7.51 -33.50 8.68
CA ARG B 666 -7.35 -33.63 7.23
C ARG B 666 -7.44 -32.27 6.56
N SER B 667 -8.45 -31.50 6.96
CA SER B 667 -8.64 -30.16 6.41
C SER B 667 -7.42 -29.30 6.69
N ALA B 668 -6.94 -29.31 7.93
CA ALA B 668 -5.81 -28.47 8.31
C ALA B 668 -4.56 -28.79 7.47
N LEU B 669 -4.17 -30.06 7.50
CA LEU B 669 -3.06 -30.58 6.72
C LEU B 669 -3.14 -30.32 5.20
N LEU B 670 -4.31 -30.50 4.59
CA LEU B 670 -4.41 -30.34 3.14
C LEU B 670 -4.42 -28.87 2.75
N GLU B 671 -5.11 -28.07 3.55
CA GLU B 671 -5.10 -26.63 3.38
C GLU B 671 -3.66 -26.09 3.44
N PHE B 672 -2.88 -26.62 4.39
CA PHE B 672 -1.49 -26.20 4.57
C PHE B 672 -0.60 -26.53 3.39
N ALA B 673 -0.66 -27.79 2.93
CA ALA B 673 0.19 -28.24 1.84
C ALA B 673 -0.17 -27.52 0.54
N CYS B 674 -1.46 -27.36 0.27
CA CYS B 674 -1.89 -26.66 -0.96
C CYS B 674 -1.59 -25.17 -0.94
N THR B 675 -1.93 -24.50 0.14
CA THR B 675 -1.75 -23.05 0.24
C THR B 675 -0.30 -22.71 -0.04
N HIS B 676 0.61 -23.54 0.47
CA HIS B 676 2.04 -23.31 0.28
C HIS B 676 2.64 -24.13 -0.87
N ASN B 677 1.79 -24.81 -1.64
CA ASN B 677 2.24 -25.62 -2.77
C ASN B 677 3.36 -26.56 -2.44
N LEU B 678 3.08 -27.52 -1.59
CA LEU B 678 4.08 -28.46 -1.12
C LEU B 678 3.64 -29.88 -1.44
N GLY B 679 4.57 -30.69 -1.92
CA GLY B 679 4.23 -32.04 -2.30
C GLY B 679 3.33 -32.01 -3.52
N ASN B 680 2.47 -33.01 -3.67
CA ASN B 680 1.64 -33.13 -4.85
C ASN B 680 0.19 -32.72 -4.63
N CYS B 681 -0.06 -32.16 -3.46
CA CYS B 681 -1.42 -31.93 -3.01
CA CYS B 681 -1.40 -31.84 -2.96
C CYS B 681 -2.21 -30.96 -3.90
N SER B 682 -1.58 -29.88 -4.36
CA SER B 682 -2.25 -28.98 -5.29
C SER B 682 -2.74 -29.72 -6.56
N THR B 683 -1.95 -30.65 -7.06
CA THR B 683 -2.29 -31.38 -8.28
C THR B 683 -3.54 -32.23 -8.13
N THR B 684 -3.54 -33.03 -7.07
CA THR B 684 -4.70 -33.82 -6.71
C THR B 684 -5.98 -32.96 -6.68
N ALA B 685 -5.87 -31.80 -6.03
CA ALA B 685 -6.99 -30.89 -5.82
C ALA B 685 -7.48 -30.25 -7.12
N MET B 686 -6.55 -30.05 -8.06
CA MET B 686 -6.91 -29.44 -9.33
C MET B 686 -7.68 -30.46 -10.17
N LYS B 687 -7.26 -31.73 -10.08
CA LYS B 687 -7.97 -32.81 -10.75
C LYS B 687 -9.39 -32.94 -10.21
N LEU B 688 -9.52 -32.98 -8.88
CA LEU B 688 -10.84 -33.00 -8.25
C LEU B 688 -11.67 -31.78 -8.60
N PHE B 689 -11.02 -30.62 -8.73
CA PHE B 689 -11.77 -29.42 -9.12
C PHE B 689 -12.30 -29.60 -10.51
N ASP B 690 -11.41 -29.99 -11.43
CA ASP B 690 -11.74 -30.17 -12.85
C ASP B 690 -12.93 -31.06 -13.07
N ASP B 691 -12.91 -32.23 -12.46
CA ASP B 691 -14.02 -33.16 -12.58
C ASP B 691 -15.32 -32.51 -12.09
N TRP B 692 -15.27 -31.93 -10.88
CA TRP B 692 -16.43 -31.27 -10.30
C TRP B 692 -17.00 -30.22 -11.23
N MET B 693 -16.12 -29.49 -11.90
CA MET B 693 -16.54 -28.45 -12.84
C MET B 693 -17.09 -29.07 -14.13
N ALA B 694 -16.43 -30.11 -14.62
CA ALA B 694 -16.88 -30.88 -15.80
C ALA B 694 -18.36 -31.26 -15.72
N SER B 695 -18.79 -31.65 -14.53
CA SER B 695 -20.15 -32.09 -14.33
C SER B 695 -21.06 -30.95 -13.96
N ASN B 696 -20.66 -29.73 -14.30
CA ASN B 696 -21.42 -28.53 -13.97
C ASN B 696 -21.79 -28.45 -12.49
N GLY B 697 -20.89 -28.93 -11.64
CA GLY B 697 -21.04 -28.79 -10.21
C GLY B 697 -21.97 -29.82 -9.61
N THR B 698 -22.30 -30.84 -10.39
CA THR B 698 -23.25 -31.85 -9.96
C THR B 698 -22.62 -32.82 -9.00
N GLN B 699 -21.52 -33.42 -9.45
CA GLN B 699 -20.85 -34.50 -8.74
C GLN B 699 -20.55 -34.18 -7.28
N SER B 700 -20.60 -35.19 -6.43
CA SER B 700 -20.30 -35.00 -5.03
C SER B 700 -18.82 -34.67 -4.80
N LEU B 701 -18.59 -33.65 -3.98
CA LEU B 701 -17.27 -33.35 -3.45
C LEU B 701 -17.29 -33.66 -1.96
N PRO B 702 -16.28 -34.39 -1.48
CA PRO B 702 -16.22 -34.57 -0.03
C PRO B 702 -16.15 -33.22 0.65
N THR B 703 -17.16 -32.90 1.46
CA THR B 703 -17.28 -31.59 2.12
C THR B 703 -16.03 -31.13 2.93
N ASP B 704 -15.18 -32.06 3.33
CA ASP B 704 -14.00 -31.71 4.11
C ASP B 704 -12.83 -31.23 3.24
N VAL B 705 -12.96 -31.34 1.92
CA VAL B 705 -11.89 -30.84 1.07
C VAL B 705 -12.37 -29.76 0.13
N MET B 706 -13.64 -29.37 0.26
CA MET B 706 -14.26 -28.43 -0.68
C MET B 706 -13.52 -27.10 -0.78
N THR B 707 -13.21 -26.52 0.38
CA THR B 707 -12.51 -25.24 0.46
C THR B 707 -11.17 -25.31 -0.26
N THR B 708 -10.37 -26.30 0.11
CA THR B 708 -9.06 -26.52 -0.53
C THR B 708 -9.18 -26.71 -2.04
N VAL B 709 -10.15 -27.53 -2.45
CA VAL B 709 -10.35 -27.80 -3.87
C VAL B 709 -10.77 -26.54 -4.64
N PHE B 710 -11.69 -25.77 -4.07
CA PHE B 710 -12.13 -24.52 -4.69
C PHE B 710 -11.03 -23.48 -4.75
N LYS B 711 -10.25 -23.36 -3.67
CA LYS B 711 -9.09 -22.46 -3.66
C LYS B 711 -8.09 -22.78 -4.76
N VAL B 712 -7.96 -24.05 -5.09
CA VAL B 712 -7.05 -24.43 -6.17
C VAL B 712 -7.70 -24.03 -7.49
N GLY B 713 -8.98 -24.32 -7.64
CA GLY B 713 -9.70 -23.93 -8.84
C GLY B 713 -9.68 -22.44 -9.10
N ALA B 714 -9.78 -21.64 -8.05
CA ALA B 714 -9.99 -20.21 -8.21
C ALA B 714 -8.74 -19.46 -8.65
N LYS B 715 -7.61 -20.16 -8.70
CA LYS B 715 -6.35 -19.56 -9.11
C LYS B 715 -6.30 -19.39 -10.62
N THR B 716 -7.19 -20.08 -11.33
CA THR B 716 -7.31 -19.93 -12.79
C THR B 716 -8.57 -19.13 -13.14
N ASP B 717 -8.52 -18.39 -14.25
CA ASP B 717 -9.65 -17.58 -14.72
C ASP B 717 -10.95 -18.37 -14.92
N LYS B 718 -10.83 -19.55 -15.54
CA LYS B 718 -11.97 -20.42 -15.83
C LYS B 718 -12.67 -20.84 -14.53
N GLY B 719 -11.90 -21.37 -13.60
CA GLY B 719 -12.44 -21.83 -12.33
C GLY B 719 -13.02 -20.70 -11.49
N TRP B 720 -12.40 -19.53 -11.55
CA TRP B 720 -12.84 -18.39 -10.77
C TRP B 720 -14.22 -17.98 -11.28
N SER B 721 -14.38 -17.83 -12.59
CA SER B 721 -15.69 -17.52 -13.19
C SER B 721 -16.74 -18.56 -12.84
N PHE B 722 -16.36 -19.84 -12.91
CA PHE B 722 -17.26 -20.92 -12.57
C PHE B 722 -17.76 -20.82 -11.12
N LEU B 723 -16.83 -20.58 -10.20
CA LEU B 723 -17.17 -20.47 -8.79
C LEU B 723 -18.07 -19.27 -8.55
N LEU B 724 -17.79 -18.15 -9.21
CA LEU B 724 -18.65 -16.97 -9.08
C LEU B 724 -20.08 -17.25 -9.55
N GLY B 725 -20.22 -17.98 -10.67
CA GLY B 725 -21.51 -18.36 -11.19
C GLY B 725 -22.29 -19.24 -10.23
N LYS B 726 -21.58 -20.12 -9.53
CA LYS B 726 -22.23 -20.99 -8.55
C LYS B 726 -22.55 -20.26 -7.26
N TYR B 727 -21.83 -19.18 -6.96
CA TYR B 727 -22.08 -18.44 -5.73
C TYR B 727 -23.42 -17.75 -5.86
N ILE B 728 -23.63 -17.17 -7.04
CA ILE B 728 -24.89 -16.55 -7.43
C ILE B 728 -26.09 -17.50 -7.38
N SER B 729 -25.89 -18.78 -7.69
CA SER B 729 -27.02 -19.63 -8.03
C SER B 729 -27.41 -20.69 -7.00
N ILE B 730 -26.46 -21.24 -6.25
CA ILE B 730 -26.80 -22.33 -5.31
C ILE B 730 -27.54 -21.82 -4.05
N GLY B 731 -27.83 -22.74 -3.12
CA GLY B 731 -28.64 -22.41 -1.97
C GLY B 731 -28.12 -22.90 -0.62
N SER B 732 -26.95 -23.50 -0.61
CA SER B 732 -26.26 -23.83 0.63
C SER B 732 -25.39 -22.62 1.02
N GLU B 733 -25.81 -21.87 2.04
CA GLU B 733 -25.02 -20.71 2.46
C GLU B 733 -23.67 -21.16 2.97
N ALA B 734 -23.65 -22.35 3.56
CA ALA B 734 -22.42 -22.94 4.06
C ALA B 734 -21.42 -23.15 2.92
N GLU B 735 -21.89 -23.73 1.82
CA GLU B 735 -21.00 -24.01 0.69
C GLU B 735 -20.59 -22.69 0.00
N LYS B 736 -21.53 -21.76 -0.07
CA LYS B 736 -21.26 -20.42 -0.55
C LYS B 736 -20.13 -19.71 0.24
N ASN B 737 -20.08 -19.90 1.56
CA ASN B 737 -18.96 -19.35 2.32
C ASN B 737 -17.67 -20.00 1.89
N LYS B 738 -17.70 -21.31 1.62
CA LYS B 738 -16.50 -21.99 1.16
C LYS B 738 -16.05 -21.47 -0.20
N ILE B 739 -17.01 -21.15 -1.07
CA ILE B 739 -16.69 -20.58 -2.37
C ILE B 739 -16.15 -19.15 -2.25
N LEU B 740 -16.77 -18.33 -1.42
CA LEU B 740 -16.34 -16.94 -1.27
C LEU B 740 -14.89 -16.89 -0.77
N GLU B 741 -14.53 -17.81 0.13
CA GLU B 741 -13.17 -17.87 0.59
C GLU B 741 -12.22 -18.25 -0.55
N ALA B 742 -12.69 -19.04 -1.51
CA ALA B 742 -11.82 -19.40 -2.63
C ALA B 742 -11.65 -18.22 -3.56
N LEU B 743 -12.72 -17.46 -3.77
CA LEU B 743 -12.70 -16.32 -4.69
C LEU B 743 -11.76 -15.25 -4.19
N ALA B 744 -11.80 -15.01 -2.88
CA ALA B 744 -11.03 -14.00 -2.20
C ALA B 744 -9.58 -14.40 -2.05
N SER B 745 -9.26 -15.62 -2.45
CA SER B 745 -7.90 -16.15 -2.38
C SER B 745 -7.24 -16.13 -3.75
N SER B 746 -7.87 -15.44 -4.71
CA SER B 746 -7.25 -15.25 -6.02
C SER B 746 -5.93 -14.45 -5.98
N GLU B 747 -5.04 -14.73 -6.92
CA GLU B 747 -3.85 -13.89 -7.10
C GLU B 747 -4.18 -12.59 -7.83
N ASP B 748 -5.37 -12.44 -8.38
CA ASP B 748 -5.64 -11.29 -9.23
C ASP B 748 -6.22 -10.09 -8.46
N VAL B 749 -5.38 -9.06 -8.34
CA VAL B 749 -5.67 -7.84 -7.62
C VAL B 749 -6.95 -7.13 -8.10
N ARG B 750 -7.26 -7.16 -9.39
CA ARG B 750 -8.48 -6.52 -9.84
CA ARG B 750 -8.49 -6.55 -9.88
C ARG B 750 -9.71 -7.30 -9.37
N LYS B 751 -9.58 -8.62 -9.24
CA LYS B 751 -10.70 -9.43 -8.74
C LYS B 751 -10.91 -9.21 -7.26
N LEU B 752 -9.83 -9.24 -6.49
CA LEU B 752 -9.92 -8.99 -5.06
C LEU B 752 -10.56 -7.61 -4.79
N TYR B 753 -10.14 -6.61 -5.56
CA TYR B 753 -10.66 -5.28 -5.39
C TYR B 753 -12.17 -5.24 -5.67
N TRP B 754 -12.58 -5.84 -6.78
CA TRP B 754 -13.99 -5.94 -7.12
C TRP B 754 -14.80 -6.61 -5.98
N LEU B 755 -14.30 -7.70 -5.42
CA LEU B 755 -14.99 -8.38 -4.31
C LEU B 755 -15.30 -7.46 -3.12
N MET B 756 -14.29 -6.74 -2.66
CA MET B 756 -14.47 -5.84 -1.52
C MET B 756 -15.41 -4.68 -1.85
N LYS B 757 -15.22 -4.07 -3.03
CA LYS B 757 -16.06 -2.94 -3.44
C LYS B 757 -17.51 -3.37 -3.61
N SER B 758 -17.72 -4.58 -4.10
CA SER B 758 -19.07 -5.11 -4.24
C SER B 758 -19.73 -5.40 -2.89
N SER B 759 -19.01 -6.07 -1.99
CA SER B 759 -19.57 -6.41 -0.71
C SER B 759 -19.97 -5.15 0.07
N LEU B 760 -19.13 -4.12 0.00
CA LEU B 760 -19.42 -2.85 0.68
C LEU B 760 -20.68 -2.17 0.11
N ASN B 761 -20.89 -2.31 -1.20
CA ASN B 761 -22.04 -1.71 -1.87
C ASN B 761 -23.30 -2.57 -1.92
N GLY B 762 -23.26 -3.79 -1.37
CA GLY B 762 -24.43 -4.66 -1.38
C GLY B 762 -24.59 -5.57 -2.59
N ASP B 763 -23.94 -5.21 -3.71
CA ASP B 763 -24.05 -5.93 -4.99
C ASP B 763 -23.34 -7.28 -5.02
N ASN B 764 -24.12 -8.34 -5.30
CA ASN B 764 -23.65 -9.75 -5.32
C ASN B 764 -23.29 -10.34 -3.97
N PHE B 765 -22.64 -9.54 -3.14
CA PHE B 765 -22.21 -10.00 -1.84
C PHE B 765 -22.83 -9.08 -0.82
N ARG B 766 -23.48 -9.67 0.19
CA ARG B 766 -24.08 -8.84 1.20
C ARG B 766 -22.94 -8.22 2.01
N THR B 767 -23.23 -7.07 2.60
CA THR B 767 -22.22 -6.34 3.33
C THR B 767 -21.84 -7.09 4.60
N GLN B 768 -22.65 -8.07 4.98
CA GLN B 768 -22.34 -8.91 6.12
C GLN B 768 -21.12 -9.80 5.81
N LYS B 769 -20.78 -9.94 4.53
CA LYS B 769 -19.62 -10.75 4.18
C LYS B 769 -18.35 -9.90 4.10
N LEU B 770 -18.49 -8.58 4.26
CA LEU B 770 -17.37 -7.67 4.00
C LEU B 770 -16.13 -7.91 4.85
N SER B 771 -16.30 -8.23 6.11
CA SER B 771 -15.14 -8.33 6.98
C SER B 771 -14.38 -9.61 6.67
N PHE B 772 -15.14 -10.65 6.32
CA PHE B 772 -14.56 -11.91 5.88
C PHE B 772 -13.73 -11.76 4.61
N ILE B 773 -14.27 -11.00 3.67
CA ILE B 773 -13.59 -10.74 2.40
C ILE B 773 -12.30 -9.93 2.63
N ILE B 774 -12.40 -8.79 3.33
CA ILE B 774 -11.20 -8.00 3.66
C ILE B 774 -10.12 -8.83 4.41
N ARG B 775 -10.55 -9.66 5.36
CA ARG B 775 -9.66 -10.50 6.17
C ARG B 775 -8.86 -11.44 5.30
N THR B 776 -9.57 -12.13 4.39
CA THR B 776 -8.97 -13.10 3.47
C THR B 776 -8.04 -12.42 2.46
N VAL B 777 -8.49 -11.29 1.89
CA VAL B 777 -7.68 -10.57 0.91
C VAL B 777 -6.38 -10.09 1.54
N GLY B 778 -6.46 -9.63 2.77
CA GLY B 778 -5.29 -9.06 3.42
C GLY B 778 -4.27 -10.04 3.98
N ARG B 779 -4.62 -11.32 4.05
CA ARG B 779 -3.75 -12.33 4.65
CA ARG B 779 -3.75 -12.33 4.65
C ARG B 779 -2.59 -12.70 3.71
N HIS B 780 -2.84 -12.69 2.41
CA HIS B 780 -1.81 -13.10 1.45
C HIS B 780 -1.16 -11.94 0.73
N PHE B 781 -0.04 -12.22 0.09
CA PHE B 781 0.77 -11.17 -0.50
C PHE B 781 0.06 -10.23 -1.52
N PRO B 782 -0.68 -10.78 -2.51
CA PRO B 782 -1.23 -9.88 -3.55
C PRO B 782 -2.25 -8.87 -3.03
N GLY B 783 -3.00 -9.22 -2.00
CA GLY B 783 -3.99 -8.26 -1.53
C GLY B 783 -3.58 -7.57 -0.26
N HIS B 784 -2.34 -7.76 0.15
CA HIS B 784 -1.94 -7.29 1.47
C HIS B 784 -2.04 -5.78 1.62
N LEU B 785 -1.34 -5.05 0.77
CA LEU B 785 -1.44 -3.59 0.78
C LEU B 785 -2.82 -3.16 0.33
N LEU B 786 -3.45 -3.96 -0.53
CA LEU B 786 -4.75 -3.60 -1.11
C LEU B 786 -5.86 -3.51 -0.05
N ALA B 787 -5.86 -4.44 0.88
CA ALA B 787 -6.93 -4.46 1.88
C ALA B 787 -6.81 -3.28 2.85
N TRP B 788 -5.59 -2.97 3.26
CA TRP B 788 -5.39 -1.83 4.14
C TRP B 788 -5.78 -0.54 3.41
N ASP B 789 -5.40 -0.42 2.13
CA ASP B 789 -5.82 0.74 1.32
C ASP B 789 -7.35 0.87 1.34
N PHE B 790 -8.04 -0.24 1.14
CA PHE B 790 -9.50 -0.24 1.04
C PHE B 790 -10.12 0.22 2.34
N VAL B 791 -9.69 -0.36 3.44
CA VAL B 791 -10.14 0.10 4.75
C VAL B 791 -9.93 1.59 4.89
N LYS B 792 -8.76 2.08 4.49
CA LYS B 792 -8.46 3.51 4.60
C LYS B 792 -9.37 4.37 3.71
N GLU B 793 -9.51 4.00 2.45
CA GLU B 793 -10.31 4.81 1.53
C GLU B 793 -11.79 4.85 1.89
N ASN B 794 -12.29 3.80 2.50
CA ASN B 794 -13.71 3.72 2.71
C ASN B 794 -14.10 3.84 4.15
N TRP B 795 -13.19 4.40 4.95
CA TRP B 795 -13.30 4.37 6.40
C TRP B 795 -14.61 4.96 6.88
N ASN B 796 -15.00 6.10 6.34
CA ASN B 796 -16.21 6.74 6.86
C ASN B 796 -17.45 5.97 6.50
N LYS B 797 -17.45 5.40 5.29
CA LYS B 797 -18.56 4.57 4.84
C LYS B 797 -18.68 3.35 5.73
N LEU B 798 -17.54 2.72 6.06
CA LEU B 798 -17.52 1.55 6.95
C LEU B 798 -18.10 1.86 8.34
N VAL B 799 -17.67 2.98 8.92
CA VAL B 799 -18.11 3.39 10.25
C VAL B 799 -19.60 3.71 10.24
N GLN B 800 -20.12 4.12 9.09
CA GLN B 800 -21.55 4.30 8.95
C GLN B 800 -22.31 2.97 9.05
N LYS B 801 -21.77 1.92 8.43
CA LYS B 801 -22.42 0.61 8.45
C LYS B 801 -22.17 -0.13 9.76
N PHE B 802 -21.01 0.10 10.36
CA PHE B 802 -20.67 -0.51 11.64
C PHE B 802 -20.06 0.53 12.55
N PRO B 803 -20.78 0.92 13.61
CA PRO B 803 -20.33 1.95 14.56
C PRO B 803 -18.95 1.70 15.16
N LEU B 804 -18.21 2.76 15.48
CA LEU B 804 -17.09 2.63 16.39
C LEU B 804 -17.60 2.18 17.75
N GLY B 805 -16.89 1.31 18.44
CA GLY B 805 -15.92 0.40 17.89
C GLY B 805 -16.60 -0.95 18.11
N SER B 806 -17.49 -1.28 17.19
CA SER B 806 -18.13 -2.57 17.16
C SER B 806 -17.11 -3.65 16.83
N TYR B 807 -17.47 -4.90 17.07
CA TYR B 807 -16.60 -6.00 16.78
C TYR B 807 -16.17 -6.04 15.31
N THR B 808 -17.07 -5.66 14.41
CA THR B 808 -16.81 -5.76 12.98
C THR B 808 -15.66 -4.85 12.56
N ILE B 809 -15.75 -3.60 12.99
CA ILE B 809 -14.66 -2.64 12.81
C ILE B 809 -13.36 -3.10 13.46
N GLN B 810 -13.44 -3.56 14.72
CA GLN B 810 -12.24 -4.09 15.35
C GLN B 810 -11.61 -5.19 14.50
N ASN B 811 -12.46 -6.05 13.95
CA ASN B 811 -12.02 -7.16 13.14
C ASN B 811 -11.37 -6.67 11.84
N ILE B 812 -12.04 -5.75 11.16
CA ILE B 812 -11.50 -5.17 9.93
C ILE B 812 -10.16 -4.47 10.17
N VAL B 813 -10.08 -3.65 11.21
CA VAL B 813 -8.82 -2.95 11.53
C VAL B 813 -7.70 -3.94 11.90
N ALA B 814 -8.02 -4.94 12.71
CA ALA B 814 -7.02 -5.90 13.17
C ALA B 814 -6.49 -6.72 12.02
N GLY B 815 -7.42 -7.13 11.16
CA GLY B 815 -7.11 -8.13 10.17
C GLY B 815 -6.32 -7.54 9.03
N SER B 816 -6.42 -6.22 8.85
CA SER B 816 -5.67 -5.62 7.75
C SER B 816 -4.39 -4.96 8.22
N THR B 817 -4.11 -4.97 9.52
CA THR B 817 -2.86 -4.37 9.96
C THR B 817 -1.91 -5.31 10.70
N TYR B 818 -2.39 -6.49 11.13
CA TYR B 818 -1.62 -7.28 12.09
C TYR B 818 -0.40 -7.92 11.46
N LEU B 819 -0.27 -7.86 10.15
CA LEU B 819 0.92 -8.41 9.52
C LEU B 819 1.95 -7.34 9.14
N PHE B 820 1.77 -6.10 9.60
CA PHE B 820 2.78 -5.07 9.34
C PHE B 820 3.95 -5.18 10.32
N SER B 821 5.18 -5.21 9.83
CA SER B 821 6.32 -5.32 10.74
C SER B 821 7.45 -4.31 10.60
N THR B 822 7.15 -3.09 10.16
CA THR B 822 8.17 -2.05 10.01
C THR B 822 7.73 -0.80 10.74
N LYS B 823 8.70 -0.03 11.22
CA LYS B 823 8.43 1.26 11.85
C LYS B 823 7.70 2.18 10.87
N THR B 824 8.00 2.00 9.59
CA THR B 824 7.36 2.72 8.52
C THR B 824 5.84 2.50 8.56
N HIS B 825 5.42 1.25 8.59
CA HIS B 825 3.98 0.95 8.69
C HIS B 825 3.41 1.45 10.04
N LEU B 826 4.18 1.32 11.11
CA LEU B 826 3.70 1.79 12.40
C LEU B 826 3.35 3.29 12.35
N SER B 827 4.20 4.08 11.70
CA SER B 827 3.94 5.53 11.58
C SER B 827 2.78 5.86 10.65
N GLU B 828 2.65 5.09 9.58
CA GLU B 828 1.54 5.22 8.66
C GLU B 828 0.19 5.02 9.37
N VAL B 829 0.02 3.85 9.99
CA VAL B 829 -1.20 3.55 10.73
C VAL B 829 -1.48 4.56 11.86
N GLN B 830 -0.48 4.92 12.64
CA GLN B 830 -0.60 6.01 13.61
CA GLN B 830 -0.68 5.98 13.62
C GLN B 830 -1.18 7.26 12.94
N ALA B 831 -0.52 7.67 11.86
CA ALA B 831 -0.90 8.88 11.15
C ALA B 831 -2.31 8.80 10.57
N PHE B 832 -2.72 7.63 10.08
CA PHE B 832 -4.07 7.56 9.50
C PHE B 832 -5.15 7.75 10.55
N PHE B 833 -4.97 7.18 11.74
CA PHE B 833 -5.98 7.29 12.75
C PHE B 833 -5.89 8.59 13.55
N GLU B 834 -4.75 9.26 13.51
CA GLU B 834 -4.70 10.59 14.13
C GLU B 834 -5.39 11.66 13.28
N ASN B 835 -5.58 11.41 11.99
CA ASN B 835 -6.36 12.33 11.14
C ASN B 835 -7.85 12.05 11.18
N GLN B 836 -8.27 10.97 11.81
CA GLN B 836 -9.69 10.71 11.85
C GLN B 836 -10.32 11.62 12.90
N SER B 837 -9.67 11.68 14.04
CA SER B 837 -10.08 12.44 15.19
C SER B 837 -9.17 11.85 16.24
N GLU B 838 -9.28 12.22 17.50
CA GLU B 838 -8.49 11.48 18.46
C GLU B 838 -9.44 10.53 19.19
N ALA B 839 -10.71 10.95 19.29
CA ALA B 839 -11.74 10.06 19.83
C ALA B 839 -11.72 8.71 19.12
N THR B 840 -11.23 8.71 17.88
CA THR B 840 -10.97 7.48 17.16
C THR B 840 -9.59 6.94 17.48
N PHE B 841 -8.57 7.79 17.40
CA PHE B 841 -7.20 7.39 17.70
C PHE B 841 -7.04 6.76 19.10
N ARG B 842 -7.92 7.13 20.03
CA ARG B 842 -7.81 6.66 21.41
C ARG B 842 -8.62 5.40 21.72
N LEU B 843 -9.26 4.82 20.71
CA LEU B 843 -10.03 3.58 20.90
C LEU B 843 -9.13 2.40 21.25
N ARG B 844 -9.69 1.38 21.88
CA ARG B 844 -8.91 0.19 22.19
CA ARG B 844 -8.92 0.18 22.18
C ARG B 844 -8.42 -0.46 20.89
N CYS B 845 -9.31 -0.55 19.91
CA CYS B 845 -9.04 -1.12 18.57
C CYS B 845 -7.74 -0.57 17.99
N VAL B 846 -7.64 0.75 17.94
CA VAL B 846 -6.50 1.39 17.30
C VAL B 846 -5.25 1.17 18.14
N GLN B 847 -5.39 1.38 19.45
CA GLN B 847 -4.24 1.20 20.32
C GLN B 847 -3.69 -0.24 20.28
N GLU B 848 -4.58 -1.22 20.24
CA GLU B 848 -4.16 -2.61 20.13
C GLU B 848 -3.45 -2.86 18.81
N ALA B 849 -4.01 -2.32 17.73
CA ALA B 849 -3.42 -2.51 16.42
C ALA B 849 -2.00 -1.90 16.37
N LEU B 850 -1.82 -0.74 17.00
CA LEU B 850 -0.49 -0.11 17.05
C LEU B 850 0.47 -0.96 17.88
N GLU B 851 0.02 -1.45 19.02
CA GLU B 851 0.93 -2.21 19.84
C GLU B 851 1.30 -3.53 19.15
N VAL B 852 0.35 -4.12 18.41
CA VAL B 852 0.64 -5.38 17.72
C VAL B 852 1.76 -5.17 16.68
N ILE B 853 1.69 -4.08 15.94
CA ILE B 853 2.75 -3.78 14.99
C ILE B 853 4.08 -3.59 15.72
N GLN B 854 4.07 -2.89 16.85
CA GLN B 854 5.32 -2.66 17.58
CA GLN B 854 5.28 -2.66 17.63
C GLN B 854 5.91 -3.98 18.02
N LEU B 855 5.07 -4.96 18.35
CA LEU B 855 5.56 -6.27 18.72
C LEU B 855 6.12 -7.05 17.54
N ASN B 856 5.48 -6.93 16.37
CA ASN B 856 6.03 -7.49 15.14
C ASN B 856 7.43 -6.95 14.85
N ILE B 857 7.59 -5.64 15.01
CA ILE B 857 8.88 -5.03 14.84
C ILE B 857 9.90 -5.64 15.84
N GLN B 858 9.53 -5.78 17.11
CA GLN B 858 10.49 -6.33 18.08
C GLN B 858 10.84 -7.78 17.79
N TRP B 859 9.84 -8.57 17.42
CA TRP B 859 10.02 -10.00 17.11
C TRP B 859 11.10 -10.19 16.06
N MET B 860 11.05 -9.39 15.01
CA MET B 860 12.03 -9.47 13.95
C MET B 860 13.43 -9.02 14.39
N GLU B 861 13.54 -8.03 15.28
CA GLU B 861 14.86 -7.60 15.78
C GLU B 861 15.48 -8.75 16.54
N LYS B 862 14.63 -9.42 17.30
CA LYS B 862 15.05 -10.45 18.26
C LYS B 862 15.32 -11.79 17.59
N ASN B 863 14.46 -12.18 16.66
CA ASN B 863 14.50 -13.55 16.15
C ASN B 863 14.86 -13.76 14.68
N LEU B 864 15.02 -12.69 13.92
CA LEU B 864 15.17 -12.87 12.47
C LEU B 864 16.47 -13.59 12.14
N LYS B 865 17.54 -13.25 12.85
CA LYS B 865 18.82 -13.77 12.43
C LYS B 865 19.06 -15.17 12.97
N SER B 866 18.47 -15.51 14.12
CA SER B 866 18.61 -16.88 14.60
C SER B 866 17.71 -17.78 13.76
N LEU B 867 16.62 -17.21 13.26
CA LEU B 867 15.72 -17.91 12.36
C LEU B 867 16.39 -18.14 11.00
N THR B 868 17.13 -17.14 10.53
CA THR B 868 17.86 -17.24 9.28
C THR B 868 18.94 -18.31 9.41
N TRP B 869 19.55 -18.38 10.58
CA TRP B 869 20.56 -19.40 10.87
C TRP B 869 19.96 -20.81 10.85
N TRP B 870 18.98 -21.05 11.71
CA TRP B 870 18.33 -22.35 11.84
C TRP B 870 17.78 -22.92 10.54
N LEU B 871 17.63 -22.07 9.53
CA LEU B 871 17.06 -22.50 8.25
C LEU B 871 18.11 -22.53 7.16
N ARG B 872 19.37 -22.29 7.55
CA ARG B 872 20.47 -22.13 6.59
C ARG B 872 20.78 -23.34 5.70
N THR B 873 20.39 -24.55 6.09
CA THR B 873 20.62 -25.73 5.27
C THR B 873 19.39 -26.08 4.44
N GLU B 874 18.23 -25.55 4.84
CA GLU B 874 16.97 -25.91 4.20
C GLU B 874 16.91 -25.40 2.75
N THR B 875 15.98 -25.96 1.98
CA THR B 875 15.91 -25.73 0.56
C THR B 875 14.64 -24.91 0.20
N SER B 876 14.84 -23.90 -0.66
CA SER B 876 13.81 -22.88 -0.90
C SER B 876 13.04 -23.13 -2.22
N GLN B 877 11.72 -23.01 -2.18
CA GLN B 877 10.87 -23.23 -3.35
C GLN B 877 10.86 -22.00 -4.26
N VAL B 878 11.19 -20.85 -3.69
CA VAL B 878 11.21 -19.60 -4.47
C VAL B 878 12.65 -19.14 -4.71
N ALA B 879 12.90 -18.60 -5.90
CA ALA B 879 14.20 -18.05 -6.25
C ALA B 879 14.47 -16.78 -5.44
N PRO B 880 15.72 -16.60 -4.97
CA PRO B 880 15.98 -15.45 -4.09
C PRO B 880 16.23 -14.15 -4.87
N ALA B 881 15.90 -13.02 -4.24
CA ALA B 881 16.09 -11.68 -4.80
C ALA B 881 17.26 -10.96 -4.13
#